data_4DZN
# 
_entry.id   4DZN 
# 
_audit_conform.dict_name       mmcif_pdbx.dic 
_audit_conform.dict_version    5.403 
_audit_conform.dict_location   http://mmcif.pdb.org/dictionaries/ascii/mmcif_pdbx.dic 
# 
loop_
_database_2.database_id 
_database_2.database_code 
_database_2.pdbx_database_accession 
_database_2.pdbx_DOI 
PDB   4DZN         pdb_00004dzn 10.2210/pdb4dzn/pdb 
RCSB  RCSB070983   ?            ?                   
WWPDB D_1000070983 ?            ?                   
# 
loop_
_pdbx_audit_revision_history.ordinal 
_pdbx_audit_revision_history.data_content_type 
_pdbx_audit_revision_history.major_revision 
_pdbx_audit_revision_history.minor_revision 
_pdbx_audit_revision_history.revision_date 
_pdbx_audit_revision_history.part_number 
1 'Structure model' 1 0 2012-08-29 ? 
2 'Structure model' 1 1 2013-06-19 ? 
3 'Structure model' 1 2 2017-11-15 ? 
4 'Structure model' 1 3 2025-03-26 ? 
# 
_pdbx_audit_revision_details.ordinal             1 
_pdbx_audit_revision_details.revision_ordinal    1 
_pdbx_audit_revision_details.data_content_type   'Structure model' 
_pdbx_audit_revision_details.provider            repository 
_pdbx_audit_revision_details.type                'Initial release' 
_pdbx_audit_revision_details.description         ? 
_pdbx_audit_revision_details.details             ? 
# 
loop_
_pdbx_audit_revision_group.ordinal 
_pdbx_audit_revision_group.revision_ordinal 
_pdbx_audit_revision_group.data_content_type 
_pdbx_audit_revision_group.group 
1 2 'Structure model' 'Database references'    
2 3 'Structure model' Advisory                 
3 3 'Structure model' 'Refinement description' 
4 3 'Structure model' 'Source and taxonomy'    
5 4 'Structure model' Advisory                 
6 4 'Structure model' 'Data collection'        
7 4 'Structure model' 'Database references'    
8 4 'Structure model' 'Derived calculations'   
9 4 'Structure model' 'Structure summary'      
# 
loop_
_pdbx_audit_revision_category.ordinal 
_pdbx_audit_revision_category.revision_ordinal 
_pdbx_audit_revision_category.data_content_type 
_pdbx_audit_revision_category.category 
1  3 'Structure model' pdbx_entity_src_syn          
2  3 'Structure model' pdbx_unobs_or_zero_occ_atoms 
3  3 'Structure model' software                     
4  4 'Structure model' chem_comp_atom               
5  4 'Structure model' chem_comp_bond               
6  4 'Structure model' database_2                   
7  4 'Structure model' pdbx_entry_details           
8  4 'Structure model' pdbx_modification_feature    
9  4 'Structure model' pdbx_unobs_or_zero_occ_atoms 
10 4 'Structure model' struct_conn                  
# 
loop_
_pdbx_audit_revision_item.ordinal 
_pdbx_audit_revision_item.revision_ordinal 
_pdbx_audit_revision_item.data_content_type 
_pdbx_audit_revision_item.item 
1 3 'Structure model' '_pdbx_entity_src_syn.ncbi_taxonomy_id'    
2 3 'Structure model' '_pdbx_entity_src_syn.organism_scientific' 
3 4 'Structure model' '_database_2.pdbx_DOI'                     
4 4 'Structure model' '_database_2.pdbx_database_accession'      
5 4 'Structure model' '_struct_conn.pdbx_leaving_atom_flag'      
# 
_pdbx_database_status.status_code                     REL 
_pdbx_database_status.entry_id                        4DZN 
_pdbx_database_status.recvd_initial_deposition_date   2012-03-01 
_pdbx_database_status.deposit_site                    RCSB 
_pdbx_database_status.process_site                    RCSB 
_pdbx_database_status.status_code_sf                  REL 
_pdbx_database_status.status_code_mr                  ? 
_pdbx_database_status.SG_entry                        ? 
_pdbx_database_status.status_code_cs                  ? 
_pdbx_database_status.methods_development_category    ? 
_pdbx_database_status.pdb_format_compatible           Y 
_pdbx_database_status.status_code_nmr_data            ? 
# 
loop_
_pdbx_database_related.db_name 
_pdbx_database_related.db_id 
_pdbx_database_related.details 
_pdbx_database_related.content_type 
PDB 4DZK . unspecified 
PDB 4DZL . unspecified 
PDB 4DZM . unspecified 
# 
loop_
_audit_author.name 
_audit_author.pdbx_ordinal 
'Bruning, M.'    1 
'Thomson, A.R.'  2 
'Zaccai, N.R.'   3 
'Brady, R.L.'    4 
'Woolfson, D.N.' 5 
# 
_citation.id                        primary 
_citation.title                     
'A basis set of de novo coiled-coil Peptide oligomers for rational protein design and synthetic biology.' 
_citation.journal_abbrev            'ACS Synth Biol' 
_citation.journal_volume            1 
_citation.page_first                240 
_citation.page_last                 250 
_citation.year                      2012 
_citation.journal_id_ASTM           ? 
_citation.country                   US 
_citation.journal_id_ISSN           2161-5063 
_citation.journal_id_CSD            ? 
_citation.book_publisher            ? 
_citation.pdbx_database_id_PubMed   23651206 
_citation.pdbx_database_id_DOI      10.1021/sb300028q 
# 
loop_
_citation_author.citation_id 
_citation_author.name 
_citation_author.ordinal 
_citation_author.identifier_ORCID 
primary 'Fletcher, J.M.'  1  ? 
primary 'Boyle, A.L.'     2  ? 
primary 'Bruning, M.'     3  ? 
primary 'Bartlett, G.J.'  4  ? 
primary 'Vincent, T.L.'   5  ? 
primary 'Zaccai, N.R.'    6  ? 
primary 'Armstrong, C.T.' 7  ? 
primary 'Bromley, E.H.'   8  ? 
primary 'Booth, P.J.'     9  ? 
primary 'Brady, R.L.'     10 ? 
primary 'Thomson, A.R.'   11 ? 
primary 'Woolfson, D.N.'  12 ? 
# 
loop_
_entity.id 
_entity.type 
_entity.src_method 
_entity.pdbx_description 
_entity.formula_weight 
_entity.pdbx_number_of_molecules 
_entity.pdbx_ec 
_entity.pdbx_mutation 
_entity.pdbx_fragment 
_entity.details 
1 polymer syn 'COILED-COIL PEPTIDE CC-PIL' 3650.072 3  ? ? ? ? 
2 water   nat water                        18.015   78 ? ? ? ? 
# 
_entity_poly.entity_id                      1 
_entity_poly.type                           'polypeptide(L)' 
_entity_poly.nstd_linkage                   no 
_entity_poly.nstd_monomer                   yes 
_entity_poly.pdbx_seq_one_letter_code       '(ACE)GEIAALKQEIAALKKEIAALK(PHI)EIAALKQGYY' 
_entity_poly.pdbx_seq_one_letter_code_can   XGEIAALKQEIAALKKEIAALKFEIAALKQGYY 
_entity_poly.pdbx_strand_id                 A,B,C 
_entity_poly.pdbx_target_identifier         ? 
# 
_pdbx_entity_nonpoly.entity_id   2 
_pdbx_entity_nonpoly.name        water 
_pdbx_entity_nonpoly.comp_id     HOH 
# 
loop_
_entity_poly_seq.entity_id 
_entity_poly_seq.num 
_entity_poly_seq.mon_id 
_entity_poly_seq.hetero 
1 1  ACE n 
1 2  GLY n 
1 3  GLU n 
1 4  ILE n 
1 5  ALA n 
1 6  ALA n 
1 7  LEU n 
1 8  LYS n 
1 9  GLN n 
1 10 GLU n 
1 11 ILE n 
1 12 ALA n 
1 13 ALA n 
1 14 LEU n 
1 15 LYS n 
1 16 LYS n 
1 17 GLU n 
1 18 ILE n 
1 19 ALA n 
1 20 ALA n 
1 21 LEU n 
1 22 LYS n 
1 23 PHI n 
1 24 GLU n 
1 25 ILE n 
1 26 ALA n 
1 27 ALA n 
1 28 LEU n 
1 29 LYS n 
1 30 GLN n 
1 31 GLY n 
1 32 TYR n 
1 33 TYR n 
# 
_pdbx_entity_src_syn.entity_id              1 
_pdbx_entity_src_syn.pdbx_src_id            1 
_pdbx_entity_src_syn.pdbx_alt_source_flag   sample 
_pdbx_entity_src_syn.pdbx_beg_seq_num       ? 
_pdbx_entity_src_syn.pdbx_end_seq_num       ? 
_pdbx_entity_src_syn.organism_scientific    'synthetic construct' 
_pdbx_entity_src_syn.organism_common_name   ? 
_pdbx_entity_src_syn.ncbi_taxonomy_id       32630 
_pdbx_entity_src_syn.details                'Solid state peptide synthesis' 
# 
loop_
_chem_comp.id 
_chem_comp.type 
_chem_comp.mon_nstd_flag 
_chem_comp.name 
_chem_comp.pdbx_synonyms 
_chem_comp.formula 
_chem_comp.formula_weight 
ACE non-polymer         . 'ACETYL GROUP'     ? 'C2 H4 O'        44.053  
ALA 'L-peptide linking' y ALANINE            ? 'C3 H7 N O2'     89.093  
GLN 'L-peptide linking' y GLUTAMINE          ? 'C5 H10 N2 O3'   146.144 
GLU 'L-peptide linking' y 'GLUTAMIC ACID'    ? 'C5 H9 N O4'     147.129 
GLY 'peptide linking'   y GLYCINE            ? 'C2 H5 N O2'     75.067  
HOH non-polymer         . WATER              ? 'H2 O'           18.015  
ILE 'L-peptide linking' y ISOLEUCINE         ? 'C6 H13 N O2'    131.173 
LEU 'L-peptide linking' y LEUCINE            ? 'C6 H13 N O2'    131.173 
LYS 'L-peptide linking' y LYSINE             ? 'C6 H15 N2 O2 1' 147.195 
PHI 'L-peptide linking' n IODO-PHENYLALANINE ? 'C9 H10 I N O2'  291.086 
TYR 'L-peptide linking' y TYROSINE           ? 'C9 H11 N O3'    181.189 
# 
loop_
_pdbx_poly_seq_scheme.asym_id 
_pdbx_poly_seq_scheme.entity_id 
_pdbx_poly_seq_scheme.seq_id 
_pdbx_poly_seq_scheme.mon_id 
_pdbx_poly_seq_scheme.ndb_seq_num 
_pdbx_poly_seq_scheme.pdb_seq_num 
_pdbx_poly_seq_scheme.auth_seq_num 
_pdbx_poly_seq_scheme.pdb_mon_id 
_pdbx_poly_seq_scheme.auth_mon_id 
_pdbx_poly_seq_scheme.pdb_strand_id 
_pdbx_poly_seq_scheme.pdb_ins_code 
_pdbx_poly_seq_scheme.hetero 
A 1 1  ACE 1  0  0  ACE ACE A . n 
A 1 2  GLY 2  1  1  GLY GLY A . n 
A 1 3  GLU 3  2  2  GLU GLU A . n 
A 1 4  ILE 4  3  3  ILE ILE A . n 
A 1 5  ALA 5  4  4  ALA ALA A . n 
A 1 6  ALA 6  5  5  ALA ALA A . n 
A 1 7  LEU 7  6  6  LEU LEU A . n 
A 1 8  LYS 8  7  7  LYS LYS A . n 
A 1 9  GLN 9  8  8  GLN GLN A . n 
A 1 10 GLU 10 9  9  GLU GLU A . n 
A 1 11 ILE 11 10 10 ILE ILE A . n 
A 1 12 ALA 12 11 11 ALA ALA A . n 
A 1 13 ALA 13 12 12 ALA ALA A . n 
A 1 14 LEU 14 13 13 LEU LEU A . n 
A 1 15 LYS 15 14 14 LYS LYS A . n 
A 1 16 LYS 16 15 15 LYS LYS A . n 
A 1 17 GLU 17 16 16 GLU GLU A . n 
A 1 18 ILE 18 17 17 ILE ILE A . n 
A 1 19 ALA 19 18 18 ALA ALA A . n 
A 1 20 ALA 20 19 19 ALA ALA A . n 
A 1 21 LEU 21 20 20 LEU LEU A . n 
A 1 22 LYS 22 21 21 LYS LYS A . n 
A 1 23 PHI 23 22 22 PHI PHI A . n 
A 1 24 GLU 24 23 23 GLU GLU A . n 
A 1 25 ILE 25 24 24 ILE ILE A . n 
A 1 26 ALA 26 25 25 ALA ALA A . n 
A 1 27 ALA 27 26 26 ALA ALA A . n 
A 1 28 LEU 28 27 27 LEU LEU A . n 
A 1 29 LYS 29 28 28 LYS LYS A . n 
A 1 30 GLN 30 29 29 GLN GLN A . n 
A 1 31 GLY 31 30 30 GLY GLY A . n 
A 1 32 TYR 32 31 31 TYR TYR A . n 
A 1 33 TYR 33 32 32 TYR TYR A . n 
B 1 1  ACE 1  0  0  ACE ACE B . n 
B 1 2  GLY 2  1  1  GLY GLY B . n 
B 1 3  GLU 3  2  2  GLU GLU B . n 
B 1 4  ILE 4  3  3  ILE ILE B . n 
B 1 5  ALA 5  4  4  ALA ALA B . n 
B 1 6  ALA 6  5  5  ALA ALA B . n 
B 1 7  LEU 7  6  6  LEU LEU B . n 
B 1 8  LYS 8  7  7  LYS LYS B . n 
B 1 9  GLN 9  8  8  GLN GLN B . n 
B 1 10 GLU 10 9  9  GLU GLU B . n 
B 1 11 ILE 11 10 10 ILE ILE B . n 
B 1 12 ALA 12 11 11 ALA ALA B . n 
B 1 13 ALA 13 12 12 ALA ALA B . n 
B 1 14 LEU 14 13 13 LEU LEU B . n 
B 1 15 LYS 15 14 14 LYS LYS B . n 
B 1 16 LYS 16 15 15 LYS LYS B . n 
B 1 17 GLU 17 16 16 GLU GLU B . n 
B 1 18 ILE 18 17 17 ILE ILE B . n 
B 1 19 ALA 19 18 18 ALA ALA B . n 
B 1 20 ALA 20 19 19 ALA ALA B . n 
B 1 21 LEU 21 20 20 LEU LEU B . n 
B 1 22 LYS 22 21 21 LYS LYS B . n 
B 1 23 PHI 23 22 22 PHI PHI B . n 
B 1 24 GLU 24 23 23 GLU GLU B . n 
B 1 25 ILE 25 24 24 ILE ILE B . n 
B 1 26 ALA 26 25 25 ALA ALA B . n 
B 1 27 ALA 27 26 26 ALA ALA B . n 
B 1 28 LEU 28 27 27 LEU LEU B . n 
B 1 29 LYS 29 28 28 LYS LYS B . n 
B 1 30 GLN 30 29 29 GLN GLN B . n 
B 1 31 GLY 31 30 30 GLY GLY B . n 
B 1 32 TYR 32 31 31 TYR TYR B . n 
B 1 33 TYR 33 32 32 TYR TYR B . n 
C 1 1  ACE 1  0  0  ACE ACE C . n 
C 1 2  GLY 2  1  1  GLY GLY C . n 
C 1 3  GLU 3  2  2  GLU GLU C . n 
C 1 4  ILE 4  3  3  ILE ILE C . n 
C 1 5  ALA 5  4  4  ALA ALA C . n 
C 1 6  ALA 6  5  5  ALA ALA C . n 
C 1 7  LEU 7  6  6  LEU LEU C . n 
C 1 8  LYS 8  7  7  LYS LYS C . n 
C 1 9  GLN 9  8  8  GLN GLN C . n 
C 1 10 GLU 10 9  9  GLU GLU C . n 
C 1 11 ILE 11 10 10 ILE ILE C . n 
C 1 12 ALA 12 11 11 ALA ALA C . n 
C 1 13 ALA 13 12 12 ALA ALA C . n 
C 1 14 LEU 14 13 13 LEU LEU C . n 
C 1 15 LYS 15 14 14 LYS LYS C . n 
C 1 16 LYS 16 15 15 LYS LYS C . n 
C 1 17 GLU 17 16 16 GLU GLU C . n 
C 1 18 ILE 18 17 17 ILE ILE C . n 
C 1 19 ALA 19 18 18 ALA ALA C . n 
C 1 20 ALA 20 19 19 ALA ALA C . n 
C 1 21 LEU 21 20 20 LEU LEU C . n 
C 1 22 LYS 22 21 21 LYS LYS C . n 
C 1 23 PHI 23 22 22 PHI PHI C . n 
C 1 24 GLU 24 23 23 GLU GLU C . n 
C 1 25 ILE 25 24 24 ILE ILE C . n 
C 1 26 ALA 26 25 25 ALA ALA C . n 
C 1 27 ALA 27 26 26 ALA ALA C . n 
C 1 28 LEU 28 27 27 LEU LEU C . n 
C 1 29 LYS 29 28 28 LYS LYS C . n 
C 1 30 GLN 30 29 29 GLN GLN C . n 
C 1 31 GLY 31 30 30 GLY GLY C . n 
C 1 32 TYR 32 31 31 TYR TYR C . n 
C 1 33 TYR 33 32 32 TYR TYR C . n 
# 
loop_
_pdbx_nonpoly_scheme.asym_id 
_pdbx_nonpoly_scheme.entity_id 
_pdbx_nonpoly_scheme.mon_id 
_pdbx_nonpoly_scheme.ndb_seq_num 
_pdbx_nonpoly_scheme.pdb_seq_num 
_pdbx_nonpoly_scheme.auth_seq_num 
_pdbx_nonpoly_scheme.pdb_mon_id 
_pdbx_nonpoly_scheme.auth_mon_id 
_pdbx_nonpoly_scheme.pdb_strand_id 
_pdbx_nonpoly_scheme.pdb_ins_code 
D 2 HOH 1  101 1  HOH HOH A . 
D 2 HOH 2  102 4  HOH HOH A . 
D 2 HOH 3  103 5  HOH HOH A . 
D 2 HOH 4  104 6  HOH HOH A . 
D 2 HOH 5  105 9  HOH HOH A . 
D 2 HOH 6  106 12 HOH HOH A . 
D 2 HOH 7  107 14 HOH HOH A . 
D 2 HOH 8  108 16 HOH HOH A . 
D 2 HOH 9  109 17 HOH HOH A . 
D 2 HOH 10 110 19 HOH HOH A . 
D 2 HOH 11 111 22 HOH HOH A . 
D 2 HOH 12 112 24 HOH HOH A . 
D 2 HOH 13 113 31 HOH HOH A . 
D 2 HOH 14 114 34 HOH HOH A . 
D 2 HOH 15 115 36 HOH HOH A . 
D 2 HOH 16 116 37 HOH HOH A . 
D 2 HOH 17 117 40 HOH HOH A . 
D 2 HOH 18 118 45 HOH HOH A . 
D 2 HOH 19 119 52 HOH HOH A . 
D 2 HOH 20 120 56 HOH HOH A . 
D 2 HOH 21 121 59 HOH HOH A . 
D 2 HOH 22 122 63 HOH HOH A . 
D 2 HOH 23 123 69 HOH HOH A . 
D 2 HOH 24 124 71 HOH HOH A . 
D 2 HOH 25 125 72 HOH HOH A . 
D 2 HOH 26 126 76 HOH HOH A . 
D 2 HOH 27 127 79 HOH HOH A . 
D 2 HOH 28 128 81 HOH HOH A . 
D 2 HOH 29 129 82 HOH HOH A . 
D 2 HOH 30 130 83 HOH HOH A . 
D 2 HOH 31 131 84 HOH HOH A . 
D 2 HOH 32 132 85 HOH HOH A . 
E 2 HOH 1  101 3  HOH HOH B . 
E 2 HOH 2  102 10 HOH HOH B . 
E 2 HOH 3  103 13 HOH HOH B . 
E 2 HOH 4  104 15 HOH HOH B . 
E 2 HOH 5  105 18 HOH HOH B . 
E 2 HOH 6  106 30 HOH HOH B . 
E 2 HOH 7  107 33 HOH HOH B . 
E 2 HOH 8  108 35 HOH HOH B . 
E 2 HOH 9  109 39 HOH HOH B . 
E 2 HOH 10 110 50 HOH HOH B . 
E 2 HOH 11 111 53 HOH HOH B . 
E 2 HOH 12 112 54 HOH HOH B . 
E 2 HOH 13 113 57 HOH HOH B . 
E 2 HOH 14 114 61 HOH HOH B . 
E 2 HOH 15 115 74 HOH HOH B . 
E 2 HOH 16 116 88 HOH HOH B . 
E 2 HOH 17 117 89 HOH HOH B . 
F 2 HOH 1  101 2  HOH HOH C . 
F 2 HOH 2  102 7  HOH HOH C . 
F 2 HOH 3  103 8  HOH HOH C . 
F 2 HOH 4  104 11 HOH HOH C . 
F 2 HOH 5  105 20 HOH HOH C . 
F 2 HOH 6  106 21 HOH HOH C . 
F 2 HOH 7  107 25 HOH HOH C . 
F 2 HOH 8  108 26 HOH HOH C . 
F 2 HOH 9  109 27 HOH HOH C . 
F 2 HOH 10 110 28 HOH HOH C . 
F 2 HOH 11 111 29 HOH HOH C . 
F 2 HOH 12 112 32 HOH HOH C . 
F 2 HOH 13 113 38 HOH HOH C . 
F 2 HOH 14 114 41 HOH HOH C . 
F 2 HOH 15 115 42 HOH HOH C . 
F 2 HOH 16 116 47 HOH HOH C . 
F 2 HOH 17 117 64 HOH HOH C . 
F 2 HOH 18 118 66 HOH HOH C . 
F 2 HOH 19 119 67 HOH HOH C . 
F 2 HOH 20 120 70 HOH HOH C . 
F 2 HOH 21 121 73 HOH HOH C . 
F 2 HOH 22 122 75 HOH HOH C . 
F 2 HOH 23 123 77 HOH HOH C . 
F 2 HOH 24 124 78 HOH HOH C . 
F 2 HOH 25 125 80 HOH HOH C . 
F 2 HOH 26 126 86 HOH HOH C . 
F 2 HOH 27 127 87 HOH HOH C . 
F 2 HOH 28 128 90 HOH HOH C . 
F 2 HOH 29 129 91 HOH HOH C . 
# 
loop_
_pdbx_unobs_or_zero_occ_atoms.id 
_pdbx_unobs_or_zero_occ_atoms.PDB_model_num 
_pdbx_unobs_or_zero_occ_atoms.polymer_flag 
_pdbx_unobs_or_zero_occ_atoms.occupancy_flag 
_pdbx_unobs_or_zero_occ_atoms.auth_asym_id 
_pdbx_unobs_or_zero_occ_atoms.auth_comp_id 
_pdbx_unobs_or_zero_occ_atoms.auth_seq_id 
_pdbx_unobs_or_zero_occ_atoms.PDB_ins_code 
_pdbx_unobs_or_zero_occ_atoms.auth_atom_id 
_pdbx_unobs_or_zero_occ_atoms.label_alt_id 
_pdbx_unobs_or_zero_occ_atoms.label_asym_id 
_pdbx_unobs_or_zero_occ_atoms.label_comp_id 
_pdbx_unobs_or_zero_occ_atoms.label_seq_id 
_pdbx_unobs_or_zero_occ_atoms.label_atom_id 
1 1 Y 0 A GLN 8 ? CG  ? A GLN 9 CG  
2 1 Y 0 A GLN 8 ? CD  ? A GLN 9 CD  
3 1 Y 0 A GLN 8 ? OE1 ? A GLN 9 OE1 
4 1 Y 0 A GLN 8 ? NE2 ? A GLN 9 NE2 
5 1 Y 0 C LEU 6 ? CG  ? C LEU 7 CG  
6 1 Y 0 C LEU 6 ? CD1 ? C LEU 7 CD1 
7 1 Y 0 C LEU 6 ? CD2 ? C LEU 7 CD2 
# 
loop_
_software.name 
_software.classification 
_software.version 
_software.citation_id 
_software.pdbx_ordinal 
ACORN  phasing          .        ? 1 
PHASER phasing          .        ? 2 
REFMAC refinement       5.5.0109 ? 3 
MOSFLM 'data reduction' .        ? 4 
SCALA  'data scaling'   .        ? 5 
# 
_cell.entry_id           4DZN 
_cell.length_a           24.723 
_cell.length_b           40.943 
_cell.length_c           87.430 
_cell.angle_alpha        90.00 
_cell.angle_beta         90.00 
_cell.angle_gamma        90.00 
_cell.Z_PDB              12 
_cell.pdbx_unique_axis   ? 
_cell.length_a_esd       ? 
_cell.length_b_esd       ? 
_cell.length_c_esd       ? 
_cell.angle_alpha_esd    ? 
_cell.angle_beta_esd     ? 
_cell.angle_gamma_esd    ? 
# 
_symmetry.entry_id                         4DZN 
_symmetry.space_group_name_H-M             'P 21 21 21' 
_symmetry.pdbx_full_space_group_name_H-M   ? 
_symmetry.cell_setting                     ? 
_symmetry.Int_Tables_number                19 
_symmetry.space_group_name_Hall            ? 
# 
_exptl.entry_id          4DZN 
_exptl.method            'X-RAY DIFFRACTION' 
_exptl.crystals_number   1 
# 
_exptl_crystal.id                    1 
_exptl_crystal.density_meas          ? 
_exptl_crystal.density_Matthews      2.02 
_exptl_crystal.density_percent_sol   39.12 
_exptl_crystal.description           ? 
_exptl_crystal.F_000                 ? 
_exptl_crystal.preparation           ? 
# 
_exptl_crystal_grow.crystal_id      1 
_exptl_crystal_grow.method          'VAPOR DIFFUSION, SITTING DROP' 
_exptl_crystal_grow.temp            291 
_exptl_crystal_grow.temp_details    ? 
_exptl_crystal_grow.pH              8.5 
_exptl_crystal_grow.pdbx_details    
'0.2 M NH4H2PO4, 0.1 M Tris, 50% v/v MPD, pH 8.5, VAPOR DIFFUSION, SITTING DROP, temperature 291K' 
_exptl_crystal_grow.pdbx_pH_range   ? 
# 
_diffrn.id                     1 
_diffrn.ambient_temp           100 
_diffrn.ambient_temp_details   ? 
_diffrn.crystal_id             1 
# 
_diffrn_detector.diffrn_id              1 
_diffrn_detector.detector               CCD 
_diffrn_detector.type                   'ADSC QUANTUM 315' 
_diffrn_detector.pdbx_collection_date   2010-10-10 
_diffrn_detector.details                ? 
# 
_diffrn_radiation.diffrn_id                        1 
_diffrn_radiation.wavelength_id                    1 
_diffrn_radiation.pdbx_monochromatic_or_laue_m_l   M 
_diffrn_radiation.monochromator                    ? 
_diffrn_radiation.pdbx_diffrn_protocol             'SINGLE WAVELENGTH' 
_diffrn_radiation.pdbx_scattering_type             x-ray 
# 
_diffrn_radiation_wavelength.id           1 
_diffrn_radiation_wavelength.wavelength   1.7 
_diffrn_radiation_wavelength.wt           1.0 
# 
_diffrn_source.diffrn_id                   1 
_diffrn_source.source                      SYNCHROTRON 
_diffrn_source.type                        'DIAMOND BEAMLINE I04' 
_diffrn_source.pdbx_synchrotron_site       Diamond 
_diffrn_source.pdbx_synchrotron_beamline   I04 
_diffrn_source.pdbx_wavelength             ? 
_diffrn_source.pdbx_wavelength_list        1.7 
# 
_reflns.entry_id                     4DZN 
_reflns.observed_criterion_sigma_I   4.6 
_reflns.observed_criterion_sigma_F   ? 
_reflns.d_resolution_low             43.72 
_reflns.d_resolution_high            1.59 
_reflns.number_obs                   11991 
_reflns.number_all                   ? 
_reflns.percent_possible_obs         96.1 
_reflns.pdbx_Rmerge_I_obs            ? 
_reflns.pdbx_Rsym_value              ? 
_reflns.pdbx_netI_over_sigmaI        ? 
_reflns.B_iso_Wilson_estimate        ? 
_reflns.pdbx_redundancy              ? 
_reflns.R_free_details               ? 
_reflns.limit_h_max                  ? 
_reflns.limit_h_min                  ? 
_reflns.limit_k_max                  ? 
_reflns.limit_k_min                  ? 
_reflns.limit_l_max                  ? 
_reflns.limit_l_min                  ? 
_reflns.observed_criterion_F_max     ? 
_reflns.observed_criterion_F_min     ? 
_reflns.pdbx_chi_squared             ? 
_reflns.pdbx_scaling_rejects         ? 
_reflns.pdbx_ordinal                 1 
_reflns.pdbx_diffrn_id               1 
# 
_reflns_shell.d_res_high             1.6 
_reflns_shell.d_res_low              1.7 
_reflns_shell.percent_possible_all   95.4 
_reflns_shell.Rmerge_I_obs           ? 
_reflns_shell.pdbx_Rsym_value        ? 
_reflns_shell.meanI_over_sigI_obs    ? 
_reflns_shell.pdbx_redundancy        ? 
_reflns_shell.percent_possible_obs   ? 
_reflns_shell.number_unique_all      ? 
_reflns_shell.number_measured_all    ? 
_reflns_shell.number_measured_obs    ? 
_reflns_shell.number_unique_obs      ? 
_reflns_shell.pdbx_chi_squared       ? 
_reflns_shell.pdbx_ordinal           1 
_reflns_shell.pdbx_diffrn_id         1 
# 
_refine.entry_id                                 4DZN 
_refine.ls_number_reflns_obs                     11348 
_refine.ls_number_reflns_all                     ? 
_refine.pdbx_ls_sigma_I                          ? 
_refine.pdbx_ls_sigma_F                          ? 
_refine.pdbx_data_cutoff_high_absF               ? 
_refine.pdbx_data_cutoff_low_absF                ? 
_refine.pdbx_data_cutoff_high_rms_absF           ? 
_refine.ls_d_res_low                             43.72 
_refine.ls_d_res_high                            1.59 
_refine.ls_percent_reflns_obs                    95.44 
_refine.ls_R_factor_obs                          0.15714 
_refine.ls_R_factor_all                          ? 
_refine.ls_R_factor_R_work                       0.15506 
_refine.ls_R_factor_R_free                       0.19844 
_refine.ls_R_factor_R_free_error                 ? 
_refine.ls_R_factor_R_free_error_details         ? 
_refine.ls_percent_reflns_R_free                 4.8 
_refine.ls_number_reflns_R_free                  573 
_refine.ls_number_parameters                     ? 
_refine.ls_number_restraints                     ? 
_refine.occupancy_min                            ? 
_refine.occupancy_max                            ? 
_refine.correlation_coeff_Fo_to_Fc               0.958 
_refine.correlation_coeff_Fo_to_Fc_free          0.950 
_refine.B_iso_mean                               12.405 
_refine.aniso_B[1][1]                            0.14 
_refine.aniso_B[2][2]                            0.78 
_refine.aniso_B[3][3]                            -0.92 
_refine.aniso_B[1][2]                            -0.00 
_refine.aniso_B[1][3]                            0.00 
_refine.aniso_B[2][3]                            -0.00 
_refine.solvent_model_details                    'BABINET MODEL WITH MASK' 
_refine.solvent_model_param_ksol                 ? 
_refine.solvent_model_param_bsol                 ? 
_refine.pdbx_solvent_vdw_probe_radii             1.40 
_refine.pdbx_solvent_ion_probe_radii             0.80 
_refine.pdbx_solvent_shrinkage_radii             0.80 
_refine.pdbx_ls_cross_valid_method               THROUGHOUT 
_refine.details                                  'HYDROGENS HAVE BEEN ADDED IN THE RIDING POSITIONS' 
_refine.pdbx_starting_model                      ? 
_refine.pdbx_method_to_determine_struct          'AB INITIO PHASING+MOLECULAR REPLACEMENT' 
_refine.pdbx_isotropic_thermal_model             ? 
_refine.pdbx_stereochemistry_target_values       'MAXIMUM LIKELIHOOD WITH PHASES' 
_refine.pdbx_stereochem_target_val_spec_case     ? 
_refine.pdbx_R_Free_selection_details            RANDOM 
_refine.pdbx_overall_ESU_R                       0.117 
_refine.pdbx_overall_ESU_R_Free                  0.088 
_refine.overall_SU_ML                            0.053 
_refine.pdbx_overall_phase_error                 ? 
_refine.overall_SU_B                             3.392 
_refine.overall_SU_R_Cruickshank_DPI             ? 
_refine.ls_redundancy_reflns_obs                 ? 
_refine.B_iso_min                                ? 
_refine.B_iso_max                                ? 
_refine.overall_SU_R_free                        ? 
_refine.ls_wR_factor_R_free                      ? 
_refine.ls_wR_factor_R_work                      ? 
_refine.overall_FOM_free_R_set                   ? 
_refine.overall_FOM_work_R_set                   ? 
_refine.pdbx_diffrn_id                           1 
_refine.pdbx_refine_id                           'X-RAY DIFFRACTION' 
_refine.pdbx_TLS_residual_ADP_flag               ? 
_refine.pdbx_overall_SU_R_free_Cruickshank_DPI   ? 
_refine.pdbx_overall_SU_R_Blow_DPI               ? 
_refine.pdbx_overall_SU_R_free_Blow_DPI          ? 
# 
_refine_hist.pdbx_refine_id                   'X-RAY DIFFRACTION' 
_refine_hist.cycle_id                         LAST 
_refine_hist.pdbx_number_atoms_protein        750 
_refine_hist.pdbx_number_atoms_nucleic_acid   0 
_refine_hist.pdbx_number_atoms_ligand         0 
_refine_hist.number_atoms_solvent             78 
_refine_hist.number_atoms_total               828 
_refine_hist.d_res_high                       1.59 
_refine_hist.d_res_low                        43.72 
# 
loop_
_refine_ls_restr.type 
_refine_ls_restr.dev_ideal 
_refine_ls_restr.dev_ideal_target 
_refine_ls_restr.weight 
_refine_ls_restr.number 
_refine_ls_restr.pdbx_restraint_function 
_refine_ls_restr.pdbx_refine_id 
r_bond_refined_d             0.012  0.022  ? 754  ? 'X-RAY DIFFRACTION' 
r_bond_other_d               0.001  0.020  ? 515  ? 'X-RAY DIFFRACTION' 
r_angle_refined_deg          1.115  2.064  ? 1006 ? 'X-RAY DIFFRACTION' 
r_angle_other_deg            0.817  3.000  ? 1277 ? 'X-RAY DIFFRACTION' 
r_dihedral_angle_1_deg       3.258  5.000  ? 93   ? 'X-RAY DIFFRACTION' 
r_dihedral_angle_2_deg       31.114 27.500 ? 24   ? 'X-RAY DIFFRACTION' 
r_dihedral_angle_3_deg       14.062 15.000 ? 148  ? 'X-RAY DIFFRACTION' 
r_dihedral_angle_4_deg       ?      ?      ? ?    ? 'X-RAY DIFFRACTION' 
r_chiral_restr               0.054  0.200  ? 114  ? 'X-RAY DIFFRACTION' 
r_gen_planes_refined         0.005  0.020  ? 795  ? 'X-RAY DIFFRACTION' 
r_gen_planes_other           0.001  0.020  ? 129  ? 'X-RAY DIFFRACTION' 
r_nbd_refined                ?      ?      ? ?    ? 'X-RAY DIFFRACTION' 
r_nbd_other                  ?      ?      ? ?    ? 'X-RAY DIFFRACTION' 
r_nbtor_refined              ?      ?      ? ?    ? 'X-RAY DIFFRACTION' 
r_nbtor_other                ?      ?      ? ?    ? 'X-RAY DIFFRACTION' 
r_xyhbond_nbd_refined        ?      ?      ? ?    ? 'X-RAY DIFFRACTION' 
r_xyhbond_nbd_other          ?      ?      ? ?    ? 'X-RAY DIFFRACTION' 
r_metal_ion_refined          ?      ?      ? ?    ? 'X-RAY DIFFRACTION' 
r_metal_ion_other            ?      ?      ? ?    ? 'X-RAY DIFFRACTION' 
r_symmetry_vdw_refined       ?      ?      ? ?    ? 'X-RAY DIFFRACTION' 
r_symmetry_vdw_other         ?      ?      ? ?    ? 'X-RAY DIFFRACTION' 
r_symmetry_hbond_refined     ?      ?      ? ?    ? 'X-RAY DIFFRACTION' 
r_symmetry_hbond_other       ?      ?      ? ?    ? 'X-RAY DIFFRACTION' 
r_symmetry_metal_ion_refined ?      ?      ? ?    ? 'X-RAY DIFFRACTION' 
r_symmetry_metal_ion_other   ?      ?      ? ?    ? 'X-RAY DIFFRACTION' 
r_mcbond_it                  4.877  8.000  ? 480  ? 'X-RAY DIFFRACTION' 
r_mcbond_other               1.875  8.000  ? 198  ? 'X-RAY DIFFRACTION' 
r_mcangle_it                 6.011  12.000 ? 740  ? 'X-RAY DIFFRACTION' 
r_scbond_it                  9.928  16.000 ? 274  ? 'X-RAY DIFFRACTION' 
r_scangle_it                 13.226 24.000 ? 266  ? 'X-RAY DIFFRACTION' 
r_rigid_bond_restr           2.526  3.000  ? 1266 ? 'X-RAY DIFFRACTION' 
r_sphericity_free            ?      ?      ? ?    ? 'X-RAY DIFFRACTION' 
r_sphericity_bonded          ?      ?      ? ?    ? 'X-RAY DIFFRACTION' 
# 
_refine_ls_shell.pdbx_total_number_of_bins_used   20 
_refine_ls_shell.d_res_high                       1.593 
_refine_ls_shell.d_res_low                        1.634 
_refine_ls_shell.number_reflns_R_work             800 
_refine_ls_shell.R_factor_R_work                  0.213 
_refine_ls_shell.percent_reflns_obs               94.35 
_refine_ls_shell.R_factor_R_free                  0.253 
_refine_ls_shell.R_factor_R_free_error            ? 
_refine_ls_shell.percent_reflns_R_free            ? 
_refine_ls_shell.number_reflns_R_free             52 
_refine_ls_shell.number_reflns_all                ? 
_refine_ls_shell.R_factor_all                     ? 
_refine_ls_shell.number_reflns_obs                ? 
_refine_ls_shell.redundancy_reflns_obs            ? 
_refine_ls_shell.pdbx_refine_id                   'X-RAY DIFFRACTION' 
# 
_struct.entry_id                  4DZN 
_struct.title                     'A de novo designed Coiled Coil CC-pIL' 
_struct.pdbx_model_details        ? 
_struct.pdbx_CASP_flag            ? 
_struct.pdbx_model_type_details   ? 
# 
_struct_keywords.entry_id        4DZN 
_struct_keywords.pdbx_keywords   'DE NOVO PROTEIN' 
_struct_keywords.text            'DE NOVO PROTEIN' 
# 
loop_
_struct_asym.id 
_struct_asym.pdbx_blank_PDB_chainid_flag 
_struct_asym.pdbx_modified 
_struct_asym.entity_id 
_struct_asym.details 
A N N 1 ? 
B N N 1 ? 
C N N 1 ? 
D N N 2 ? 
E N N 2 ? 
F N N 2 ? 
# 
_struct_ref.id                         1 
_struct_ref.db_name                    PDB 
_struct_ref.db_code                    4DZN 
_struct_ref.pdbx_db_accession          4DZN 
_struct_ref.entity_id                  1 
_struct_ref.pdbx_align_begin           1 
_struct_ref.pdbx_seq_one_letter_code   '(ACE)GEIAALKQEIAALKKEIAALK(PHI)EIAALKQGYY' 
_struct_ref.pdbx_db_isoform            ? 
# 
loop_
_struct_ref_seq.align_id 
_struct_ref_seq.ref_id 
_struct_ref_seq.pdbx_PDB_id_code 
_struct_ref_seq.pdbx_strand_id 
_struct_ref_seq.seq_align_beg 
_struct_ref_seq.pdbx_seq_align_beg_ins_code 
_struct_ref_seq.seq_align_end 
_struct_ref_seq.pdbx_seq_align_end_ins_code 
_struct_ref_seq.pdbx_db_accession 
_struct_ref_seq.db_align_beg 
_struct_ref_seq.pdbx_db_align_beg_ins_code 
_struct_ref_seq.db_align_end 
_struct_ref_seq.pdbx_db_align_end_ins_code 
_struct_ref_seq.pdbx_auth_seq_align_beg 
_struct_ref_seq.pdbx_auth_seq_align_end 
1 1 4DZN A 1 ? 33 ? 4DZN 0 ? 32 ? 0 32 
2 1 4DZN B 1 ? 33 ? 4DZN 0 ? 32 ? 0 32 
3 1 4DZN C 1 ? 33 ? 4DZN 0 ? 32 ? 0 32 
# 
_pdbx_struct_assembly.id                   1 
_pdbx_struct_assembly.details              author_and_software_defined_assembly 
_pdbx_struct_assembly.method_details       PISA 
_pdbx_struct_assembly.oligomeric_details   trimeric 
_pdbx_struct_assembly.oligomeric_count     3 
# 
loop_
_pdbx_struct_assembly_prop.biol_id 
_pdbx_struct_assembly_prop.type 
_pdbx_struct_assembly_prop.value 
_pdbx_struct_assembly_prop.details 
1 'ABSA (A^2)' 4100 ? 
1 MORE         -38  ? 
1 'SSA (A^2)'  6760 ? 
# 
_pdbx_struct_assembly_gen.assembly_id       1 
_pdbx_struct_assembly_gen.oper_expression   1 
_pdbx_struct_assembly_gen.asym_id_list      A,B,C,D,E,F 
# 
_pdbx_struct_oper_list.id                   1 
_pdbx_struct_oper_list.type                 'identity operation' 
_pdbx_struct_oper_list.name                 1_555 
_pdbx_struct_oper_list.symmetry_operation   x,y,z 
_pdbx_struct_oper_list.matrix[1][1]         1.0000000000 
_pdbx_struct_oper_list.matrix[1][2]         0.0000000000 
_pdbx_struct_oper_list.matrix[1][3]         0.0000000000 
_pdbx_struct_oper_list.vector[1]            0.0000000000 
_pdbx_struct_oper_list.matrix[2][1]         0.0000000000 
_pdbx_struct_oper_list.matrix[2][2]         1.0000000000 
_pdbx_struct_oper_list.matrix[2][3]         0.0000000000 
_pdbx_struct_oper_list.vector[2]            0.0000000000 
_pdbx_struct_oper_list.matrix[3][1]         0.0000000000 
_pdbx_struct_oper_list.matrix[3][2]         0.0000000000 
_pdbx_struct_oper_list.matrix[3][3]         1.0000000000 
_pdbx_struct_oper_list.vector[3]            0.0000000000 
# 
loop_
_struct_conf.conf_type_id 
_struct_conf.id 
_struct_conf.pdbx_PDB_helix_id 
_struct_conf.beg_label_comp_id 
_struct_conf.beg_label_asym_id 
_struct_conf.beg_label_seq_id 
_struct_conf.pdbx_beg_PDB_ins_code 
_struct_conf.end_label_comp_id 
_struct_conf.end_label_asym_id 
_struct_conf.end_label_seq_id 
_struct_conf.pdbx_end_PDB_ins_code 
_struct_conf.beg_auth_comp_id 
_struct_conf.beg_auth_asym_id 
_struct_conf.beg_auth_seq_id 
_struct_conf.end_auth_comp_id 
_struct_conf.end_auth_asym_id 
_struct_conf.end_auth_seq_id 
_struct_conf.pdbx_PDB_helix_class 
_struct_conf.details 
_struct_conf.pdbx_PDB_helix_length 
HELX_P HELX_P1 1 GLY A 2 ? TYR A 33 ? GLY A 1 TYR A 32 1 ? 32 
HELX_P HELX_P2 2 GLY B 2 ? TYR B 33 ? GLY B 1 TYR B 32 1 ? 32 
HELX_P HELX_P3 3 GLY C 2 ? GLN C 30 ? GLY C 1 GLN C 29 1 ? 29 
# 
_struct_conf_type.id          HELX_P 
_struct_conf_type.criteria    ? 
_struct_conf_type.reference   ? 
# 
loop_
_struct_conn.id 
_struct_conn.conn_type_id 
_struct_conn.pdbx_leaving_atom_flag 
_struct_conn.pdbx_PDB_id 
_struct_conn.ptnr1_label_asym_id 
_struct_conn.ptnr1_label_comp_id 
_struct_conn.ptnr1_label_seq_id 
_struct_conn.ptnr1_label_atom_id 
_struct_conn.pdbx_ptnr1_label_alt_id 
_struct_conn.pdbx_ptnr1_PDB_ins_code 
_struct_conn.pdbx_ptnr1_standard_comp_id 
_struct_conn.ptnr1_symmetry 
_struct_conn.ptnr2_label_asym_id 
_struct_conn.ptnr2_label_comp_id 
_struct_conn.ptnr2_label_seq_id 
_struct_conn.ptnr2_label_atom_id 
_struct_conn.pdbx_ptnr2_label_alt_id 
_struct_conn.pdbx_ptnr2_PDB_ins_code 
_struct_conn.ptnr1_auth_asym_id 
_struct_conn.ptnr1_auth_comp_id 
_struct_conn.ptnr1_auth_seq_id 
_struct_conn.ptnr2_auth_asym_id 
_struct_conn.ptnr2_auth_comp_id 
_struct_conn.ptnr2_auth_seq_id 
_struct_conn.ptnr2_symmetry 
_struct_conn.pdbx_ptnr3_label_atom_id 
_struct_conn.pdbx_ptnr3_label_seq_id 
_struct_conn.pdbx_ptnr3_label_comp_id 
_struct_conn.pdbx_ptnr3_label_asym_id 
_struct_conn.pdbx_ptnr3_label_alt_id 
_struct_conn.pdbx_ptnr3_PDB_ins_code 
_struct_conn.details 
_struct_conn.pdbx_dist_value 
_struct_conn.pdbx_value_order 
_struct_conn.pdbx_role 
covale1 covale both ? A ACE 1  C ? ? ? 1_555 A GLY 2  N ? ? A ACE 0  A GLY 1  1_555 ? ? ? ? ? ? ? 1.341 ? ? 
covale2 covale both ? A LYS 22 C ? ? ? 1_555 A PHI 23 N ? ? A LYS 21 A PHI 22 1_555 ? ? ? ? ? ? ? 1.337 ? ? 
covale3 covale both ? A PHI 23 C ? ? ? 1_555 A GLU 24 N ? ? A PHI 22 A GLU 23 1_555 ? ? ? ? ? ? ? 1.336 ? ? 
covale4 covale both ? B ACE 1  C ? ? ? 1_555 B GLY 2  N ? ? B ACE 0  B GLY 1  1_555 ? ? ? ? ? ? ? 1.337 ? ? 
covale5 covale both ? B LYS 22 C ? ? ? 1_555 B PHI 23 N ? ? B LYS 21 B PHI 22 1_555 ? ? ? ? ? ? ? 1.322 ? ? 
covale6 covale both ? B PHI 23 C ? ? ? 1_555 B GLU 24 N ? ? B PHI 22 B GLU 23 1_555 ? ? ? ? ? ? ? 1.319 ? ? 
covale7 covale both ? C ACE 1  C ? ? ? 1_555 C GLY 2  N ? ? C ACE 0  C GLY 1  1_555 ? ? ? ? ? ? ? 1.320 ? ? 
covale8 covale both ? C LYS 22 C ? ? ? 1_555 C PHI 23 N ? ? C LYS 21 C PHI 22 1_555 ? ? ? ? ? ? ? 1.329 ? ? 
covale9 covale both ? C PHI 23 C ? ? ? 1_555 C GLU 24 N ? ? C PHI 22 C GLU 23 1_555 ? ? ? ? ? ? ? 1.329 ? ? 
# 
_struct_conn_type.id          covale 
_struct_conn_type.criteria    ? 
_struct_conn_type.reference   ? 
# 
loop_
_pdbx_modification_feature.ordinal 
_pdbx_modification_feature.label_comp_id 
_pdbx_modification_feature.label_asym_id 
_pdbx_modification_feature.label_seq_id 
_pdbx_modification_feature.label_alt_id 
_pdbx_modification_feature.modified_residue_label_comp_id 
_pdbx_modification_feature.modified_residue_label_asym_id 
_pdbx_modification_feature.modified_residue_label_seq_id 
_pdbx_modification_feature.modified_residue_label_alt_id 
_pdbx_modification_feature.auth_comp_id 
_pdbx_modification_feature.auth_asym_id 
_pdbx_modification_feature.auth_seq_id 
_pdbx_modification_feature.PDB_ins_code 
_pdbx_modification_feature.symmetry 
_pdbx_modification_feature.modified_residue_auth_comp_id 
_pdbx_modification_feature.modified_residue_auth_asym_id 
_pdbx_modification_feature.modified_residue_auth_seq_id 
_pdbx_modification_feature.modified_residue_PDB_ins_code 
_pdbx_modification_feature.modified_residue_symmetry 
_pdbx_modification_feature.comp_id_linking_atom 
_pdbx_modification_feature.modified_residue_id_linking_atom 
_pdbx_modification_feature.modified_residue_id 
_pdbx_modification_feature.ref_pcm_id 
_pdbx_modification_feature.ref_comp_id 
_pdbx_modification_feature.type 
_pdbx_modification_feature.category 
1 PHI A 23 ? .   . . . PHI A 22 ? 1_555 .   . . . .     . . PHE 1  PHI Iodination 'Named protein modification' 
2 PHI B 23 ? .   . . . PHI B 22 ? 1_555 .   . . . .     . . PHE 1  PHI Iodination 'Named protein modification' 
3 PHI C 23 ? .   . . . PHI C 22 ? 1_555 .   . . . .     . . PHE 1  PHI Iodination 'Named protein modification' 
4 ACE A 1  ? GLY A 2 ? ACE A 0  ? 1_555 GLY A 1 ? 1_555 . . GLY 12 ACE None       'Terminal acetylation'       
5 ACE B 1  ? GLY B 2 ? ACE B 0  ? 1_555 GLY B 1 ? 1_555 . . GLY 12 ACE None       'Terminal acetylation'       
6 ACE C 1  ? GLY C 2 ? ACE C 0  ? 1_555 GLY C 1 ? 1_555 . . GLY 12 ACE None       'Terminal acetylation'       
# 
_pdbx_entry_details.entry_id                   4DZN 
_pdbx_entry_details.compound_details           ? 
_pdbx_entry_details.source_details             ? 
_pdbx_entry_details.nonpolymer_details         ? 
_pdbx_entry_details.sequence_details           ? 
_pdbx_entry_details.has_ligand_of_interest     ? 
_pdbx_entry_details.has_protein_modification   Y 
# 
_pdbx_validate_rmsd_bond.id                        1 
_pdbx_validate_rmsd_bond.PDB_model_num             1 
_pdbx_validate_rmsd_bond.auth_atom_id_1            CB 
_pdbx_validate_rmsd_bond.auth_asym_id_1            C 
_pdbx_validate_rmsd_bond.auth_comp_id_1            LEU 
_pdbx_validate_rmsd_bond.auth_seq_id_1             6 
_pdbx_validate_rmsd_bond.PDB_ins_code_1            ? 
_pdbx_validate_rmsd_bond.label_alt_id_1            ? 
_pdbx_validate_rmsd_bond.auth_atom_id_2            CG 
_pdbx_validate_rmsd_bond.auth_asym_id_2            C 
_pdbx_validate_rmsd_bond.auth_comp_id_2            LEU 
_pdbx_validate_rmsd_bond.auth_seq_id_2             6 
_pdbx_validate_rmsd_bond.PDB_ins_code_2            ? 
_pdbx_validate_rmsd_bond.label_alt_id_2            ? 
_pdbx_validate_rmsd_bond.bond_value                1.230 
_pdbx_validate_rmsd_bond.bond_target_value         1.521 
_pdbx_validate_rmsd_bond.bond_deviation            -0.291 
_pdbx_validate_rmsd_bond.bond_standard_deviation   0.029 
_pdbx_validate_rmsd_bond.linker_flag               N 
# 
loop_
_pdbx_struct_mod_residue.id 
_pdbx_struct_mod_residue.label_asym_id 
_pdbx_struct_mod_residue.label_comp_id 
_pdbx_struct_mod_residue.label_seq_id 
_pdbx_struct_mod_residue.auth_asym_id 
_pdbx_struct_mod_residue.auth_comp_id 
_pdbx_struct_mod_residue.auth_seq_id 
_pdbx_struct_mod_residue.PDB_ins_code 
_pdbx_struct_mod_residue.parent_comp_id 
_pdbx_struct_mod_residue.details 
1 A PHI 23 A PHI 22 ? PHE IODO-PHENYLALANINE 
2 B PHI 23 B PHI 22 ? PHE IODO-PHENYLALANINE 
3 C PHI 23 C PHI 22 ? PHE IODO-PHENYLALANINE 
# 
loop_
_chem_comp_atom.comp_id 
_chem_comp_atom.atom_id 
_chem_comp_atom.type_symbol 
_chem_comp_atom.pdbx_aromatic_flag 
_chem_comp_atom.pdbx_stereo_config 
_chem_comp_atom.pdbx_ordinal 
ACE C    C N N 1   
ACE O    O N N 2   
ACE CH3  C N N 3   
ACE H    H N N 4   
ACE H1   H N N 5   
ACE H2   H N N 6   
ACE H3   H N N 7   
ALA N    N N N 8   
ALA CA   C N S 9   
ALA C    C N N 10  
ALA O    O N N 11  
ALA CB   C N N 12  
ALA OXT  O N N 13  
ALA H    H N N 14  
ALA H2   H N N 15  
ALA HA   H N N 16  
ALA HB1  H N N 17  
ALA HB2  H N N 18  
ALA HB3  H N N 19  
ALA HXT  H N N 20  
GLN N    N N N 21  
GLN CA   C N S 22  
GLN C    C N N 23  
GLN O    O N N 24  
GLN CB   C N N 25  
GLN CG   C N N 26  
GLN CD   C N N 27  
GLN OE1  O N N 28  
GLN NE2  N N N 29  
GLN OXT  O N N 30  
GLN H    H N N 31  
GLN H2   H N N 32  
GLN HA   H N N 33  
GLN HB2  H N N 34  
GLN HB3  H N N 35  
GLN HG2  H N N 36  
GLN HG3  H N N 37  
GLN HE21 H N N 38  
GLN HE22 H N N 39  
GLN HXT  H N N 40  
GLU N    N N N 41  
GLU CA   C N S 42  
GLU C    C N N 43  
GLU O    O N N 44  
GLU CB   C N N 45  
GLU CG   C N N 46  
GLU CD   C N N 47  
GLU OE1  O N N 48  
GLU OE2  O N N 49  
GLU OXT  O N N 50  
GLU H    H N N 51  
GLU H2   H N N 52  
GLU HA   H N N 53  
GLU HB2  H N N 54  
GLU HB3  H N N 55  
GLU HG2  H N N 56  
GLU HG3  H N N 57  
GLU HE2  H N N 58  
GLU HXT  H N N 59  
GLY N    N N N 60  
GLY CA   C N N 61  
GLY C    C N N 62  
GLY O    O N N 63  
GLY OXT  O N N 64  
GLY H    H N N 65  
GLY H2   H N N 66  
GLY HA2  H N N 67  
GLY HA3  H N N 68  
GLY HXT  H N N 69  
HOH O    O N N 70  
HOH H1   H N N 71  
HOH H2   H N N 72  
ILE N    N N N 73  
ILE CA   C N S 74  
ILE C    C N N 75  
ILE O    O N N 76  
ILE CB   C N S 77  
ILE CG1  C N N 78  
ILE CG2  C N N 79  
ILE CD1  C N N 80  
ILE OXT  O N N 81  
ILE H    H N N 82  
ILE H2   H N N 83  
ILE HA   H N N 84  
ILE HB   H N N 85  
ILE HG12 H N N 86  
ILE HG13 H N N 87  
ILE HG21 H N N 88  
ILE HG22 H N N 89  
ILE HG23 H N N 90  
ILE HD11 H N N 91  
ILE HD12 H N N 92  
ILE HD13 H N N 93  
ILE HXT  H N N 94  
LEU N    N N N 95  
LEU CA   C N S 96  
LEU C    C N N 97  
LEU O    O N N 98  
LEU CB   C N N 99  
LEU CG   C N N 100 
LEU CD1  C N N 101 
LEU CD2  C N N 102 
LEU OXT  O N N 103 
LEU H    H N N 104 
LEU H2   H N N 105 
LEU HA   H N N 106 
LEU HB2  H N N 107 
LEU HB3  H N N 108 
LEU HG   H N N 109 
LEU HD11 H N N 110 
LEU HD12 H N N 111 
LEU HD13 H N N 112 
LEU HD21 H N N 113 
LEU HD22 H N N 114 
LEU HD23 H N N 115 
LEU HXT  H N N 116 
LYS N    N N N 117 
LYS CA   C N S 118 
LYS C    C N N 119 
LYS O    O N N 120 
LYS CB   C N N 121 
LYS CG   C N N 122 
LYS CD   C N N 123 
LYS CE   C N N 124 
LYS NZ   N N N 125 
LYS OXT  O N N 126 
LYS H    H N N 127 
LYS H2   H N N 128 
LYS HA   H N N 129 
LYS HB2  H N N 130 
LYS HB3  H N N 131 
LYS HG2  H N N 132 
LYS HG3  H N N 133 
LYS HD2  H N N 134 
LYS HD3  H N N 135 
LYS HE2  H N N 136 
LYS HE3  H N N 137 
LYS HZ1  H N N 138 
LYS HZ2  H N N 139 
LYS HZ3  H N N 140 
LYS HXT  H N N 141 
PHI N    N N N 142 
PHI CA   C N S 143 
PHI CB   C N N 144 
PHI CG   C Y N 145 
PHI CD1  C Y N 146 
PHI CD2  C Y N 147 
PHI CE1  C Y N 148 
PHI CE2  C Y N 149 
PHI CZ   C Y N 150 
PHI I    I N N 151 
PHI C    C N N 152 
PHI O    O N N 153 
PHI OXT  O N N 154 
PHI H    H N N 155 
PHI H2   H N N 156 
PHI HA   H N N 157 
PHI HB2  H N N 158 
PHI HB3  H N N 159 
PHI HD1  H N N 160 
PHI HD2  H N N 161 
PHI HE1  H N N 162 
PHI HE2  H N N 163 
PHI HXT  H N N 164 
TYR N    N N N 165 
TYR CA   C N S 166 
TYR C    C N N 167 
TYR O    O N N 168 
TYR CB   C N N 169 
TYR CG   C Y N 170 
TYR CD1  C Y N 171 
TYR CD2  C Y N 172 
TYR CE1  C Y N 173 
TYR CE2  C Y N 174 
TYR CZ   C Y N 175 
TYR OH   O N N 176 
TYR OXT  O N N 177 
TYR H    H N N 178 
TYR H2   H N N 179 
TYR HA   H N N 180 
TYR HB2  H N N 181 
TYR HB3  H N N 182 
TYR HD1  H N N 183 
TYR HD2  H N N 184 
TYR HE1  H N N 185 
TYR HE2  H N N 186 
TYR HH   H N N 187 
TYR HXT  H N N 188 
# 
loop_
_chem_comp_bond.comp_id 
_chem_comp_bond.atom_id_1 
_chem_comp_bond.atom_id_2 
_chem_comp_bond.value_order 
_chem_comp_bond.pdbx_aromatic_flag 
_chem_comp_bond.pdbx_stereo_config 
_chem_comp_bond.pdbx_ordinal 
ACE C   O    doub N N 1   
ACE C   CH3  sing N N 2   
ACE C   H    sing N N 3   
ACE CH3 H1   sing N N 4   
ACE CH3 H2   sing N N 5   
ACE CH3 H3   sing N N 6   
ALA N   CA   sing N N 7   
ALA N   H    sing N N 8   
ALA N   H2   sing N N 9   
ALA CA  C    sing N N 10  
ALA CA  CB   sing N N 11  
ALA CA  HA   sing N N 12  
ALA C   O    doub N N 13  
ALA C   OXT  sing N N 14  
ALA CB  HB1  sing N N 15  
ALA CB  HB2  sing N N 16  
ALA CB  HB3  sing N N 17  
ALA OXT HXT  sing N N 18  
GLN N   CA   sing N N 19  
GLN N   H    sing N N 20  
GLN N   H2   sing N N 21  
GLN CA  C    sing N N 22  
GLN CA  CB   sing N N 23  
GLN CA  HA   sing N N 24  
GLN C   O    doub N N 25  
GLN C   OXT  sing N N 26  
GLN CB  CG   sing N N 27  
GLN CB  HB2  sing N N 28  
GLN CB  HB3  sing N N 29  
GLN CG  CD   sing N N 30  
GLN CG  HG2  sing N N 31  
GLN CG  HG3  sing N N 32  
GLN CD  OE1  doub N N 33  
GLN CD  NE2  sing N N 34  
GLN NE2 HE21 sing N N 35  
GLN NE2 HE22 sing N N 36  
GLN OXT HXT  sing N N 37  
GLU N   CA   sing N N 38  
GLU N   H    sing N N 39  
GLU N   H2   sing N N 40  
GLU CA  C    sing N N 41  
GLU CA  CB   sing N N 42  
GLU CA  HA   sing N N 43  
GLU C   O    doub N N 44  
GLU C   OXT  sing N N 45  
GLU CB  CG   sing N N 46  
GLU CB  HB2  sing N N 47  
GLU CB  HB3  sing N N 48  
GLU CG  CD   sing N N 49  
GLU CG  HG2  sing N N 50  
GLU CG  HG3  sing N N 51  
GLU CD  OE1  doub N N 52  
GLU CD  OE2  sing N N 53  
GLU OE2 HE2  sing N N 54  
GLU OXT HXT  sing N N 55  
GLY N   CA   sing N N 56  
GLY N   H    sing N N 57  
GLY N   H2   sing N N 58  
GLY CA  C    sing N N 59  
GLY CA  HA2  sing N N 60  
GLY CA  HA3  sing N N 61  
GLY C   O    doub N N 62  
GLY C   OXT  sing N N 63  
GLY OXT HXT  sing N N 64  
HOH O   H1   sing N N 65  
HOH O   H2   sing N N 66  
ILE N   CA   sing N N 67  
ILE N   H    sing N N 68  
ILE N   H2   sing N N 69  
ILE CA  C    sing N N 70  
ILE CA  CB   sing N N 71  
ILE CA  HA   sing N N 72  
ILE C   O    doub N N 73  
ILE C   OXT  sing N N 74  
ILE CB  CG1  sing N N 75  
ILE CB  CG2  sing N N 76  
ILE CB  HB   sing N N 77  
ILE CG1 CD1  sing N N 78  
ILE CG1 HG12 sing N N 79  
ILE CG1 HG13 sing N N 80  
ILE CG2 HG21 sing N N 81  
ILE CG2 HG22 sing N N 82  
ILE CG2 HG23 sing N N 83  
ILE CD1 HD11 sing N N 84  
ILE CD1 HD12 sing N N 85  
ILE CD1 HD13 sing N N 86  
ILE OXT HXT  sing N N 87  
LEU N   CA   sing N N 88  
LEU N   H    sing N N 89  
LEU N   H2   sing N N 90  
LEU CA  C    sing N N 91  
LEU CA  CB   sing N N 92  
LEU CA  HA   sing N N 93  
LEU C   O    doub N N 94  
LEU C   OXT  sing N N 95  
LEU CB  CG   sing N N 96  
LEU CB  HB2  sing N N 97  
LEU CB  HB3  sing N N 98  
LEU CG  CD1  sing N N 99  
LEU CG  CD2  sing N N 100 
LEU CG  HG   sing N N 101 
LEU CD1 HD11 sing N N 102 
LEU CD1 HD12 sing N N 103 
LEU CD1 HD13 sing N N 104 
LEU CD2 HD21 sing N N 105 
LEU CD2 HD22 sing N N 106 
LEU CD2 HD23 sing N N 107 
LEU OXT HXT  sing N N 108 
LYS N   CA   sing N N 109 
LYS N   H    sing N N 110 
LYS N   H2   sing N N 111 
LYS CA  C    sing N N 112 
LYS CA  CB   sing N N 113 
LYS CA  HA   sing N N 114 
LYS C   O    doub N N 115 
LYS C   OXT  sing N N 116 
LYS CB  CG   sing N N 117 
LYS CB  HB2  sing N N 118 
LYS CB  HB3  sing N N 119 
LYS CG  CD   sing N N 120 
LYS CG  HG2  sing N N 121 
LYS CG  HG3  sing N N 122 
LYS CD  CE   sing N N 123 
LYS CD  HD2  sing N N 124 
LYS CD  HD3  sing N N 125 
LYS CE  NZ   sing N N 126 
LYS CE  HE2  sing N N 127 
LYS CE  HE3  sing N N 128 
LYS NZ  HZ1  sing N N 129 
LYS NZ  HZ2  sing N N 130 
LYS NZ  HZ3  sing N N 131 
LYS OXT HXT  sing N N 132 
PHI N   CA   sing N N 133 
PHI N   H    sing N N 134 
PHI N   H2   sing N N 135 
PHI CA  CB   sing N N 136 
PHI CA  C    sing N N 137 
PHI CA  HA   sing N N 138 
PHI CB  CG   sing N N 139 
PHI CB  HB2  sing N N 140 
PHI CB  HB3  sing N N 141 
PHI CG  CD1  doub Y N 142 
PHI CG  CD2  sing Y N 143 
PHI CD1 CE1  sing Y N 144 
PHI CD1 HD1  sing N N 145 
PHI CD2 CE2  doub Y N 146 
PHI CD2 HD2  sing N N 147 
PHI CE1 CZ   doub Y N 148 
PHI CE1 HE1  sing N N 149 
PHI CE2 CZ   sing Y N 150 
PHI CE2 HE2  sing N N 151 
PHI CZ  I    sing N N 152 
PHI C   O    doub N N 153 
PHI C   OXT  sing N N 154 
PHI OXT HXT  sing N N 155 
TYR N   CA   sing N N 156 
TYR N   H    sing N N 157 
TYR N   H2   sing N N 158 
TYR CA  C    sing N N 159 
TYR CA  CB   sing N N 160 
TYR CA  HA   sing N N 161 
TYR C   O    doub N N 162 
TYR C   OXT  sing N N 163 
TYR CB  CG   sing N N 164 
TYR CB  HB2  sing N N 165 
TYR CB  HB3  sing N N 166 
TYR CG  CD1  doub Y N 167 
TYR CG  CD2  sing Y N 168 
TYR CD1 CE1  sing Y N 169 
TYR CD1 HD1  sing N N 170 
TYR CD2 CE2  doub Y N 171 
TYR CD2 HD2  sing N N 172 
TYR CE1 CZ   doub Y N 173 
TYR CE1 HE1  sing N N 174 
TYR CE2 CZ   sing Y N 175 
TYR CE2 HE2  sing N N 176 
TYR CZ  OH   sing N N 177 
TYR OH  HH   sing N N 178 
TYR OXT HXT  sing N N 179 
# 
_atom_sites.entry_id                    4DZN 
_atom_sites.fract_transf_matrix[1][1]   -0.03738637 
_atom_sites.fract_transf_matrix[1][2]   -0.00708336 
_atom_sites.fract_transf_matrix[1][3]   -0.01371590 
_atom_sites.fract_transf_matrix[2][1]   0.00780024 
_atom_sites.fract_transf_matrix[2][2]   0.00321280 
_atom_sites.fract_transf_matrix[2][3]   -0.02292086 
_atom_sites.fract_transf_matrix[3][1]   0.00238998 
_atom_sites.fract_transf_matrix[3][2]   -0.01116028 
_atom_sites.fract_transf_matrix[3][3]   -0.00075099 
_atom_sites.fract_transf_vector[1]      0.790617 
_atom_sites.fract_transf_vector[2]      -0.042990 
_atom_sites.fract_transf_vector[3]      0.122508 
# 
loop_
_atom_type.symbol 
C 
I 
N 
O 
# 
loop_
_atom_site.group_PDB 
_atom_site.id 
_atom_site.type_symbol 
_atom_site.label_atom_id 
_atom_site.label_alt_id 
_atom_site.label_comp_id 
_atom_site.label_asym_id 
_atom_site.label_entity_id 
_atom_site.label_seq_id 
_atom_site.pdbx_PDB_ins_code 
_atom_site.Cartn_x 
_atom_site.Cartn_y 
_atom_site.Cartn_z 
_atom_site.occupancy 
_atom_site.B_iso_or_equiv 
_atom_site.pdbx_formal_charge 
_atom_site.auth_seq_id 
_atom_site.auth_comp_id 
_atom_site.auth_asym_id 
_atom_site.auth_atom_id 
_atom_site.pdbx_PDB_model_num 
HETATM 1   C C   . ACE A 1 1  ? -5.029  20.285  -13.438 1.00 27.72 ? 0   ACE A C   1 
HETATM 2   O O   . ACE A 1 1  ? -5.454  20.239  -12.260 1.00 23.97 ? 0   ACE A O   1 
HETATM 3   C CH3 . ACE A 1 1  ? -5.885  19.926  -14.620 1.00 32.42 ? 0   ACE A CH3 1 
ATOM   4   N N   . GLY A 1 2  ? -3.743  20.508  -13.747 1.00 23.32 ? 1   GLY A N   1 
ATOM   5   C CA  . GLY A 1 2  ? -2.843  21.169  -12.795 1.00 18.13 ? 1   GLY A CA  1 
ATOM   6   C C   . GLY A 1 2  ? -2.405  20.264  -11.646 1.00 15.67 ? 1   GLY A C   1 
ATOM   7   O O   . GLY A 1 2  ? -2.380  19.028  -11.765 1.00 16.52 ? 1   GLY A O   1 
ATOM   8   N N   . GLU A 1 3  ? -2.077  20.871  -10.515 1.00 13.90 ? 2   GLU A N   1 
ATOM   9   C CA  . GLU A 1 3  ? -1.600  20.116  -9.357  1.00 11.97 ? 2   GLU A CA  1 
ATOM   10  C C   . GLU A 1 3  ? -2.669  19.188  -8.732  1.00 13.90 ? 2   GLU A C   1 
ATOM   11  O O   . GLU A 1 3  ? -2.339  18.101  -8.253  1.00 12.88 ? 2   GLU A O   1 
ATOM   12  C CB  . GLU A 1 3  ? -1.030  21.084  -8.312  1.00 13.40 ? 2   GLU A CB  1 
ATOM   13  C CG  . GLU A 1 3  ? -0.246  20.417  -7.191  1.00 10.75 ? 2   GLU A CG  1 
ATOM   14  C CD  . GLU A 1 3  ? 1.084   19.872  -7.631  1.00 15.12 ? 2   GLU A CD  1 
ATOM   15  O OE1 . GLU A 1 3  ? 1.428   19.960  -8.825  1.00 21.69 ? 2   GLU A OE1 1 
ATOM   16  O OE2 . GLU A 1 3  ? 1.798   19.365  -6.761  1.00 25.52 ? 2   GLU A OE2 1 
ATOM   17  N N   . ILE A 1 4  ? -3.941  19.593  -8.739  1.00 10.53 ? 3   ILE A N   1 
ATOM   18  C CA  . ILE A 1 4  ? -4.992  18.729  -8.221  1.00 14.88 ? 3   ILE A CA  1 
ATOM   19  C C   . ILE A 1 4  ? -5.077  17.469  -9.070  1.00 12.88 ? 3   ILE A C   1 
ATOM   20  O O   . ILE A 1 4  ? -5.160  16.369  -8.520  1.00 13.76 ? 3   ILE A O   1 
ATOM   21  C CB  . ILE A 1 4  ? -6.364  19.438  -8.134  1.00 15.77 ? 3   ILE A CB  1 
ATOM   22  C CG1 A ILE A 1 4  ? -6.341  20.543  -7.062  0.50 24.17 ? 3   ILE A CG1 1 
ATOM   23  C CG1 B ILE A 1 4  ? -6.299  20.500  -7.016  0.50 24.04 ? 3   ILE A CG1 1 
ATOM   24  C CG2 . ILE A 1 4  ? -7.483  18.420  -7.868  1.00 22.84 ? 3   ILE A CG2 1 
ATOM   25  C CD1 A ILE A 1 4  ? -6.166  20.038  -5.662  0.50 25.30 ? 3   ILE A CD1 1 
ATOM   26  C CD1 B ILE A 1 4  ? -7.594  21.214  -6.732  0.50 25.34 ? 3   ILE A CD1 1 
ATOM   27  N N   . ALA A 1 5  ? -5.019  17.628  -10.393 1.00 14.20 ? 4   ALA A N   1 
ATOM   28  C CA  . ALA A 1 5  ? -5.011  16.478  -11.316 1.00 16.59 ? 4   ALA A CA  1 
ATOM   29  C C   . ALA A 1 5  ? -3.791  15.590  -11.084 1.00 13.45 ? 4   ALA A C   1 
ATOM   30  O O   . ALA A 1 5  ? -3.879  14.346  -11.147 1.00 14.72 ? 4   ALA A O   1 
ATOM   31  C CB  . ALA A 1 5  ? -5.068  16.938  -12.783 1.00 18.01 ? 4   ALA A CB  1 
ATOM   32  N N   . ALA A 1 6  ? -2.654  16.218  -10.811 1.00 11.84 ? 5   ALA A N   1 
ATOM   33  C CA  . ALA A 1 6  ? -1.440  15.462  -10.524 1.00 12.84 ? 5   ALA A CA  1 
ATOM   34  C C   . ALA A 1 6  ? -1.560  14.608  -9.248  1.00 15.19 ? 5   ALA A C   1 
ATOM   35  O O   . ALA A 1 6  ? -1.124  13.470  -9.228  1.00 13.05 ? 5   ALA A O   1 
ATOM   36  C CB  . ALA A 1 6  ? -0.223  16.393  -10.462 1.00 14.15 ? 5   ALA A CB  1 
ATOM   37  N N   . LEU A 1 7  ? -2.158  15.167  -8.203  1.00 12.44 ? 6   LEU A N   1 
ATOM   38  C CA  . LEU A 1 7  ? -2.424  14.452  -6.959  1.00 10.59 ? 6   LEU A CA  1 
ATOM   39  C C   . LEU A 1 7  ? -3.385  13.286  -7.182  1.00 11.89 ? 6   LEU A C   1 
ATOM   40  O O   . LEU A 1 7  ? -3.176  12.208  -6.655  1.00 12.64 ? 6   LEU A O   1 
ATOM   41  C CB  . LEU A 1 7  ? -2.951  15.391  -5.873  1.00 13.99 ? 6   LEU A CB  1 
ATOM   42  C CG  . LEU A 1 7  ? -1.884  16.374  -5.365  1.00 14.68 ? 6   LEU A CG  1 
ATOM   43  C CD1 . LEU A 1 7  ? -2.504  17.501  -4.558  1.00 20.23 ? 6   LEU A CD1 1 
ATOM   44  C CD2 . LEU A 1 7  ? -0.840  15.639  -4.559  1.00 21.58 ? 6   LEU A CD2 1 
ATOM   45  N N   . LYS A 1 8  ? -4.414  13.506  -7.989  1.00 8.95  ? 7   LYS A N   1 
ATOM   46  C CA  . LYS A 1 8  ? -5.333  12.426  -8.371  1.00 11.22 ? 7   LYS A CA  1 
ATOM   47  C C   . LYS A 1 8  ? -4.599  11.286  -9.106  1.00 13.03 ? 7   LYS A C   1 
ATOM   48  O O   . LYS A 1 8  ? -4.870  10.121  -8.846  1.00 13.72 ? 7   LYS A O   1 
ATOM   49  C CB  . LYS A 1 8  ? -6.458  12.962  -9.232  1.00 14.45 ? 7   LYS A CB  1 
ATOM   50  C CG  . LYS A 1 8  ? -7.458  13.807  -8.479  1.00 16.58 ? 7   LYS A CG  1 
ATOM   51  C CD  . LYS A 1 8  ? -8.522  14.323  -9.457  1.00 21.80 ? 7   LYS A CD  1 
ATOM   52  C CE  . LYS A 1 8  ? -9.645  15.004  -8.757  0.50 24.13 ? 7   LYS A CE  1 
ATOM   53  N NZ  . LYS A 1 8  ? -10.649 15.458  -9.743  0.50 18.04 ? 7   LYS A NZ  1 
ATOM   54  N N   . GLN A 1 9  ? -3.688  11.634  -10.012 1.00 12.77 ? 8   GLN A N   1 
ATOM   55  C CA  . GLN A 1 9  ? -2.839  10.635  -10.692 1.00 12.72 ? 8   GLN A CA  1 
ATOM   56  C C   . GLN A 1 9  ? -1.960  9.867   -9.694  1.00 12.01 ? 8   GLN A C   1 
ATOM   57  O O   . GLN A 1 9  ? -1.767  8.643   -9.826  1.00 14.90 ? 8   GLN A O   1 
ATOM   58  C CB  . GLN A 1 9  ? -1.978  11.265  -11.796 1.00 22.08 ? 8   GLN A CB  1 
ATOM   59  C CG  . GLN A 1 9  ? -1.296  10.556  -12.762 0.00 34.62 ? 8   GLN A CG  1 
ATOM   60  C CD  . GLN A 1 9  ? -0.546  11.383  -13.806 0.00 45.70 ? 8   GLN A CD  1 
ATOM   61  O OE1 . GLN A 1 9  ? -0.815  12.574  -13.987 0.00 49.00 ? 8   GLN A OE1 1 
ATOM   62  N NE2 . GLN A 1 9  ? 0.400   10.749  -14.496 0.00 44.32 ? 8   GLN A NE2 1 
ATOM   63  N N   . GLU A 1 10 ? -1.449  10.563  -8.678  1.00 11.84 ? 9   GLU A N   1 
ATOM   64  C CA  . GLU A 1 10 ? -0.671  9.911   -7.627  1.00 12.29 ? 9   GLU A CA  1 
ATOM   65  C C   . GLU A 1 10 ? -1.507  8.879   -6.880  1.00 10.63 ? 9   GLU A C   1 
ATOM   66  O O   . GLU A 1 10 ? -1.039  7.773   -6.619  1.00 13.04 ? 9   GLU A O   1 
ATOM   67  C CB  . GLU A 1 10 ? -0.106  10.912  -6.608  1.00 17.18 ? 9   GLU A CB  1 
ATOM   68  C CG  . GLU A 1 10 ? 0.915   11.877  -7.142  1.00 21.50 ? 9   GLU A CG  1 
ATOM   69  C CD  . GLU A 1 10 ? 2.331   11.349  -7.219  0.50 26.52 ? 9   GLU A CD  1 
ATOM   70  O OE1 . GLU A 1 10 ? 2.578   10.185  -6.872  0.50 21.11 ? 9   GLU A OE1 1 
ATOM   71  O OE2 . GLU A 1 10 ? 3.209   12.130  -7.642  0.50 28.78 ? 9   GLU A OE2 1 
ATOM   72  N N   . ILE A 1 11 ? -2.733  9.248   -6.535  1.00 10.43 ? 10  ILE A N   1 
ATOM   73  C CA  . ILE A 1 11 ? -3.655  8.367   -5.838  1.00 10.77 ? 10  ILE A CA  1 
ATOM   74  C C   . ILE A 1 11 ? -3.967  7.142   -6.728  1.00 10.41 ? 10  ILE A C   1 
ATOM   75  O O   . ILE A 1 11 ? -3.987  5.988   -6.243  1.00 11.65 ? 10  ILE A O   1 
ATOM   76  C CB  . ILE A 1 11 ? -4.983  9.097   -5.451  1.00 12.60 ? 10  ILE A CB  1 
ATOM   77  C CG1 . ILE A 1 11 ? -4.743  10.206  -4.416  1.00 24.48 ? 10  ILE A CG1 1 
ATOM   78  C CG2 . ILE A 1 11 ? -6.015  8.114   -4.882  1.00 13.77 ? 10  ILE A CG2 1 
ATOM   79  C CD1 . ILE A 1 11 ? -4.143  9.753   -3.103  1.00 27.29 ? 10  ILE A CD1 1 
ATOM   80  N N   . ALA A 1 12 ? -4.191  7.373   -8.017  1.00 10.60 ? 11  ALA A N   1 
ATOM   81  C CA  . ALA A 1 12 ? -4.500  6.273   -8.954  1.00 9.36  ? 11  ALA A CA  1 
ATOM   82  C C   . ALA A 1 12 ? -3.334  5.287   -9.000  1.00 12.75 ? 11  ALA A C   1 
ATOM   83  O O   . ALA A 1 12 ? -3.537  4.060   -8.972  1.00 11.24 ? 11  ALA A O   1 
ATOM   84  C CB  . ALA A 1 12 ? -4.786  6.816   -10.331 1.00 13.64 ? 11  ALA A CB  1 
ATOM   85  N N   . ALA A 1 13 ? -2.109  5.826   -9.049  1.00 11.34 ? 12  ALA A N   1 
ATOM   86  C CA  . ALA A 1 13 ? -0.883  5.008   -9.047  1.00 10.43 ? 12  ALA A CA  1 
ATOM   87  C C   . ALA A 1 13 ? -0.737  4.196   -7.759  1.00 8.85  ? 12  ALA A C   1 
ATOM   88  O O   . ALA A 1 13 ? -0.367  3.013   -7.809  1.00 8.92  ? 12  ALA A O   1 
ATOM   89  C CB  . ALA A 1 13 ? 0.345   5.872   -9.272  1.00 11.62 ? 12  ALA A CB  1 
ATOM   90  N N   . LEU A 1 14 ? -1.062  4.801   -6.611  1.00 9.15  ? 13  LEU A N   1 
ATOM   91  C CA  . LEU A 1 14 ? -0.990  4.075   -5.345  1.00 8.82  ? 13  LEU A CA  1 
ATOM   92  C C   . LEU A 1 14 ? -2.008  2.941   -5.319  1.00 7.08  ? 13  LEU A C   1 
ATOM   93  O O   . LEU A 1 14 ? -1.710  1.851   -4.840  1.00 9.37  ? 13  LEU A O   1 
ATOM   94  C CB  . LEU A 1 14 ? -1.189  5.000   -4.150  1.00 8.57  ? 13  LEU A CB  1 
ATOM   95  C CG  . LEU A 1 14 ? -0.091  6.017   -3.855  1.00 13.31 ? 13  LEU A CG  1 
ATOM   96  C CD1 . LEU A 1 14 ? -0.539  6.990   -2.748  1.00 18.17 ? 13  LEU A CD1 1 
ATOM   97  C CD2 . LEU A 1 14 ? 1.211   5.351   -3.505  1.00 25.17 ? 13  LEU A CD2 1 
ATOM   98  N N   . LYS A 1 15 ? -3.204  3.187   -5.849  1.00 7.99  ? 14  LYS A N   1 
ATOM   99  C CA  . LYS A 1 15 ? -4.235  2.153   -5.883  1.00 10.49 ? 14  LYS A CA  1 
ATOM   100 C C   . LYS A 1 15 ? -3.755  0.939   -6.661  1.00 10.76 ? 14  LYS A C   1 
ATOM   101 O O   . LYS A 1 15 ? -3.972  -0.216  -6.253  1.00 9.55  ? 14  LYS A O   1 
ATOM   102 C CB  . LYS A 1 15 ? -5.506  2.706   -6.514  1.00 9.70  ? 14  LYS A CB  1 
ATOM   103 C CG  . LYS A 1 15 ? -6.276  3.633   -5.595  1.00 13.16 ? 14  LYS A CG  1 
ATOM   104 C CD  . LYS A 1 15 ? -7.606  4.024   -6.220  1.00 16.63 ? 14  LYS A CD  1 
ATOM   105 C CE  . LYS A 1 15 ? -8.367  4.961   -5.350  1.00 20.48 ? 14  LYS A CE  1 
ATOM   106 N NZ  . LYS A 1 15 ? -9.468  5.577   -6.110  1.00 26.01 ? 14  LYS A NZ  1 
ATOM   107 N N   . LYS A 1 16 ? -3.126  1.201   -7.806  1.00 7.96  ? 15  LYS A N   1 
ATOM   108 C CA  . LYS A 1 16 ? -2.580  0.115   -8.640  1.00 9.33  ? 15  LYS A CA  1 
ATOM   109 C C   . LYS A 1 16 ? -1.463  -0.641  -7.930  1.00 8.64  ? 15  LYS A C   1 
ATOM   110 O O   . LYS A 1 16 ? -1.360  -1.869  -8.037  1.00 8.57  ? 15  LYS A O   1 
ATOM   111 C CB  . LYS A 1 16 ? -2.104  0.646   -10.000 1.00 10.10 ? 15  LYS A CB  1 
ATOM   112 C CG  . LYS A 1 16 ? -3.239  1.130   -10.917 1.00 11.07 ? 15  LYS A CG  1 
ATOM   113 C CD  . LYS A 1 16 ? -2.710  1.709   -12.212 1.00 11.43 ? 15  LYS A CD  1 
ATOM   114 C CE  . LYS A 1 16 ? -3.827  2.216   -13.062 1.00 14.32 ? 15  LYS A CE  1 
ATOM   115 N NZ  . LYS A 1 16 ? -3.314  3.047   -14.141 1.00 16.88 ? 15  LYS A NZ  1 
ATOM   116 N N   . GLU A 1 17 ? -0.617  0.089   -7.200  1.00 7.79  ? 16  GLU A N   1 
ATOM   117 C CA  . GLU A 1 17 ? 0.420   -0.566  -6.386  1.00 9.29  ? 16  GLU A CA  1 
ATOM   118 C C   . GLU A 1 17 ? -0.197  -1.461  -5.325  1.00 10.33 ? 16  GLU A C   1 
ATOM   119 O O   . GLU A 1 17 ? 0.305   -2.549  -5.047  1.00 11.28 ? 16  GLU A O   1 
ATOM   120 C CB  . GLU A 1 17 ? 1.345   0.450   -5.723  1.00 12.43 ? 16  GLU A CB  1 
ATOM   121 C CG  . GLU A 1 17 ? 2.207   1.241   -6.717  1.00 20.00 ? 16  GLU A CG  1 
ATOM   122 C CD  . GLU A 1 17 ? 3.613   0.707   -6.856  0.50 18.08 ? 16  GLU A CD  1 
ATOM   123 O OE1 . GLU A 1 17 ? 3.762   -0.515  -6.945  0.50 13.57 ? 16  GLU A OE1 1 
ATOM   124 O OE2 . GLU A 1 17 ? 4.563   1.515   -6.873  0.50 19.01 ? 16  GLU A OE2 1 
ATOM   125 N N   . ILE A 1 18 ? -1.269  -0.987  -4.705  1.00 10.52 ? 17  ILE A N   1 
ATOM   126 C CA  . ILE A 1 18 ? -1.896  -1.730  -3.618  1.00 8.74  ? 17  ILE A CA  1 
ATOM   127 C C   . ILE A 1 18 ? -2.536  -3.001  -4.180  1.00 9.73  ? 17  ILE A C   1 
ATOM   128 O O   . ILE A 1 18 ? -2.396  -4.109  -3.601  1.00 10.00 ? 17  ILE A O   1 
ATOM   129 C CB  . ILE A 1 18 ? -2.876  -0.840  -2.852  1.00 10.25 ? 17  ILE A CB  1 
ATOM   130 C CG1 . ILE A 1 18 ? -2.051  0.120   -1.951  1.00 16.62 ? 17  ILE A CG1 1 
ATOM   131 C CG2 . ILE A 1 18 ? -3.888  -1.684  -2.094  1.00 13.73 ? 17  ILE A CG2 1 
ATOM   132 C CD1 . ILE A 1 18 ? -2.766  1.368   -1.494  1.00 18.32 ? 17  ILE A CD1 1 
ATOM   133 N N   . ALA A 1 19 ? -3.223  -2.849  -5.309  1.00 8.41  ? 18  ALA A N   1 
ATOM   134 C CA  . ALA A 1 19 ? -3.840  -3.996  -6.002  1.00 10.20 ? 18  ALA A CA  1 
ATOM   135 C C   . ALA A 1 19 ? -2.792  -5.050  -6.334  1.00 12.60 ? 18  ALA A C   1 
ATOM   136 O O   . ALA A 1 19 ? -3.037  -6.226  -6.094  1.00 12.12 ? 18  ALA A O   1 
ATOM   137 C CB  . ALA A 1 19 ? -4.575  -3.563  -7.268  1.00 10.34 ? 18  ALA A CB  1 
ATOM   138 N N   . ALA A 1 20 ? -1.634  -4.623  -6.847  1.00 9.42  ? 19  ALA A N   1 
ATOM   139 C CA  . ALA A 1 20 ? -0.536  -5.550  -7.182  1.00 7.72  ? 19  ALA A CA  1 
ATOM   140 C C   . ALA A 1 20 ? -0.091  -6.333  -5.943  1.00 10.66 ? 19  ALA A C   1 
ATOM   141 O O   . ALA A 1 20 ? 0.172   -7.536  -6.030  1.00 10.99 ? 19  ALA A O   1 
ATOM   142 C CB  . ALA A 1 20 ? 0.670   -4.823  -7.817  1.00 9.12  ? 19  ALA A CB  1 
ATOM   143 N N   . LEU A 1 21 ? -0.002  -5.655  -4.801  1.00 6.56  ? 20  LEU A N   1 
ATOM   144 C CA  . LEU A 1 21 ? 0.428   -6.299  -3.574  1.00 7.46  ? 20  LEU A CA  1 
ATOM   145 C C   . LEU A 1 21 ? -0.646  -7.292  -3.119  1.00 8.27  ? 20  LEU A C   1 
ATOM   146 O O   . LEU A 1 21 ? -0.322  -8.363  -2.616  1.00 9.47  ? 20  LEU A O   1 
ATOM   147 C CB  . LEU A 1 21 ? 0.717   -5.280  -2.470  1.00 10.06 ? 20  LEU A CB  1 
ATOM   148 C CG  . LEU A 1 21 ? 1.921   -4.368  -2.708  1.00 11.46 ? 20  LEU A CG  1 
ATOM   149 C CD1 . LEU A 1 21 ? 1.958   -3.245  -1.645  1.00 20.07 ? 20  LEU A CD1 1 
ATOM   150 C CD2 . LEU A 1 21 ? 3.249   -5.132  -2.745  1.00 23.44 ? 20  LEU A CD2 1 
ATOM   151 N N   . LYS A 1 22 ? -1.922  -6.952  -3.301  1.00 8.64  ? 21  LYS A N   1 
ATOM   152 C CA  . LYS A 1 22 ? -2.988  -7.893  -2.973  1.00 9.86  ? 21  LYS A CA  1 
ATOM   153 C C   . LYS A 1 22 ? -2.890  -9.196  -3.789  1.00 8.27  ? 21  LYS A C   1 
ATOM   154 O O   . LYS A 1 22 ? -3.095  -10.271 -3.234  1.00 10.42 ? 21  LYS A O   1 
ATOM   155 C CB  . LYS A 1 22 ? -4.353  -7.257  -3.169  1.00 11.02 ? 21  LYS A CB  1 
ATOM   156 C CG  . LYS A 1 22 ? -4.713  -6.266  -2.102  1.00 14.86 ? 21  LYS A CG  1 
ATOM   157 C CD  . LYS A 1 22 ? -6.084  -5.685  -2.434  1.00 22.25 ? 21  LYS A CD  1 
ATOM   158 C CE  . LYS A 1 22 ? -6.636  -4.840  -1.337  1.00 27.62 ? 21  LYS A CE  1 
ATOM   159 N NZ  . LYS A 1 22 ? -8.015  -4.366  -1.683  1.00 23.37 ? 21  LYS A NZ  1 
HETATM 160 N N   . PHI A 1 23 ? -2.598  -9.093  -5.089  1.00 8.43  ? 22  PHI A N   1 
HETATM 161 C CA  . PHI A 1 23 ? -2.305  -10.264 -5.945  1.00 8.29  ? 22  PHI A CA  1 
HETATM 162 C CB  . PHI A 1 23 ? -1.967  -9.917  -7.400  1.00 10.24 ? 22  PHI A CB  1 
HETATM 163 C CG  . PHI A 1 23 ? -3.217  -9.595  -8.166  1.00 17.74 ? 22  PHI A CG  1 
HETATM 164 C CD1 . PHI A 1 23 ? -3.963  -10.619 -8.716  1.00 18.90 ? 22  PHI A CD1 1 
HETATM 165 C CD2 . PHI A 1 23 ? -3.621  -8.283  -8.334  1.00 24.23 ? 22  PHI A CD2 1 
HETATM 166 C CE1 . PHI A 1 23 ? -5.130  -10.341 -9.412  1.00 25.52 ? 22  PHI A CE1 1 
HETATM 167 C CE2 . PHI A 1 23 ? -4.787  -7.978  -9.025  1.00 29.95 ? 22  PHI A CE2 1 
HETATM 168 C CZ  . PHI A 1 23 ? -5.539  -9.020  -9.572  1.00 19.87 ? 22  PHI A CZ  1 
HETATM 169 I I   . PHI A 1 23 ? -7.295  -8.640  -10.603 0.50 25.95 ? 22  PHI A I   1 
HETATM 170 C C   . PHI A 1 23 ? -1.161  -11.094 -5.377  1.00 8.59  ? 22  PHI A C   1 
HETATM 171 O O   . PHI A 1 23 ? -1.277  -12.320 -5.270  1.00 10.23 ? 22  PHI A O   1 
ATOM   172 N N   . GLU A 1 24 ? -0.069  -10.443 -4.966  1.00 7.43  ? 23  GLU A N   1 
ATOM   173 C CA  . GLU A 1 24 ? 1.081   -11.160 -4.370  1.00 8.35  ? 23  GLU A CA  1 
ATOM   174 C C   . GLU A 1 24 ? 0.696   -11.925 -3.106  1.00 8.84  ? 23  GLU A C   1 
ATOM   175 O O   . GLU A 1 24 ? 1.113   -13.050 -2.907  1.00 10.98 ? 23  GLU A O   1 
ATOM   176 C CB  . GLU A 1 24 ? 2.244   -10.213 -4.066  1.00 10.54 ? 23  GLU A CB  1 
ATOM   177 C CG  . GLU A 1 24 ? 2.843   -9.444  -5.268  1.00 11.12 ? 23  GLU A CG  1 
ATOM   178 C CD  . GLU A 1 24 ? 3.777   -10.246 -6.171  1.00 17.34 ? 23  GLU A CD  1 
ATOM   179 O OE1 . GLU A 1 24 ? 4.092   -11.422 -5.875  1.00 15.79 ? 23  GLU A OE1 1 
ATOM   180 O OE2 . GLU A 1 24 ? 4.236   -9.662  -7.176  1.00 27.48 ? 23  GLU A OE2 1 
ATOM   181 N N   . ILE A 1 25 ? -0.088  -11.289 -2.254  1.00 8.01  ? 24  ILE A N   1 
ATOM   182 C CA  . ILE A 1 25 ? -0.585  -11.895 -1.031  1.00 8.18  ? 24  ILE A CA  1 
ATOM   183 C C   . ILE A 1 25 ? -1.482  -13.101 -1.337  1.00 8.28  ? 24  ILE A C   1 
ATOM   184 O O   . ILE A 1 25 ? -1.315  -14.165 -0.710  1.00 8.33  ? 24  ILE A O   1 
ATOM   185 C CB  . ILE A 1 25 ? -1.270  -10.846 -0.122  1.00 9.23  ? 24  ILE A CB  1 
ATOM   186 C CG1 . ILE A 1 25 ? -0.191  -9.943  0.509   1.00 16.03 ? 24  ILE A CG1 1 
ATOM   187 C CG2 . ILE A 1 25 ? -2.143  -11.535 0.952   1.00 9.82  ? 24  ILE A CG2 1 
ATOM   188 C CD1 . ILE A 1 25 ? -0.678  -8.635  1.001   1.00 24.82 ? 24  ILE A CD1 1 
ATOM   189 N N   . ALA A 1 26 ? -2.366  -12.964 -2.338  1.00 8.17  ? 25  ALA A N   1 
ATOM   190 C CA  . ALA A 1 26 ? -3.215  -14.078 -2.767  1.00 8.72  ? 25  ALA A CA  1 
ATOM   191 C C   . ALA A 1 26 ? -2.375  -15.309 -3.142  1.00 10.59 ? 25  ALA A C   1 
ATOM   192 O O   . ALA A 1 26 ? -2.687  -16.434 -2.704  1.00 10.30 ? 25  ALA A O   1 
ATOM   193 C CB  . ALA A 1 26 ? -4.106  -13.666 -3.907  1.00 8.26  ? 25  ALA A CB  1 
ATOM   194 N N   . ALA A 1 27 ? -1.322  -15.072 -3.926  1.00 8.17  ? 26  ALA A N   1 
ATOM   195 C CA  . ALA A 1 27 ? -0.383  -16.126 -4.354  1.00 7.52  ? 26  ALA A CA  1 
ATOM   196 C C   . ALA A 1 27 ? 0.311   -16.770 -3.160  1.00 8.00  ? 26  ALA A C   1 
ATOM   197 O O   . ALA A 1 27 ? 0.455   -17.997 -3.104  1.00 10.54 ? 26  ALA A O   1 
ATOM   198 C CB  . ALA A 1 27 ? 0.642   -15.611 -5.376  1.00 8.34  ? 26  ALA A CB  1 
ATOM   199 N N   . LEU A 1 28 ? 0.734   -15.964 -2.192  1.00 8.03  ? 27  LEU A N   1 
ATOM   200 C CA  . LEU A 1 28 ? 1.357   -16.505 -0.980  1.00 7.45  ? 27  LEU A CA  1 
ATOM   201 C C   . LEU A 1 28 ? 0.402   -17.356 -0.186  1.00 9.46  ? 27  LEU A C   1 
ATOM   202 O O   . LEU A 1 28 ? 0.817   -18.365 0.384   1.00 9.55  ? 27  LEU A O   1 
ATOM   203 C CB  . LEU A 1 28 ? 1.939   -15.387 -0.115  1.00 8.58  ? 27  LEU A CB  1 
ATOM   204 C CG  . LEU A 1 28 ? 3.264   -14.828 -0.663  1.00 7.44  ? 27  LEU A CG  1 
ATOM   205 C CD1 . LEU A 1 28 ? 3.524   -13.460 -0.091  1.00 11.38 ? 27  LEU A CD1 1 
ATOM   206 C CD2 . LEU A 1 28 ? 4.432   -15.778 -0.372  1.00 12.77 ? 27  LEU A CD2 1 
ATOM   207 N N   . LYS A 1 29 ? -0.868  -16.931 -0.112  1.00 8.49  ? 28  LYS A N   1 
ATOM   208 C CA  . LYS A 1 29 ? -1.896  -17.741 0.548   1.00 9.04  ? 28  LYS A CA  1 
ATOM   209 C C   . LYS A 1 29 ? -2.157  -19.045 -0.213  1.00 8.07  ? 28  LYS A C   1 
ATOM   210 O O   . LYS A 1 29 ? -2.357  -20.106 0.401   1.00 9.46  ? 28  LYS A O   1 
ATOM   211 C CB  . LYS A 1 29 ? -3.195  -16.961 0.702   1.00 11.14 ? 28  LYS A CB  1 
ATOM   212 C CG  . LYS A 1 29 ? -3.123  -15.829 1.683   1.00 11.02 ? 28  LYS A CG  1 
ATOM   213 C CD  . LYS A 1 29 ? -4.486  -15.124 1.731   1.00 20.45 ? 28  LYS A CD  1 
ATOM   214 C CE  . LYS A 1 29 ? -4.600  -14.105 2.821   0.50 25.92 ? 28  LYS A CE  1 
ATOM   215 N NZ  . LYS A 1 29 ? -5.971  -13.544 2.804   0.50 23.33 ? 28  LYS A NZ  1 
ATOM   216 N N   . GLN A 1 30 ? -2.170  -18.978 -1.538  1.00 9.41  ? 29  GLN A N   1 
ATOM   217 C CA  . GLN A 1 30 ? -2.367  -20.186 -2.341  1.00 8.67  ? 29  GLN A CA  1 
ATOM   218 C C   . GLN A 1 30 ? -1.266  -21.205 -2.077  1.00 8.50  ? 29  GLN A C   1 
ATOM   219 O O   . GLN A 1 30 ? -1.538  -22.397 -1.883  1.00 9.99  ? 29  GLN A O   1 
ATOM   220 C CB  . GLN A 1 30 ? -2.394  -19.872 -3.847  1.00 10.10 ? 29  GLN A CB  1 
ATOM   221 C CG  . GLN A 1 30 ? -3.043  -21.008 -4.678  1.00 13.48 ? 29  GLN A CG  1 
ATOM   222 C CD  . GLN A 1 30 ? -4.574  -21.066 -4.523  1.00 12.96 ? 29  GLN A CD  1 
ATOM   223 O OE1 . GLN A 1 30 ? -5.203  -20.081 -4.131  1.00 14.91 ? 29  GLN A OE1 1 
ATOM   224 N NE2 . GLN A 1 30 ? -5.173  -22.212 -4.844  1.00 16.03 ? 29  GLN A NE2 1 
ATOM   225 N N   . GLY A 1 31 ? -0.034  -20.725 -2.058  1.00 9.98  ? 30  GLY A N   1 
ATOM   226 C CA  . GLY A 1 31 ? 1.130   -21.551 -1.722  1.00 9.39  ? 30  GLY A CA  1 
ATOM   227 C C   . GLY A 1 31 ? 1.105   -22.143 -0.316  1.00 11.63 ? 30  GLY A C   1 
ATOM   228 O O   . GLY A 1 31 ? 1.603   -23.224 -0.085  1.00 12.76 ? 30  GLY A O   1 
ATOM   229 N N   . TYR A 1 32 ? 0.546   -21.411 0.633   1.00 8.07  ? 31  TYR A N   1 
ATOM   230 C CA  . TYR A 1 32 ? 0.489   -21.840 2.009   1.00 7.65  ? 31  TYR A CA  1 
ATOM   231 C C   . TYR A 1 32 ? -0.533  -22.949 2.225   1.00 11.03 ? 31  TYR A C   1 
ATOM   232 O O   . TYR A 1 32 ? -0.199  -23.984 2.779   1.00 11.11 ? 31  TYR A O   1 
ATOM   233 C CB  . TYR A 1 32 ? 0.186   -20.649 2.915   1.00 8.12  ? 31  TYR A CB  1 
ATOM   234 C CG  . TYR A 1 32 ? 0.167   -21.018 4.382   1.00 8.51  ? 31  TYR A CG  1 
ATOM   235 C CD1 . TYR A 1 32 ? 1.349   -21.258 5.056   1.00 11.62 ? 31  TYR A CD1 1 
ATOM   236 C CD2 . TYR A 1 32 ? -1.023  -21.129 5.085   1.00 11.28 ? 31  TYR A CD2 1 
ATOM   237 C CE1 . TYR A 1 32 ? 1.362   -21.588 6.373   1.00 14.56 ? 31  TYR A CE1 1 
ATOM   238 C CE2 . TYR A 1 32 ? -1.016  -21.454 6.434   1.00 14.21 ? 31  TYR A CE2 1 
ATOM   239 C CZ  . TYR A 1 32 ? 0.184   -21.690 7.064   1.00 15.43 ? 31  TYR A CZ  1 
ATOM   240 O OH  . TYR A 1 32 ? 0.221   -22.034 8.390   1.00 18.63 ? 31  TYR A OH  1 
ATOM   241 N N   . TYR A 1 33 ? -1.778  -22.729 1.808   1.00 11.87 ? 32  TYR A N   1 
ATOM   242 C CA  . TYR A 1 33 ? -2.862  -23.706 2.051   1.00 13.86 ? 32  TYR A CA  1 
ATOM   243 C C   . TYR A 1 33 ? -2.880  -24.811 1.000   1.00 21.69 ? 32  TYR A C   1 
ATOM   244 O O   . TYR A 1 33 ? -2.407  -24.585 -0.139  1.00 19.77 ? 32  TYR A O   1 
ATOM   245 C CB  . TYR A 1 33 ? -4.234  -23.006 2.091   1.00 15.01 ? 32  TYR A CB  1 
ATOM   246 C CG  . TYR A 1 33 ? -4.418  -22.025 3.240   1.00 15.87 ? 32  TYR A CG  1 
ATOM   247 C CD1 . TYR A 1 33 ? -4.722  -22.482 4.509   1.00 19.29 ? 32  TYR A CD1 1 
ATOM   248 C CD2 . TYR A 1 33 ? -4.285  -20.655 3.054   1.00 13.54 ? 32  TYR A CD2 1 
ATOM   249 C CE1 . TYR A 1 33 ? -4.896  -21.615 5.568   1.00 16.63 ? 32  TYR A CE1 1 
ATOM   250 C CE2 . TYR A 1 33 ? -4.459  -19.759 4.119   1.00 19.03 ? 32  TYR A CE2 1 
ATOM   251 C CZ  . TYR A 1 33 ? -4.766  -20.244 5.370   1.00 19.55 ? 32  TYR A CZ  1 
ATOM   252 O OH  . TYR A 1 33 ? -4.933  -19.391 6.440   1.00 17.74 ? 32  TYR A OH  1 
HETATM 253 C C   . ACE B 1 1  ? -16.049 19.388  -1.038  1.00 28.41 ? 0   ACE B C   1 
HETATM 254 O O   . ACE B 1 1  ? -16.825 19.100  -1.949  1.00 35.38 ? 0   ACE B O   1 
HETATM 255 C CH3 . ACE B 1 1  ? -16.326 18.976  0.387   1.00 32.62 ? 0   ACE B CH3 1 
ATOM   256 N N   . GLY B 1 2  ? -14.824 19.863  -1.288  1.00 20.65 ? 1   GLY B N   1 
ATOM   257 C CA  . GLY B 1 2  ? -14.266 19.996  -2.637  1.00 15.05 ? 1   GLY B CA  1 
ATOM   258 C C   . GLY B 1 2  ? -13.207 18.933  -2.925  1.00 13.82 ? 1   GLY B C   1 
ATOM   259 O O   . GLY B 1 2  ? -13.210 17.860  -2.330  1.00 14.17 ? 1   GLY B O   1 
ATOM   260 N N   . GLU B 1 3  ? -12.299 19.244  -3.849  1.00 13.60 ? 2   GLU B N   1 
ATOM   261 C CA  . GLU B 1 3  ? -11.299 18.283  -4.306  1.00 12.34 ? 2   GLU B CA  1 
ATOM   262 C C   . GLU B 1 3  ? -10.354 17.833  -3.179  1.00 11.71 ? 2   GLU B C   1 
ATOM   263 O O   . GLU B 1 3  ? -9.969  16.666  -3.113  1.00 13.33 ? 2   GLU B O   1 
ATOM   264 C CB  . GLU B 1 3  ? -10.503 18.841  -5.478  1.00 15.47 ? 2   GLU B CB  1 
ATOM   265 C CG  . GLU B 1 3  ? -11.319 19.170  -6.734  1.00 17.08 ? 2   GLU B CG  1 
ATOM   266 C CD  . GLU B 1 3  ? -11.692 17.971  -7.582  1.00 23.96 ? 2   GLU B CD  1 
ATOM   267 O OE1 . GLU B 1 3  ? -11.350 16.837  -7.220  1.00 21.61 ? 2   GLU B OE1 1 
ATOM   268 O OE2 . GLU B 1 3  ? -12.345 18.174  -8.625  1.00 34.30 ? 2   GLU B OE2 1 
ATOM   269 N N   . ILE B 1 4  ? -9.981  18.749  -2.292  1.00 11.07 ? 3   ILE B N   1 
ATOM   270 C CA  . ILE B 1 4  ? -9.054  18.404  -1.215  1.00 13.21 ? 3   ILE B CA  1 
ATOM   271 C C   . ILE B 1 4  ? -9.715  17.427  -0.228  1.00 13.56 ? 3   ILE B C   1 
ATOM   272 O O   . ILE B 1 4  ? -9.096  16.433  0.164   1.00 14.86 ? 3   ILE B O   1 
ATOM   273 C CB  . ILE B 1 4  ? -8.500  19.680  -0.529  1.00 14.28 ? 3   ILE B CB  1 
ATOM   274 C CG1 . ILE B 1 4  ? -7.759  20.550  -1.565  1.00 17.01 ? 3   ILE B CG1 1 
ATOM   275 C CG2 . ILE B 1 4  ? -7.621  19.335  0.669   1.00 20.69 ? 3   ILE B CG2 1 
ATOM   276 C CD1 . ILE B 1 4  ? -6.732  19.860  -2.406  1.00 25.47 ? 3   ILE B CD1 1 
ATOM   277 N N   . ALA B 1 5  ? -10.968 17.678  0.148   1.00 13.05 ? 4   ALA B N   1 
ATOM   278 C CA  . ALA B 1 5  ? -11.695 16.748  1.010   1.00 14.14 ? 4   ALA B CA  1 
ATOM   279 C C   . ALA B 1 5  ? -11.791 15.356  0.387   1.00 12.66 ? 4   ALA B C   1 
ATOM   280 O O   . ALA B 1 5  ? -11.659 14.353  1.081   1.00 14.68 ? 4   ALA B O   1 
ATOM   281 C CB  . ALA B 1 5  ? -13.099 17.279  1.345   1.00 15.75 ? 4   ALA B CB  1 
ATOM   282 N N   . ALA B 1 6  ? -12.054 15.302  -0.911  1.00 12.17 ? 5   ALA B N   1 
ATOM   283 C CA  . ALA B 1 6  ? -12.126 14.030  -1.648  1.00 12.53 ? 5   ALA B CA  1 
ATOM   284 C C   . ALA B 1 6  ? -10.800 13.300  -1.586  1.00 14.83 ? 5   ALA B C   1 
ATOM   285 O O   . ALA B 1 6  ? -10.775 12.088  -1.365  1.00 19.41 ? 5   ALA B O   1 
ATOM   286 C CB  . ALA B 1 6  ? -12.534 14.265  -3.121  1.00 12.84 ? 5   ALA B CB  1 
ATOM   287 N N   . LEU B 1 7  ? -9.707  14.032  -1.786  1.00 11.94 ? 6   LEU B N   1 
ATOM   288 C CA  . LEU B 1 7  ? -8.376  13.432  -1.778  1.00 11.30 ? 6   LEU B CA  1 
ATOM   289 C C   . LEU B 1 7  ? -8.057  12.902  -0.376  1.00 14.62 ? 6   LEU B C   1 
ATOM   290 O O   . LEU B 1 7  ? -7.457  11.827  -0.231  1.00 14.64 ? 6   LEU B O   1 
ATOM   291 C CB  . LEU B 1 7  ? -7.310  14.451  -2.219  1.00 12.28 ? 6   LEU B CB  1 
ATOM   292 C CG  . LEU B 1 7  ? -7.120  14.685  -3.713  1.00 18.22 ? 6   LEU B CG  1 
ATOM   293 C CD1 . LEU B 1 7  ? -6.289  15.943  -3.965  1.00 21.65 ? 6   LEU B CD1 1 
ATOM   294 C CD2 . LEU B 1 7  ? -6.467  13.463  -4.343  1.00 27.29 ? 6   LEU B CD2 1 
ATOM   295 N N   . LYS B 1 8  ? -8.462  13.646  0.663   1.00 13.53 ? 7   LYS B N   1 
ATOM   296 C CA  . LYS B 1 8  ? -8.220  13.201  2.033   1.00 11.94 ? 7   LYS B CA  1 
ATOM   297 C C   . LYS B 1 8  ? -8.949  11.877  2.313   1.00 15.28 ? 7   LYS B C   1 
ATOM   298 O O   . LYS B 1 8  ? -8.416  11.005  3.046   1.00 18.09 ? 7   LYS B O   1 
ATOM   299 C CB  . LYS B 1 8  ? -8.632  14.282  3.058   1.00 13.78 ? 7   LYS B CB  1 
ATOM   300 C CG  . LYS B 1 8  ? -7.729  15.471  3.057   1.00 20.68 ? 7   LYS B CG  1 
ATOM   301 C CD  . LYS B 1 8  ? -8.311  16.659  3.847   1.00 25.24 ? 7   LYS B CD  1 
ATOM   302 C CE  . LYS B 1 8  ? -8.308  16.448  5.331   0.50 27.99 ? 7   LYS B CE  1 
ATOM   303 N NZ  . LYS B 1 8  ? -8.622  17.733  6.006   0.50 28.16 ? 7   LYS B NZ  1 
ATOM   304 N N   . GLN B 1 9  ? -10.150 11.725  1.732   1.00 14.00 ? 8   GLN B N   1 
ATOM   305 C CA  . GLN B 1 9  ? -10.943 10.510  1.923   1.00 11.72 ? 8   GLN B CA  1 
ATOM   306 C C   . GLN B 1 9  ? -10.289 9.328   1.214   1.00 15.01 ? 8   GLN B C   1 
ATOM   307 O O   . GLN B 1 9  ? -10.235 8.227   1.767   1.00 14.82 ? 8   GLN B O   1 
ATOM   308 C CB  . GLN B 1 9  ? -12.393 10.706  1.486   1.00 17.92 ? 8   GLN B CB  1 
ATOM   309 C CG  . GLN B 1 9  ? -13.230 11.481  2.511   0.50 26.30 ? 8   GLN B CG  1 
ATOM   310 C CD  . GLN B 1 9  ? -13.314 10.774  3.866   0.50 28.30 ? 8   GLN B CD  1 
ATOM   311 O OE1 . GLN B 1 9  ? -13.797 9.640   3.974   0.50 23.20 ? 8   GLN B OE1 1 
ATOM   312 N NE2 . GLN B 1 9  ? -12.838 11.445  4.901   0.50 29.24 ? 8   GLN B NE2 1 
ATOM   313 N N   . GLU B 1 10 ? -9.782  9.567   0.001   1.00 14.63 ? 9   GLU B N   1 
ATOM   314 C CA  . GLU B 1 10 ? -9.007  8.552   -0.748  1.00 12.97 ? 9   GLU B CA  1 
ATOM   315 C C   . GLU B 1 10 ? -7.766  8.107   0.031   1.00 14.51 ? 9   GLU B C   1 
ATOM   316 O O   . GLU B 1 10 ? -7.476  6.902   0.147   1.00 14.69 ? 9   GLU B O   1 
ATOM   317 C CB  . GLU B 1 10 ? -8.576  9.082   -2.111  1.00 13.10 ? 9   GLU B CB  1 
ATOM   318 C CG  . GLU B 1 10 ? -9.708  9.399   -3.054  1.00 24.16 ? 9   GLU B CG  1 
ATOM   319 C CD  . GLU B 1 10 ? -10.341 8.196   -3.710  0.50 26.07 ? 9   GLU B CD  1 
ATOM   320 O OE1 . GLU B 1 10 ? -9.984  7.055   -3.387  0.50 22.70 ? 9   GLU B OE1 1 
ATOM   321 O OE2 . GLU B 1 10 ? -11.216 8.412   -4.566  0.50 30.52 ? 9   GLU B OE2 1 
ATOM   322 N N   . ILE B 1 11 ? -7.033  9.073   0.575   1.00 14.58 ? 10  ILE B N   1 
ATOM   323 C CA  . ILE B 1 11 ? -5.842  8.774   1.370   1.00 14.12 ? 10  ILE B CA  1 
ATOM   324 C C   . ILE B 1 11 ? -6.195  7.944   2.608   1.00 13.46 ? 10  ILE B C   1 
ATOM   325 O O   . ILE B 1 11 ? -5.491  7.005   2.920   1.00 14.54 ? 10  ILE B O   1 
ATOM   326 C CB  . ILE B 1 11 ? -5.060  10.060  1.759   1.00 15.63 ? 10  ILE B CB  1 
ATOM   327 C CG1 . ILE B 1 11 ? -4.372  10.625  0.518   1.00 16.53 ? 10  ILE B CG1 1 
ATOM   328 C CG2 . ILE B 1 11 ? -4.016  9.758   2.833   1.00 19.98 ? 10  ILE B CG2 1 
ATOM   329 C CD1 . ILE B 1 11 ? -3.788  11.987  0.721   1.00 30.84 ? 10  ILE B CD1 1 
ATOM   330 N N   . ALA B 1 12 ? -7.300  8.264   3.274   1.00 12.72 ? 11  ALA B N   1 
ATOM   331 C CA  . ALA B 1 12 ? -7.765  7.509   4.450   1.00 12.85 ? 11  ALA B CA  1 
ATOM   332 C C   . ALA B 1 12 ? -8.052  6.056   4.100   1.00 14.72 ? 11  ALA B C   1 
ATOM   333 O O   . ALA B 1 12 ? -7.689  5.141   4.851   1.00 13.12 ? 11  ALA B O   1 
ATOM   334 C CB  . ALA B 1 12 ? -9.021  8.155   5.039   1.00 15.14 ? 11  ALA B CB  1 
ATOM   335 N N   . ALA B 1 13 ? -8.690  5.849   2.955   1.00 11.64 ? 12  ALA B N   1 
ATOM   336 C CA  . ALA B 1 13 ? -8.976  4.505   2.464   1.00 11.41 ? 12  ALA B CA  1 
ATOM   337 C C   . ALA B 1 13 ? -7.686  3.745   2.182   1.00 13.09 ? 12  ALA B C   1 
ATOM   338 O O   . ALA B 1 13 ? -7.551  2.588   2.565   1.00 13.63 ? 12  ALA B O   1 
ATOM   339 C CB  . ALA B 1 13 ? -9.792  4.580   1.212   1.00 15.33 ? 12  ALA B CB  1 
ATOM   340 N N   . LEU B 1 14 ? -6.743  4.399   1.503   1.00 12.17 ? 13  LEU B N   1 
ATOM   341 C CA  . LEU B 1 14 ? -5.430  3.777   1.206   1.00 11.17 ? 13  LEU B CA  1 
ATOM   342 C C   . LEU B 1 14 ? -4.702  3.384   2.491   1.00 11.39 ? 13  LEU B C   1 
ATOM   343 O O   . LEU B 1 14 ? -4.114  2.315   2.561   1.00 12.05 ? 13  LEU B O   1 
ATOM   344 C CB  . LEU B 1 14 ? -4.547  4.685   0.333   1.00 14.39 ? 13  LEU B CB  1 
ATOM   345 C CG  . LEU B 1 14 ? -5.046  4.849   -1.113  1.00 17.83 ? 13  LEU B CG  1 
ATOM   346 C CD1 . LEU B 1 14 ? -4.150  5.805   -1.891  1.00 24.73 ? 13  LEU B CD1 1 
ATOM   347 C CD2 . LEU B 1 14 ? -5.183  3.531   -1.848  1.00 33.99 ? 13  LEU B CD2 1 
ATOM   348 N N   . LYS B 1 15 ? -4.754  4.235   3.518   1.00 11.57 ? 14  LYS B N   1 
ATOM   349 C CA  . LYS B 1 15 ? -4.126  3.908   4.808   1.00 9.06  ? 14  LYS B CA  1 
ATOM   350 C C   . LYS B 1 15 ? -4.717  2.653   5.477   1.00 10.79 ? 14  LYS B C   1 
ATOM   351 O O   . LYS B 1 15 ? -3.977  1.840   6.034   1.00 12.03 ? 14  LYS B O   1 
ATOM   352 C CB  . LYS B 1 15 ? -4.197  5.095   5.770   1.00 12.35 ? 14  LYS B CB  1 
ATOM   353 C CG  . LYS B 1 15 ? -3.346  6.270   5.352   1.00 18.07 ? 14  LYS B CG  1 
ATOM   354 C CD  . LYS B 1 15 ? -3.574  7.473   6.266   1.00 27.52 ? 14  LYS B CD  1 
ATOM   355 C CE  . LYS B 1 15 ? -2.869  7.330   7.585   0.50 26.33 ? 14  LYS B CE  1 
ATOM   356 N NZ  . LYS B 1 15 ? -2.763  8.655   8.254   0.50 25.76 ? 14  LYS B NZ  1 
ATOM   357 N N   . LYS B 1 16 ? -6.041  2.490   5.413   1.00 12.19 ? 15  LYS B N   1 
ATOM   358 C CA  . LYS B 1 16 ? -6.707  1.263   5.868   1.00 13.94 ? 15  LYS B CA  1 
ATOM   359 C C   . LYS B 1 16 ? -6.253  0.039   5.062   1.00 13.35 ? 15  LYS B C   1 
ATOM   360 O O   . LYS B 1 16 ? -6.046  -1.027  5.640   1.00 13.15 ? 15  LYS B O   1 
ATOM   361 C CB  . LYS B 1 16 ? -8.225  1.384   5.753   1.00 16.85 ? 15  LYS B CB  1 
ATOM   362 C CG  . LYS B 1 16 ? -8.903  2.399   6.654   1.00 23.88 ? 15  LYS B CG  1 
ATOM   363 C CD  . LYS B 1 16 ? -10.349 2.573   6.199   0.50 32.50 ? 15  LYS B CD  1 
ATOM   364 C CE  . LYS B 1 16 ? -11.226 3.068   7.304   0.50 39.26 ? 15  LYS B CE  1 
ATOM   365 N NZ  . LYS B 1 16 ? -12.625 3.297   6.847   0.50 40.58 ? 15  LYS B NZ  1 
ATOM   366 N N   . GLU B 1 17 ? -6.168  0.177   3.738   1.00 12.93 ? 16  GLU B N   1 
ATOM   367 C CA  . GLU B 1 17 ? -5.681  -0.901  2.867   1.00 13.05 ? 16  GLU B CA  1 
ATOM   368 C C   . GLU B 1 17 ? -4.251  -1.330  3.228   1.00 11.49 ? 16  GLU B C   1 
ATOM   369 O O   . GLU B 1 17 ? -3.940  -2.526  3.292   1.00 13.01 ? 16  GLU B O   1 
ATOM   370 C CB  . GLU B 1 17 ? -5.695  -0.485  1.393   1.00 15.61 ? 16  GLU B CB  1 
ATOM   371 C CG  . GLU B 1 17 ? -7.042  -0.185  0.817   1.00 23.76 ? 16  GLU B CG  1 
ATOM   372 C CD  . GLU B 1 17 ? -7.806  -1.405  0.372   1.00 30.66 ? 16  GLU B CD  1 
ATOM   373 O OE1 . GLU B 1 17 ? -7.302  -2.543  0.481   1.00 28.76 ? 16  GLU B OE1 1 
ATOM   374 O OE2 . GLU B 1 17 ? -8.941  -1.214  -0.084  1.00 30.12 ? 16  GLU B OE2 1 
ATOM   375 N N   . ILE B 1 18 ? -3.385  -0.357  3.456   1.00 11.32 ? 17  ILE B N   1 
ATOM   376 C CA  . ILE B 1 18 ? -2.003  -0.632  3.855   1.00 10.45 ? 17  ILE B CA  1 
ATOM   377 C C   . ILE B 1 18 ? -1.939  -1.366  5.191   1.00 9.77  ? 17  ILE B C   1 
ATOM   378 O O   . ILE B 1 18 ? -1.204  -2.345  5.318   1.00 12.19 ? 17  ILE B O   1 
ATOM   379 C CB  . ILE B 1 18 ? -1.165  0.654   3.869   1.00 10.33 ? 17  ILE B CB  1 
ATOM   380 C CG1 . ILE B 1 18 ? -0.943  1.106   2.430   1.00 15.55 ? 17  ILE B CG1 1 
ATOM   381 C CG2 . ILE B 1 18 ? 0.164   0.435   4.573   1.00 16.88 ? 17  ILE B CG2 1 
ATOM   382 C CD1 . ILE B 1 18 ? 0.065   0.260   1.684   1.00 25.78 ? 17  ILE B CD1 1 
ATOM   383 N N   . ALA B 1 19 ? -2.751  -0.935  6.163   1.00 10.44 ? 18  ALA B N   1 
ATOM   384 C CA  . ALA B 1 19 ? -2.793  -1.589  7.458   1.00 10.71 ? 18  ALA B CA  1 
ATOM   385 C C   . ALA B 1 19 ? -3.160  -3.070  7.311   1.00 8.58  ? 18  ALA B C   1 
ATOM   386 O O   . ALA B 1 19 ? -2.543  -3.954  7.939   1.00 11.46 ? 18  ALA B O   1 
ATOM   387 C CB  . ALA B 1 19 ? -3.766  -0.879  8.388   1.00 13.92 ? 18  ALA B CB  1 
ATOM   388 N N   . ALA B 1 20 ? -4.144  -3.340  6.453   1.00 9.01  ? 19  ALA B N   1 
ATOM   389 C CA  . ALA B 1 20 ? -4.625  -4.699  6.220   1.00 10.33 ? 19  ALA B CA  1 
ATOM   390 C C   . ALA B 1 20 ? -3.512  -5.548  5.597   1.00 12.90 ? 19  ALA B C   1 
ATOM   391 O O   . ALA B 1 20 ? -3.269  -6.701  6.008   1.00 10.89 ? 19  ALA B O   1 
ATOM   392 C CB  . ALA B 1 20 ? -5.849  -4.676  5.322   1.00 12.97 ? 19  ALA B CB  1 
ATOM   393 N N   . LEU B 1 21 ? -2.825  -4.983  4.608   1.00 9.76  ? 20  LEU B N   1 
ATOM   394 C CA  . LEU B 1 21 ? -1.697  -5.681  3.964   1.00 10.66 ? 20  LEU B CA  1 
ATOM   395 C C   . LEU B 1 21 ? -0.562  -6.003  4.931   1.00 9.74  ? 20  LEU B C   1 
ATOM   396 O O   . LEU B 1 21 ? 0.033   -7.087  4.863   1.00 11.75 ? 20  LEU B O   1 
ATOM   397 C CB  . LEU B 1 21 ? -1.157  -4.873  2.769   1.00 11.50 ? 20  LEU B CB  1 
ATOM   398 C CG  . LEU B 1 21 ? -2.052  -4.720  1.531   1.00 17.72 ? 20  LEU B CG  1 
ATOM   399 C CD1 . LEU B 1 21 ? -1.332  -3.857  0.513   0.50 12.17 ? 20  LEU B CD1 1 
ATOM   400 C CD2 . LEU B 1 21 ? -2.435  -6.049  0.954   0.50 28.40 ? 20  LEU B CD2 1 
ATOM   401 N N   . LYS B 1 22 ? -0.279  -5.073  5.848   1.00 11.47 ? 21  LYS B N   1 
ATOM   402 C CA  . LYS B 1 22 ? 0.791   -5.242  6.806   1.00 11.15 ? 21  LYS B CA  1 
ATOM   403 C C   . LYS B 1 22 ? 0.448   -6.409  7.737   1.00 11.23 ? 21  LYS B C   1 
ATOM   404 O O   . LYS B 1 22 ? 1.299   -7.230  8.056   1.00 11.19 ? 21  LYS B O   1 
ATOM   405 C CB  . LYS B 1 22 ? 1.031   -3.950  7.599   1.00 13.45 ? 21  LYS B CB  1 
ATOM   406 C CG  . LYS B 1 22 ? 1.821   -2.881  6.841   1.00 19.59 ? 21  LYS B CG  1 
ATOM   407 C CD  . LYS B 1 22 ? 1.751   -1.506  7.517   1.00 25.74 ? 21  LYS B CD  1 
ATOM   408 C CE  . LYS B 1 22 ? 2.557   -1.418  8.796   0.50 31.22 ? 21  LYS B CE  1 
ATOM   409 N NZ  . LYS B 1 22 ? 3.617   -0.385  8.700   0.50 25.22 ? 21  LYS B NZ  1 
HETATM 410 N N   . PHI B 1 23 ? -0.806  -6.477  8.149   1.00 10.91 ? 22  PHI B N   1 
HETATM 411 C CA  . PHI B 1 23 ? -1.302  -7.573  8.982   1.00 13.35 ? 22  PHI B CA  1 
HETATM 412 C CB  . PHI B 1 23 ? -2.733  -7.227  9.323   1.00 15.18 ? 22  PHI B CB  1 
HETATM 413 C CG  . PHI B 1 23 ? -3.503  -8.205  10.176  1.00 12.83 ? 22  PHI B CG  1 
HETATM 414 C CD1 . PHI B 1 23 ? -3.737  -7.875  11.506  1.00 17.89 ? 22  PHI B CD1 1 
HETATM 415 C CD2 . PHI B 1 23 ? -4.024  -9.381  9.657   1.00 14.95 ? 22  PHI B CD2 1 
HETATM 416 C CE1 . PHI B 1 23 ? -4.462  -8.713  12.337  1.00 20.92 ? 22  PHI B CE1 1 
HETATM 417 C CE2 . PHI B 1 23 ? -4.757  -10.224 10.482  1.00 21.38 ? 22  PHI B CE2 1 
HETATM 418 C CZ  . PHI B 1 23 ? -4.970  -9.883  11.820  1.00 17.97 ? 22  PHI B CZ  1 
HETATM 419 I I   . PHI B 1 23 ? -6.099  -11.105 13.064  1.00 19.82 ? 22  PHI B I   1 
HETATM 420 C C   . PHI B 1 23 ? -1.219  -8.910  8.278   1.00 11.92 ? 22  PHI B C   1 
HETATM 421 O O   . PHI B 1 23 ? -0.771  -9.890  8.854   1.00 12.23 ? 22  PHI B O   1 
ATOM   422 N N   . GLU B 1 24 ? -1.644  -8.955  7.031   1.00 10.79 ? 23  GLU B N   1 
ATOM   423 C CA  . GLU B 1 24 ? -1.601  -10.193 6.239   1.00 11.13 ? 23  GLU B CA  1 
ATOM   424 C C   . GLU B 1 24 ? -0.159  -10.694 6.035   1.00 9.74  ? 23  GLU B C   1 
ATOM   425 O O   . GLU B 1 24 ? 0.118   -11.893 6.158   1.00 10.79 ? 23  GLU B O   1 
ATOM   426 C CB  . GLU B 1 24 ? -2.239  -9.967  4.875   1.00 12.93 ? 23  GLU B CB  1 
ATOM   427 C CG  . GLU B 1 24 ? -3.715  -9.709  4.872   1.00 22.00 ? 23  GLU B CG  1 
ATOM   428 C CD  . GLU B 1 24 ? -4.502  -10.881 4.376   0.50 30.55 ? 23  GLU B CD  1 
ATOM   429 O OE1 . GLU B 1 24 ? -4.426  -11.953 5.008   0.50 44.28 ? 23  GLU B OE1 1 
ATOM   430 O OE2 . GLU B 1 24 ? -5.192  -10.726 3.349   0.50 36.54 ? 23  GLU B OE2 1 
ATOM   431 N N   . ILE B 1 25 ? 0.753   -9.772  5.716   1.00 8.35  ? 24  ILE B N   1 
ATOM   432 C CA  . ILE B 1 25 ? 2.170   -10.115 5.546   1.00 9.57  ? 24  ILE B CA  1 
ATOM   433 C C   . ILE B 1 25 ? 2.804   -10.603 6.868   1.00 11.04 ? 24  ILE B C   1 
ATOM   434 O O   . ILE B 1 25 ? 3.547   -11.582 6.870   1.00 12.70 ? 24  ILE B O   1 
ATOM   435 C CB  . ILE B 1 25 ? 2.974   -8.941  4.917   1.00 15.24 ? 24  ILE B CB  1 
ATOM   436 C CG1 . ILE B 1 25 ? 2.498   -8.703  3.488   0.50 20.83 ? 24  ILE B CG1 1 
ATOM   437 C CG2 . ILE B 1 25 ? 4.443   -9.261  4.899   0.50 17.63 ? 24  ILE B CG2 1 
ATOM   438 C CD1 . ILE B 1 25 ? 2.683   -9.907  2.572   0.50 30.81 ? 24  ILE B CD1 1 
ATOM   439 N N   . ALA B 1 26 ? 2.475   -9.951  7.985   1.00 10.46 ? 25  ALA B N   1 
ATOM   440 C CA  . ALA B 1 26 ? 2.945   -10.378 9.290   1.00 11.57 ? 25  ALA B CA  1 
ATOM   441 C C   . ALA B 1 26 ? 2.487   -11.811 9.590   1.00 10.56 ? 25  ALA B C   1 
ATOM   442 O O   . ALA B 1 26 ? 3.271   -12.642 10.051  1.00 12.75 ? 25  ALA B O   1 
ATOM   443 C CB  . ALA B 1 26 ? 2.458   -9.403  10.370  1.00 13.12 ? 25  ALA B CB  1 
ATOM   444 N N   . ALA B 1 27 ? 1.229   -12.105 9.260   1.00 9.68  ? 26  ALA B N   1 
ATOM   445 C CA  . ALA B 1 27 ? 0.649   -13.417 9.485   1.00 9.44  ? 26  ALA B CA  1 
ATOM   446 C C   . ALA B 1 27 ? 1.296   -14.482 8.594   1.00 10.17 ? 26  ALA B C   1 
ATOM   447 O O   . ALA B 1 27 ? 1.586   -15.582 9.051   1.00 13.67 ? 26  ALA B O   1 
ATOM   448 C CB  . ALA B 1 27 ? -0.847  -13.373 9.262   1.00 12.47 ? 26  ALA B CB  1 
ATOM   449 N N   . LEU B 1 28 ? 1.523   -14.147 7.327   1.00 10.02 ? 27  LEU B N   1 
ATOM   450 C CA  . LEU B 1 28 ? 2.177   -15.071 6.392   1.00 8.64  ? 27  LEU B CA  1 
ATOM   451 C C   . LEU B 1 28 ? 3.609   -15.369 6.826   1.00 9.20  ? 27  LEU B C   1 
ATOM   452 O O   . LEU B 1 28 ? 4.100   -16.499 6.668   1.00 9.96  ? 27  LEU B O   1 
ATOM   453 C CB  . LEU B 1 28 ? 2.151   -14.492 4.968   1.00 8.64  ? 27  LEU B CB  1 
ATOM   454 C CG  . LEU B 1 28 ? 0.799   -14.560 4.262   1.00 12.08 ? 27  LEU B CG  1 
ATOM   455 C CD1 . LEU B 1 28 ? 0.814   -13.646 3.057   1.00 17.57 ? 27  LEU B CD1 1 
ATOM   456 C CD2 . LEU B 1 28 ? 0.478   -16.007 3.884   1.00 15.91 ? 27  LEU B CD2 1 
ATOM   457 N N   . LYS B 1 29 ? 4.305   -14.367 7.376   1.00 9.71  ? 28  LYS B N   1 
ATOM   458 C CA  . LYS B 1 29 ? 5.689   -14.616 7.870   1.00 11.23 ? 28  LYS B CA  1 
ATOM   459 C C   . LYS B 1 29 ? 5.691   -15.667 9.008   1.00 13.64 ? 28  LYS B C   1 
ATOM   460 O O   . LYS B 1 29 ? 6.544   -16.556 9.042   1.00 13.21 ? 28  LYS B O   1 
ATOM   461 C CB  . LYS B 1 29 ? 6.364   -13.324 8.309   1.00 13.38 ? 28  LYS B CB  1 
ATOM   462 C CG  . LYS B 1 29 ? 6.691   -12.422 7.142   1.00 19.35 ? 28  LYS B CG  1 
ATOM   463 C CD  . LYS B 1 29 ? 7.137   -11.032 7.592   1.00 23.24 ? 28  LYS B CD  1 
ATOM   464 C CE  . LYS B 1 29 ? 8.536   -11.038 8.119   1.00 26.68 ? 28  LYS B CE  1 
ATOM   465 N NZ  . LYS B 1 29 ? 8.951   -9.653  8.509   0.50 25.09 ? 28  LYS B NZ  1 
ATOM   466 N N   . GLN B 1 30 ? 4.719   -15.566 9.911   1.00 11.00 ? 29  GLN B N   1 
ATOM   467 C CA  . GLN B 1 30 ? 4.524   -16.562 10.987  1.00 16.85 ? 29  GLN B CA  1 
ATOM   468 C C   . GLN B 1 30 ? 4.200   -17.935 10.398  1.00 17.93 ? 29  GLN B C   1 
ATOM   469 O O   . GLN B 1 30 ? 4.704   -18.962 10.861  1.00 13.88 ? 29  GLN B O   1 
ATOM   470 C CB  . GLN B 1 30 ? 3.344   -16.161 11.862  1.00 19.24 ? 29  GLN B CB  1 
ATOM   471 C CG  . GLN B 1 30 ? 3.499   -14.827 12.543  1.00 28.32 ? 29  GLN B CG  1 
ATOM   472 C CD  . GLN B 1 30 ? 3.904   -14.941 13.962  1.00 31.96 ? 29  GLN B CD  1 
ATOM   473 O OE1 A GLN B 1 30 ? 4.451   -15.964 14.390  0.50 28.00 ? 29  GLN B OE1 1 
ATOM   474 O OE1 B GLN B 1 30 ? 4.866   -14.302 14.401  0.50 36.82 ? 29  GLN B OE1 1 
ATOM   475 N NE2 A GLN B 1 30 ? 3.647   -13.888 14.725  0.50 33.80 ? 29  GLN B NE2 1 
ATOM   476 N NE2 B GLN B 1 30 ? 3.170   -15.753 14.718  0.50 21.32 ? 29  GLN B NE2 1 
ATOM   477 N N   . GLY B 1 31 ? 3.340   -17.941 9.383   1.00 11.67 ? 30  GLY B N   1 
ATOM   478 C CA  . GLY B 1 31 ? 2.961   -19.191 8.709   1.00 10.17 ? 30  GLY B CA  1 
ATOM   479 C C   . GLY B 1 31 ? 4.150   -19.886 8.070   1.00 10.85 ? 30  GLY B C   1 
ATOM   480 O O   . GLY B 1 31 ? 4.330   -21.098 8.221   1.00 12.94 ? 30  GLY B O   1 
ATOM   481 N N   . TYR B 1 32 ? 4.971   -19.124 7.359   1.00 9.75  ? 31  TYR B N   1 
ATOM   482 C CA  . TYR B 1 32 ? 6.045   -19.711 6.579   1.00 8.73  ? 31  TYR B CA  1 
ATOM   483 C C   . TYR B 1 32 ? 7.284   -19.988 7.425   1.00 11.41 ? 31  TYR B C   1 
ATOM   484 O O   . TYR B 1 32 ? 7.986   -20.985 7.173   1.00 13.20 ? 31  TYR B O   1 
ATOM   485 C CB  . TYR B 1 32 ? 6.383   -18.840 5.367   1.00 9.91  ? 31  TYR B CB  1 
ATOM   486 C CG  . TYR B 1 32 ? 5.491   -19.060 4.168   1.00 9.33  ? 31  TYR B CG  1 
ATOM   487 C CD1 . TYR B 1 32 ? 5.664   -20.167 3.355   1.00 15.45 ? 31  TYR B CD1 1 
ATOM   488 C CD2 . TYR B 1 32 ? 4.479   -18.186 3.850   1.00 9.82  ? 31  TYR B CD2 1 
ATOM   489 C CE1 . TYR B 1 32 ? 4.854   -20.384 2.254   1.00 17.14 ? 31  TYR B CE1 1 
ATOM   490 C CE2 . TYR B 1 32 ? 3.672   -18.383 2.755   1.00 9.44  ? 31  TYR B CE2 1 
ATOM   491 C CZ  . TYR B 1 32 ? 3.864   -19.485 1.957   1.00 14.75 ? 31  TYR B CZ  1 
ATOM   492 O OH  . TYR B 1 32 ? 3.079   -19.698 0.865   1.00 13.60 ? 31  TYR B OH  1 
ATOM   493 N N   . TYR B 1 33 ? 7.552   -19.148 8.434   1.00 11.79 ? 32  TYR B N   1 
ATOM   494 C CA  . TYR B 1 33 ? 8.786   -19.295 9.249   1.00 15.62 ? 32  TYR B CA  1 
ATOM   495 C C   . TYR B 1 33 ? 8.554   -19.768 10.693  1.00 21.75 ? 32  TYR B C   1 
ATOM   496 O O   . TYR B 1 33 ? 7.411   -19.841 11.159  1.00 27.00 ? 32  TYR B O   1 
ATOM   497 C CB  . TYR B 1 33 ? 9.558   -17.982 9.305   1.00 18.81 ? 32  TYR B CB  1 
ATOM   498 C CG  . TYR B 1 33 ? 9.975   -17.374 7.979   1.00 17.24 ? 32  TYR B CG  1 
ATOM   499 C CD1 . TYR B 1 33 ? 10.565  -18.129 6.985   1.00 20.04 ? 32  TYR B CD1 1 
ATOM   500 C CD2 . TYR B 1 33 ? 9.810   -16.012 7.747   1.00 21.94 ? 32  TYR B CD2 1 
ATOM   501 C CE1 . TYR B 1 33 ? 10.971  -17.548 5.790   1.00 21.20 ? 32  TYR B CE1 1 
ATOM   502 C CE2 . TYR B 1 33 ? 10.212  -15.430 6.567   1.00 17.32 ? 32  TYR B CE2 1 
ATOM   503 C CZ  . TYR B 1 33 ? 10.790  -16.197 5.585   1.00 14.83 ? 32  TYR B CZ  1 
ATOM   504 O OH  . TYR B 1 33 ? 11.180  -15.601 4.410   1.00 17.84 ? 32  TYR B OH  1 
HETATM 505 C C   . ACE C 1 1  ? -1.825  24.393  2.490   1.00 17.69 ? 0   ACE C C   1 
HETATM 506 O O   . ACE C 1 1  ? -1.095  23.469  2.124   1.00 19.41 ? 0   ACE C O   1 
HETATM 507 C CH3 . ACE C 1 1  ? -2.415  25.401  1.541   1.00 16.53 ? 0   ACE C CH3 1 
ATOM   508 N N   . GLY C 1 2  ? -2.067  24.613  3.769   1.00 15.02 ? 1   GLY C N   1 
ATOM   509 C CA  . GLY C 1 2  ? -1.649  23.655  4.781   1.00 18.41 ? 1   GLY C CA  1 
ATOM   510 C C   . GLY C 1 2  ? -2.147  22.239  4.534   1.00 17.45 ? 1   GLY C C   1 
ATOM   511 O O   . GLY C 1 2  ? -1.375  21.269  4.614   1.00 16.79 ? 1   GLY C O   1 
ATOM   512 N N   . GLU C 1 3  ? -3.433  22.118  4.228   1.00 14.31 ? 2   GLU C N   1 
ATOM   513 C CA  . GLU C 1 3  ? -4.063  20.809  3.990   1.00 19.27 ? 2   GLU C CA  1 
ATOM   514 C C   . GLU C 1 3  ? -3.469  20.126  2.755   1.00 16.54 ? 2   GLU C C   1 
ATOM   515 O O   . GLU C 1 3  ? -3.266  18.919  2.729   1.00 15.56 ? 2   GLU C O   1 
ATOM   516 C CB  . GLU C 1 3  ? -5.581  20.950  3.805   1.00 25.51 ? 2   GLU C CB  1 
ATOM   517 C CG  . GLU C 1 3  ? -6.351  21.232  5.080   1.00 33.57 ? 2   GLU C CG  1 
ATOM   518 C CD  . GLU C 1 3  ? -7.846  21.074  4.906   0.50 41.23 ? 2   GLU C CD  1 
ATOM   519 O OE1 . GLU C 1 3  ? -8.286  19.989  4.468   0.50 48.05 ? 2   GLU C OE1 1 
ATOM   520 O OE2 . GLU C 1 3  ? -8.583  22.031  5.218   0.50 37.81 ? 2   GLU C OE2 1 
ATOM   521 N N   . ILE C 1 4  ? -3.157  20.913  1.737   1.00 12.86 ? 3   ILE C N   1 
ATOM   522 C CA  . ILE C 1 4  ? -2.483  20.394  0.552   1.00 16.06 ? 3   ILE C CA  1 
ATOM   523 C C   . ILE C 1 4  ? -1.057  19.858  0.852   1.00 14.31 ? 3   ILE C C   1 
ATOM   524 O O   . ILE C 1 4  ? -0.684  18.754  0.428   1.00 13.22 ? 3   ILE C O   1 
ATOM   525 C CB  . ILE C 1 4  ? -2.461  21.466  -0.548  1.00 15.49 ? 3   ILE C CB  1 
ATOM   526 C CG1 . ILE C 1 4  ? -3.908  21.758  -0.999  1.00 16.36 ? 3   ILE C CG1 1 
ATOM   527 C CG2 . ILE C 1 4  ? -1.604  21.022  -1.704  1.00 16.72 ? 3   ILE C CG2 1 
ATOM   528 C CD1 . ILE C 1 4  ? -4.123  23.138  -1.639  1.00 19.26 ? 3   ILE C CD1 1 
ATOM   529 N N   . ALA C 1 5  ? -0.274  20.629  1.594   1.00 13.96 ? 4   ALA C N   1 
ATOM   530 C CA  . ALA C 1 5  ? 1.029   20.164  2.055   1.00 12.18 ? 4   ALA C CA  1 
ATOM   531 C C   . ALA C 1 5  ? 0.920   18.855  2.860   1.00 14.16 ? 4   ALA C C   1 
ATOM   532 O O   . ALA C 1 5  ? 1.706   17.931  2.650   1.00 15.41 ? 4   ALA C O   1 
ATOM   533 C CB  . ALA C 1 5  ? 1.719   21.247  2.860   1.00 12.27 ? 4   ALA C CB  1 
ATOM   534 N N   . ALA C 1 6  ? -0.062  18.783  3.757   1.00 11.62 ? 5   ALA C N   1 
ATOM   535 C CA  . ALA C 1 6  ? -0.292  17.590  4.582   1.00 15.29 ? 5   ALA C CA  1 
ATOM   536 C C   . ALA C 1 6  ? -0.648  16.366  3.741   1.00 13.35 ? 5   ALA C C   1 
ATOM   537 O O   . ALA C 1 6  ? -0.126  15.264  3.989   1.00 16.12 ? 5   ALA C O   1 
ATOM   538 C CB  . ALA C 1 6  ? -1.363  17.849  5.619   1.00 19.39 ? 5   ALA C CB  1 
ATOM   539 N N   . LEU C 1 7  ? -1.529  16.563  2.767   1.00 14.44 ? 6   LEU C N   1 
ATOM   540 C CA  . LEU C 1 7  ? -1.907  15.507  1.807   1.00 15.27 ? 6   LEU C CA  1 
ATOM   541 C C   . LEU C 1 7  ? -0.663  14.983  1.061   1.00 14.55 ? 6   LEU C C   1 
ATOM   542 O O   . LEU C 1 7  ? -0.499  13.769  0.911   1.00 13.09 ? 6   LEU C O   1 
ATOM   543 C CB  . LEU C 1 7  ? -2.992  16.006  0.818   1.00 19.47 ? 6   LEU C CB  1 
ATOM   544 C CG  . LEU C 1 7  ? -4.180  15.986  1.137   0.00 27.94 ? 6   LEU C CG  1 
ATOM   545 C CD1 . LEU C 1 7  ? -4.846  16.950  0.251   0.00 28.27 ? 6   LEU C CD1 1 
ATOM   546 C CD2 . LEU C 1 7  ? -4.775  14.656  0.916   0.00 24.15 ? 6   LEU C CD2 1 
ATOM   547 N N   . LYS C 1 8  ? 0.216   15.876  0.596   1.00 15.68 ? 7   LYS C N   1 
ATOM   548 C CA  . LYS C 1 8  ? 1.429   15.436  -0.079  1.00 13.09 ? 7   LYS C CA  1 
ATOM   549 C C   . LYS C 1 8  ? 2.360   14.644  0.860   1.00 10.97 ? 7   LYS C C   1 
ATOM   550 O O   . LYS C 1 8  ? 2.959   13.666  0.441   1.00 13.09 ? 7   LYS C O   1 
ATOM   551 C CB  . LYS C 1 8  ? 2.155   16.614  -0.701  1.00 14.20 ? 7   LYS C CB  1 
ATOM   552 C CG  . LYS C 1 8  ? 1.408   17.282  -1.842  1.00 16.92 ? 7   LYS C CG  1 
ATOM   553 C CD  . LYS C 1 8  ? 2.322   18.329  -2.489  1.00 15.69 ? 7   LYS C CD  1 
ATOM   554 C CE  . LYS C 1 8  ? 1.822   18.812  -3.779  1.00 19.76 ? 7   LYS C CE  1 
ATOM   555 N NZ  . LYS C 1 8  ? 2.792   19.788  -4.347  1.00 15.47 ? 7   LYS C NZ  1 
ATOM   556 N N   . GLN C 1 9  ? 2.446   15.033  2.130   1.00 12.06 ? 8   GLN C N   1 
ATOM   557 C CA  . GLN C 1 9  ? 3.257   14.292  3.112   1.00 12.68 ? 8   GLN C CA  1 
ATOM   558 C C   . GLN C 1 9  ? 2.686   12.893  3.322   1.00 12.30 ? 8   GLN C C   1 
ATOM   559 O O   . GLN C 1 9  ? 3.439   11.920  3.449   1.00 16.37 ? 8   GLN C O   1 
ATOM   560 C CB  . GLN C 1 9  ? 3.322   15.024  4.439   1.00 18.56 ? 8   GLN C CB  1 
ATOM   561 C CG  . GLN C 1 9  ? 4.256   14.399  5.455   0.50 25.73 ? 8   GLN C CG  1 
ATOM   562 C CD  . GLN C 1 9  ? 4.499   15.288  6.664   0.50 36.14 ? 8   GLN C CD  1 
ATOM   563 O OE1 . GLN C 1 9  ? 3.556   15.754  7.310   0.50 37.08 ? 8   GLN C OE1 1 
ATOM   564 N NE2 . GLN C 1 9  ? 5.771   15.520  6.980   0.50 41.03 ? 8   GLN C NE2 1 
ATOM   565 N N   . GLU C 1 10 ? 1.363   12.803  3.369   1.00 11.55 ? 9   GLU C N   1 
ATOM   566 C CA  . GLU C 1 10 ? 0.654   11.520  3.559   1.00 13.24 ? 9   GLU C CA  1 
ATOM   567 C C   . GLU C 1 10 ? 0.901   10.581  2.365   1.00 13.29 ? 9   GLU C C   1 
ATOM   568 O O   . GLU C 1 10 ? 1.090   9.372   2.540   1.00 15.34 ? 9   GLU C O   1 
ATOM   569 C CB  . GLU C 1 10 ? -0.854  11.741  3.727   1.00 14.55 ? 9   GLU C CB  1 
ATOM   570 C CG  . GLU C 1 10 ? -1.284  12.430  5.025   1.00 22.82 ? 9   GLU C CG  1 
ATOM   571 C CD  . GLU C 1 10 ? -1.172  11.568  6.260   0.50 28.70 ? 9   GLU C CD  1 
ATOM   572 O OE1 . GLU C 1 10 ? -0.969  10.350  6.138   0.50 22.36 ? 9   GLU C OE1 1 
ATOM   573 O OE2 . GLU C 1 10 ? -1.298  12.122  7.366   0.50 28.76 ? 9   GLU C OE2 1 
ATOM   574 N N   . ILE C 1 11 ? 0.887   11.143  1.157   1.00 10.00 ? 10  ILE C N   1 
ATOM   575 C CA  . ILE C 1 11 ? 1.219   10.382  -0.063  1.00 10.48 ? 10  ILE C CA  1 
ATOM   576 C C   . ILE C 1 11 ? 2.664   9.843   -0.032  1.00 10.27 ? 10  ILE C C   1 
ATOM   577 O O   . ILE C 1 11 ? 2.909   8.680   -0.364  1.00 13.10 ? 10  ILE C O   1 
ATOM   578 C CB  . ILE C 1 11 ? 0.974   11.235  -1.341  1.00 10.25 ? 10  ILE C CB  1 
ATOM   579 C CG1 . ILE C 1 11 ? -0.534  11.441  -1.529  1.00 13.82 ? 10  ILE C CG1 1 
ATOM   580 C CG2 . ILE C 1 11 ? 1.629   10.609  -2.577  1.00 12.85 ? 10  ILE C CG2 1 
ATOM   581 C CD1 . ILE C 1 11 ? -0.955  12.487  -2.554  1.00 11.93 ? 10  ILE C CD1 1 
ATOM   582 N N   . ALA C 1 12 ? 3.600   10.681  0.407   1.00 12.13 ? 11  ALA C N   1 
ATOM   583 C CA  . ALA C 1 12 ? 4.988   10.289  0.545   1.00 12.41 ? 11  ALA C CA  1 
ATOM   584 C C   . ALA C 1 12 ? 5.127   9.142   1.549   1.00 11.06 ? 11  ALA C C   1 
ATOM   585 O O   . ALA C 1 12 ? 5.890   8.186   1.322   1.00 13.42 ? 11  ALA C O   1 
ATOM   586 C CB  . ALA C 1 12 ? 5.836   11.517  0.982   1.00 13.90 ? 11  ALA C CB  1 
ATOM   587 N N   . ALA C 1 13 ? 4.360   9.210   2.639   1.00 10.32 ? 12  ALA C N   1 
ATOM   588 C CA  . ALA C 1 13 ? 4.397   8.171   3.647   1.00 12.77 ? 12  ALA C CA  1 
ATOM   589 C C   . ALA C 1 13 ? 3.827   6.850   3.111   1.00 12.41 ? 12  ALA C C   1 
ATOM   590 O O   . ALA C 1 13 ? 4.340   5.778   3.421   1.00 13.70 ? 12  ALA C O   1 
ATOM   591 C CB  . ALA C 1 13 ? 3.645   8.617   4.899   1.00 13.82 ? 12  ALA C CB  1 
ATOM   592 N N   . LEU C 1 14 ? 2.771   6.931   2.304   1.00 9.81  ? 13  LEU C N   1 
ATOM   593 C CA  . LEU C 1 14 ? 2.183   5.735   1.691   1.00 11.53 ? 13  LEU C CA  1 
ATOM   594 C C   . LEU C 1 14 ? 3.157   5.081   0.720   1.00 9.48  ? 13  LEU C C   1 
ATOM   595 O O   . LEU C 1 14 ? 3.261   3.843   0.673   1.00 10.76 ? 13  LEU C O   1 
ATOM   596 C CB  . LEU C 1 14 ? 0.860   6.068   0.995   1.00 11.75 ? 13  LEU C CB  1 
ATOM   597 C CG  . LEU C 1 14 ? -0.351  6.376   1.896   1.00 17.26 ? 13  LEU C CG  1 
ATOM   598 C CD1 . LEU C 1 14 ? -1.502  6.859   1.077   1.00 12.66 ? 13  LEU C CD1 1 
ATOM   599 C CD2 . LEU C 1 14 ? -0.807  5.180   2.707   1.00 25.58 ? 13  LEU C CD2 1 
ATOM   600 N N   . LYS C 1 15 ? 3.895   5.899   -0.033  1.00 12.04 ? 14  LYS C N   1 
ATOM   601 C CA  . LYS C 1 15 ? 4.916   5.364   -0.947  1.00 9.60  ? 14  LYS C CA  1 
ATOM   602 C C   . LYS C 1 15 ? 6.007   4.609   -0.192  1.00 12.17 ? 14  LYS C C   1 
ATOM   603 O O   . LYS C 1 15 ? 6.464   3.561   -0.651  1.00 13.15 ? 14  LYS C O   1 
ATOM   604 C CB  . LYS C 1 15 ? 5.529   6.483   -1.800  1.00 9.90  ? 14  LYS C CB  1 
ATOM   605 C CG  . LYS C 1 15 ? 4.568   7.065   -2.813  1.00 12.89 ? 14  LYS C CG  1 
ATOM   606 C CD  . LYS C 1 15 ? 5.222   8.183   -3.616  1.00 19.27 ? 14  LYS C CD  1 
ATOM   607 C CE  . LYS C 1 15 ? 4.243   8.793   -4.595  1.00 28.14 ? 14  LYS C CE  1 
ATOM   608 N NZ  . LYS C 1 15 ? 4.812   9.961   -5.325  1.00 31.87 ? 14  LYS C NZ  1 
ATOM   609 N N   . LYS C 1 16 ? 6.420   5.132   0.965   1.00 13.26 ? 15  LYS C N   1 
ATOM   610 C CA  . LYS C 1 16 ? 7.403   4.440   1.831   1.00 10.70 ? 15  LYS C CA  1 
ATOM   611 C C   . LYS C 1 16 ? 6.851   3.099   2.387   1.00 11.69 ? 15  LYS C C   1 
ATOM   612 O O   . LYS C 1 16 ? 7.544   2.083   2.365   1.00 12.25 ? 15  LYS C O   1 
ATOM   613 C CB  . LYS C 1 16 ? 7.848   5.390   2.966   1.00 14.87 ? 15  LYS C CB  1 
ATOM   614 C CG  . LYS C 1 16 ? 8.811   4.792   3.973   1.00 24.08 ? 15  LYS C CG  1 
ATOM   615 C CD  . LYS C 1 16 ? 9.273   5.826   5.003   0.50 35.93 ? 15  LYS C CD  1 
ATOM   616 C CE  . LYS C 1 16 ? 8.285   5.952   6.159   0.50 44.65 ? 15  LYS C CE  1 
ATOM   617 N NZ  . LYS C 1 16 ? 8.290   4.740   7.031   0.50 43.34 ? 15  LYS C NZ  1 
ATOM   618 N N   . GLU C 1 17 ? 5.602   3.091   2.849   1.00 12.82 ? 16  GLU C N   1 
ATOM   619 C CA  . GLU C 1 17 ? 4.962   1.855   3.315   1.00 12.03 ? 16  GLU C CA  1 
ATOM   620 C C   . GLU C 1 17 ? 4.858   0.819   2.177   1.00 13.95 ? 16  GLU C C   1 
ATOM   621 O O   . GLU C 1 17 ? 5.076   -0.366  2.401   1.00 12.95 ? 16  GLU C O   1 
ATOM   622 C CB  . GLU C 1 17 ? 3.555   2.132   3.845   1.00 14.49 ? 16  GLU C CB  1 
ATOM   623 C CG  . GLU C 1 17 ? 3.495   3.013   5.067   1.00 17.10 ? 16  GLU C CG  1 
ATOM   624 C CD  . GLU C 1 17 ? 3.871   2.340   6.372   0.50 24.09 ? 16  GLU C CD  1 
ATOM   625 O OE1 . GLU C 1 17 ? 4.007   1.105   6.418   0.50 19.08 ? 16  GLU C OE1 1 
ATOM   626 O OE2 . GLU C 1 17 ? 4.018   3.074   7.373   0.50 26.81 ? 16  GLU C OE2 1 
ATOM   627 N N   . ILE C 1 18 ? 4.483   1.267   0.979   1.00 9.60  ? 17  ILE C N   1 
ATOM   628 C CA  . ILE C 1 18 ? 4.372   0.382   -0.183  1.00 8.64  ? 17  ILE C CA  1 
ATOM   629 C C   . ILE C 1 18 ? 5.740   -0.233  -0.513  1.00 11.91 ? 17  ILE C C   1 
ATOM   630 O O   . ILE C 1 18 ? 5.841   -1.425  -0.775  1.00 11.23 ? 17  ILE C O   1 
ATOM   631 C CB  . ILE C 1 18 ? 3.758   1.113   -1.422  1.00 10.70 ? 17  ILE C CB  1 
ATOM   632 C CG1 . ILE C 1 18 ? 2.250   1.331   -1.219  1.00 11.71 ? 17  ILE C CG1 1 
ATOM   633 C CG2 . ILE C 1 18 ? 4.022   0.356   -2.693  1.00 11.99 ? 17  ILE C CG2 1 
ATOM   634 C CD1 . ILE C 1 18 ? 1.624   2.432   -2.097  1.00 18.19 ? 17  ILE C CD1 1 
ATOM   635 N N   . ALA C 1 19 ? 6.793   0.581   -0.474  1.00 11.40 ? 18  ALA C N   1 
ATOM   636 C CA  . ALA C 1 19 ? 8.132   0.082   -0.708  1.00 9.03  ? 18  ALA C CA  1 
ATOM   637 C C   . ALA C 1 19 ? 8.510   -0.998  0.279   1.00 8.69  ? 18  ALA C C   1 
ATOM   638 O O   . ALA C 1 19 ? 9.109   -2.010  -0.115  1.00 12.65 ? 18  ALA C O   1 
ATOM   639 C CB  . ALA C 1 19 ? 9.174   1.226   -0.675  1.00 9.90  ? 18  ALA C CB  1 
ATOM   640 N N   . ALA C 1 20 ? 8.197   -0.777  1.559   1.00 9.03  ? 19  ALA C N   1 
ATOM   641 C CA  . ALA C 1 20 ? 8.546   -1.748  2.613   1.00 9.16  ? 19  ALA C CA  1 
ATOM   642 C C   . ALA C 1 20 ? 7.786   -3.053  2.403   1.00 10.97 ? 19  ALA C C   1 
ATOM   643 O O   . ALA C 1 20 ? 8.333   -4.131  2.562   1.00 10.24 ? 19  ALA C O   1 
ATOM   644 C CB  . ALA C 1 20 ? 8.269   -1.197  3.995   1.00 10.32 ? 19  ALA C CB  1 
ATOM   645 N N   . LEU C 1 21 ? 6.513   -2.940  2.057   1.00 10.23 ? 20  LEU C N   1 
ATOM   646 C CA  . LEU C 1 21 ? 5.684   -4.097  1.751   1.00 10.60 ? 20  LEU C CA  1 
ATOM   647 C C   . LEU C 1 21 ? 6.190   -4.877  0.540   1.00 9.89  ? 20  LEU C C   1 
ATOM   648 O O   . LEU C 1 21 ? 6.202   -6.105  0.579   1.00 9.84  ? 20  LEU C O   1 
ATOM   649 C CB  . LEU C 1 21 ? 4.217   -3.689  1.566   1.00 8.81  ? 20  LEU C CB  1 
ATOM   650 C CG  . LEU C 1 21 ? 3.478   -3.344  2.861   1.00 15.15 ? 20  LEU C CG  1 
ATOM   651 C CD1 . LEU C 1 21 ? 2.110   -2.745  2.560   1.00 20.46 ? 20  LEU C CD1 1 
ATOM   652 C CD2 . LEU C 1 21 ? 3.330   -4.571  3.718   1.00 28.00 ? 20  LEU C CD2 1 
ATOM   653 N N   . LYS C 1 22 ? 6.597   -4.184  -0.527  1.00 9.69  ? 21  LYS C N   1 
ATOM   654 C CA  . LYS C 1 22 ? 7.118   -4.852  -1.725  1.00 8.36  ? 21  LYS C CA  1 
ATOM   655 C C   . LYS C 1 22 ? 8.333   -5.690  -1.317  1.00 9.48  ? 21  LYS C C   1 
ATOM   656 O O   . LYS C 1 22 ? 8.523   -6.832  -1.766  1.00 10.58 ? 21  LYS C O   1 
ATOM   657 C CB  . LYS C 1 22 ? 7.534   -3.850  -2.799  1.00 10.82 ? 21  LYS C CB  1 
ATOM   658 C CG  . LYS C 1 22 ? 6.459   -3.225  -3.597  1.00 16.79 ? 21  LYS C CG  1 
ATOM   659 C CD  . LYS C 1 22 ? 7.088   -2.219  -4.562  1.00 22.25 ? 21  LYS C CD  1 
ATOM   660 C CE  . LYS C 1 22 ? 6.089   -1.585  -5.465  1.00 24.30 ? 21  LYS C CE  1 
ATOM   661 N NZ  . LYS C 1 22 ? 6.712   -0.540  -6.351  1.00 21.53 ? 21  LYS C NZ  1 
HETATM 662 N N   . PHI C 1 23 ? 9.179   -5.098  -0.481  1.00 10.93 ? 22  PHI C N   1 
HETATM 663 C CA  . PHI C 1 23 ? 10.391  -5.781  -0.008  1.00 10.30 ? 22  PHI C CA  1 
HETATM 664 C CB  . PHI C 1 23 ? 11.154  -4.759  0.816   1.00 11.48 ? 22  PHI C CB  1 
HETATM 665 C CG  . PHI C 1 23 ? 12.445  -5.168  1.452   1.00 15.68 ? 22  PHI C CG  1 
HETATM 666 C CD1 . PHI C 1 23 ? 13.583  -5.243  0.666   1.00 16.03 ? 22  PHI C CD1 1 
HETATM 667 C CD2 . PHI C 1 23 ? 12.518  -5.363  2.827   1.00 24.31 ? 22  PHI C CD2 1 
HETATM 668 C CE1 . PHI C 1 23 ? 14.802  -5.569  1.260   1.00 27.67 ? 22  PHI C CE1 1 
HETATM 669 C CE2 . PHI C 1 23 ? 13.739  -5.677  3.422   1.00 25.09 ? 22  PHI C CE2 1 
HETATM 670 C CZ  . PHI C 1 23 ? 14.894  -5.785  2.639   1.00 19.07 ? 22  PHI C CZ  1 
HETATM 671 I I   . PHI C 1 23 ? 16.737  -6.221  3.517   0.50 17.51 ? 22  PHI C I   1 
HETATM 672 C C   . PHI C 1 23 ? 10.092  -7.011  0.781   0.50 7.67  ? 22  PHI C C   1 
HETATM 673 O O   . PHI C 1 23 ? 10.651  -8.053  0.518   0.50 5.36  ? 22  PHI C O   1 
ATOM   674 N N   . GLU C 1 24 ? 9.183   -6.884  1.742   1.00 9.10  ? 23  GLU C N   1 
ATOM   675 C CA  . GLU C 1 24 ? 8.773   -8.006  2.593   1.00 9.00  ? 23  GLU C CA  1 
ATOM   676 C C   . GLU C 1 24 ? 8.160   -9.157  1.796   1.00 8.38  ? 23  GLU C C   1 
ATOM   677 O O   . GLU C 1 24 ? 8.455   -10.336 2.051   1.00 9.98  ? 23  GLU C O   1 
ATOM   678 C CB  . GLU C 1 24 ? 7.795   -7.550  3.658   1.00 10.13 ? 23  GLU C CB  1 
ATOM   679 C CG  . GLU C 1 24 ? 8.374   -6.570  4.630   1.00 15.99 ? 23  GLU C CG  1 
ATOM   680 C CD  . GLU C 1 24 ? 9.245   -7.217  5.673   0.50 22.78 ? 23  GLU C CD  1 
ATOM   681 O OE1 . GLU C 1 24 ? 9.177   -8.452  5.850   0.50 14.63 ? 23  GLU C OE1 1 
ATOM   682 O OE2 . GLU C 1 24 ? 10.001  -6.476  6.325   0.50 27.07 ? 23  GLU C OE2 1 
ATOM   683 N N   . ILE C 1 25 ? 7.340   -8.811  0.808   1.00 9.24  ? 24  ILE C N   1 
ATOM   684 C CA  . ILE C 1 25 ? 6.722   -9.802  -0.075  1.00 9.75  ? 24  ILE C CA  1 
ATOM   685 C C   . ILE C 1 25 ? 7.757   -10.522 -0.940  1.00 11.14 ? 24  ILE C C   1 
ATOM   686 O O   . ILE C 1 25 ? 7.743   -11.738 -1.030  1.00 11.35 ? 24  ILE C O   1 
ATOM   687 C CB  . ILE C 1 25 ? 5.641   -9.135  -0.960  1.00 7.97  ? 24  ILE C CB  1 
ATOM   688 C CG1 . ILE C 1 25 ? 4.426   -8.813  -0.097  1.00 15.65 ? 24  ILE C CG1 1 
ATOM   689 C CG2 . ILE C 1 25 ? 5.258   -10.018 -2.131  1.00 14.53 ? 24  ILE C CG2 1 
ATOM   690 C CD1 A ILE C 1 25 ? 3.438   -7.865  -0.756  0.50 21.11 ? 24  ILE C CD1 1 
ATOM   691 C CD1 B ILE C 1 25 ? 3.438   -7.865  -0.756  0.50 21.09 ? 24  ILE C CD1 1 
ATOM   692 N N   . ALA C 1 26 ? 8.669   -9.773  -1.552  1.00 11.22 ? 25  ALA C N   1 
ATOM   693 C CA  . ALA C 1 26 ? 9.692   -10.356 -2.402  1.00 9.93  ? 25  ALA C CA  1 
ATOM   694 C C   . ALA C 1 26 ? 10.577  -11.292 -1.575  1.00 12.51 ? 25  ALA C C   1 
ATOM   695 O O   . ALA C 1 26 ? 10.924  -12.406 -2.024  1.00 15.16 ? 25  ALA C O   1 
ATOM   696 C CB  . ALA C 1 26 ? 10.507  -9.259  -3.024  1.00 12.88 ? 25  ALA C CB  1 
ATOM   697 N N   . ALA C 1 27 ? 10.900  -10.870 -0.353  1.00 10.01 ? 26  ALA C N   1 
ATOM   698 C CA  . ALA C 1 27 ? 11.694  -11.687 0.561   1.00 12.82 ? 26  ALA C CA  1 
ATOM   699 C C   . ALA C 1 27 ? 10.988  -12.989 0.941   1.00 12.77 ? 26  ALA C C   1 
ATOM   700 O O   . ALA C 1 27 ? 11.587  -14.087 0.868   1.00 12.82 ? 26  ALA C O   1 
ATOM   701 C CB  . ALA C 1 27 ? 12.052  -10.890 1.805   1.00 16.31 ? 26  ALA C CB  1 
ATOM   702 N N   . LEU C 1 28 ? 9.702   -12.872 1.297   1.00 9.26  ? 27  LEU C N   1 
ATOM   703 C CA  . LEU C 1 28 ? 8.908   -14.026 1.702   1.00 10.42 ? 27  LEU C CA  1 
ATOM   704 C C   . LEU C 1 28 ? 8.748   -15.056 0.576   1.00 10.76 ? 27  LEU C C   1 
ATOM   705 O O   . LEU C 1 28 ? 8.815   -16.271 0.821   1.00 12.12 ? 27  LEU C O   1 
ATOM   706 C CB  . LEU C 1 28 ? 7.536   -13.574 2.206   1.00 13.19 ? 27  LEU C CB  1 
ATOM   707 C CG  . LEU C 1 28 ? 6.736   -14.632 2.961   1.00 18.27 ? 27  LEU C CG  1 
ATOM   708 C CD1 . LEU C 1 28 ? 7.563   -15.274 4.070   1.00 26.08 ? 27  LEU C CD1 1 
ATOM   709 C CD2 . LEU C 1 28 ? 5.472   -14.032 3.534   1.00 23.30 ? 27  LEU C CD2 1 
ATOM   710 N N   . LYS C 1 29 ? 8.562   -14.575 -0.655  1.00 8.43  ? 28  LYS C N   1 
ATOM   711 C CA  . LYS C 1 29 ? 8.371   -15.453 -1.816  1.00 8.38  ? 28  LYS C CA  1 
ATOM   712 C C   . LYS C 1 29 ? 9.594   -16.358 -2.025  1.00 12.33 ? 28  LYS C C   1 
ATOM   713 O O   . LYS C 1 29 ? 9.477   -17.461 -2.574  1.00 11.67 ? 28  LYS C O   1 
ATOM   714 C CB  . LYS C 1 29 ? 8.134   -14.623 -3.081  1.00 8.82  ? 28  LYS C CB  1 
ATOM   715 C CG  . LYS C 1 29 ? 6.788   -13.980 -3.121  1.00 9.93  ? 28  LYS C CG  1 
ATOM   716 C CD  . LYS C 1 29 ? 6.718   -12.858 -4.155  1.00 16.39 ? 28  LYS C CD  1 
ATOM   717 C CE  . LYS C 1 29 ? 6.973   -13.347 -5.538  1.00 17.90 ? 28  LYS C CE  1 
ATOM   718 N NZ  . LYS C 1 29 ? 6.717   -12.302 -6.561  1.00 16.09 ? 28  LYS C NZ  1 
ATOM   719 N N   . GLN C 1 30 ? 10.765  -15.864 -1.636  1.00 12.22 ? 29  GLN C N   1 
ATOM   720 C CA  . GLN C 1 30 ? 12.012  -16.605 -1.803  1.00 12.63 ? 29  GLN C CA  1 
ATOM   721 C C   . GLN C 1 30 ? 12.525  -17.264 -0.543  1.00 11.45 ? 29  GLN C C   1 
ATOM   722 O O   . GLN C 1 30 ? 13.548  -17.954 -0.590  1.00 11.78 ? 29  GLN C O   1 
ATOM   723 C CB  . GLN C 1 30 ? 13.096  -15.688 -2.391  1.00 14.19 ? 29  GLN C CB  1 
ATOM   724 C CG  . GLN C 1 30 ? 12.802  -15.300 -3.851  1.00 21.43 ? 29  GLN C CG  1 
ATOM   725 C CD  . GLN C 1 30 ? 12.756  -16.502 -4.784  0.50 26.11 ? 29  GLN C CD  1 
ATOM   726 O OE1 . GLN C 1 30 ? 13.538  -17.436 -4.640  0.50 26.85 ? 29  GLN C OE1 1 
ATOM   727 N NE2 . GLN C 1 30 ? 11.836  -16.479 -5.746  0.50 29.08 ? 29  GLN C NE2 1 
ATOM   728 N N   . GLY C 1 31 ? 11.828  -17.076 0.572   1.00 8.62  ? 30  GLY C N   1 
ATOM   729 C CA  . GLY C 1 31 ? 12.284  -17.593 1.859   1.00 14.01 ? 30  GLY C CA  1 
ATOM   730 C C   . GLY C 1 31 ? 13.617  -16.975 2.233   1.00 14.35 ? 30  GLY C C   1 
ATOM   731 O O   . GLY C 1 31 ? 14.530  -17.674 2.703   1.00 11.58 ? 30  GLY C O   1 
ATOM   732 N N   . TYR C 1 32 ? 13.733  -15.666 1.995   1.00 11.89 ? 31  TYR C N   1 
ATOM   733 C CA  . TYR C 1 32 ? 14.917  -14.918 2.346   1.00 11.94 ? 31  TYR C CA  1 
ATOM   734 C C   . TYR C 1 32 ? 14.605  -13.988 3.519   1.00 16.97 ? 31  TYR C C   1 
ATOM   735 O O   . TYR C 1 32 ? 13.806  -13.040 3.406   1.00 21.02 ? 31  TYR C O   1 
ATOM   736 C CB  . TYR C 1 32 ? 15.438  -14.123 1.147   1.00 15.48 ? 31  TYR C CB  1 
ATOM   737 C CG  . TYR C 1 32 ? 16.922  -13.930 1.210   1.00 17.10 ? 31  TYR C CG  1 
ATOM   738 C CD1 . TYR C 1 32 ? 17.491  -12.965 2.050   1.00 23.15 ? 31  TYR C CD1 1 
ATOM   739 C CD2 . TYR C 1 32 ? 17.772  -14.739 0.487   1.00 13.88 ? 31  TYR C CD2 1 
ATOM   740 C CE1 . TYR C 1 32 ? 18.882  -12.806 2.136   1.00 12.69 ? 31  TYR C CE1 1 
ATOM   741 C CE2 . TYR C 1 32 ? 19.178  -14.579 0.561   1.00 15.31 ? 31  TYR C CE2 1 
ATOM   742 C CZ  . TYR C 1 32 ? 19.718  -13.617 1.384   1.00 16.68 ? 31  TYR C CZ  1 
ATOM   743 O OH  . TYR C 1 32 ? 21.104  -13.475 1.473   1.00 18.53 ? 31  TYR C OH  1 
ATOM   744 N N   . TYR C 1 33 ? 15.236  -14.273 4.644   1.00 17.18 ? 32  TYR C N   1 
ATOM   745 C CA  . TYR C 1 33 ? 15.100  -13.448 5.827   1.00 18.75 ? 32  TYR C CA  1 
ATOM   746 C C   . TYR C 1 33 ? 16.444  -12.806 6.179   1.00 20.81 ? 32  TYR C C   1 
ATOM   747 O O   . TYR C 1 33 ? 16.457  -12.010 7.129   1.00 21.25 ? 32  TYR C O   1 
ATOM   748 C CB  . TYR C 1 33 ? 14.573  -14.289 6.999   1.00 24.15 ? 32  TYR C CB  1 
ATOM   749 C CG  . TYR C 1 33 ? 15.234  -15.632 7.044   1.00 22.00 ? 32  TYR C CG  1 
ATOM   750 C CD1 . TYR C 1 33 ? 16.516  -15.763 7.528   1.00 21.85 ? 32  TYR C CD1 1 
ATOM   751 C CD2 . TYR C 1 33 ? 14.606  -16.762 6.539   1.00 24.88 ? 32  TYR C CD2 1 
ATOM   752 C CE1 . TYR C 1 33 ? 17.143  -16.972 7.532   1.00 20.79 ? 32  TYR C CE1 1 
ATOM   753 C CE2 . TYR C 1 33 ? 15.232  -17.982 6.549   1.00 29.91 ? 32  TYR C CE2 1 
ATOM   754 C CZ  . TYR C 1 33 ? 16.504  -18.078 7.046   1.00 27.35 ? 32  TYR C CZ  1 
ATOM   755 O OH  . TYR C 1 33 ? 17.150  -19.289 7.071   1.00 31.70 ? 32  TYR C OH  1 
HETATM 756 O O   . HOH D 2 .  ? 3.437   -13.611 -4.413  1.00 13.70 ? 101 HOH A O   1 
HETATM 757 O O   . HOH D 2 .  ? 1.362   2.329   -10.027 1.00 20.20 ? 102 HOH A O   1 
HETATM 758 O O   . HOH D 2 .  ? -1.837  4.970   -12.760 1.00 22.58 ? 103 HOH A O   1 
HETATM 759 O O   . HOH D 2 .  ? 0.560   3.719   -12.313 1.00 19.56 ? 104 HOH A O   1 
HETATM 760 O O   . HOH D 2 .  ? 3.097   -2.852  -5.819  1.00 21.05 ? 105 HOH A O   1 
HETATM 761 O O   . HOH D 2 .  ? -7.730  9.325   -8.468  1.00 31.94 ? 106 HOH A O   1 
HETATM 762 O O   . HOH D 2 .  ? -2.336  -3.376  -10.110 1.00 23.47 ? 107 HOH A O   1 
HETATM 763 O O   . HOH D 2 .  ? 4.860   3.500   -4.980  1.00 25.30 ? 108 HOH A O   1 
HETATM 764 O O   . HOH D 2 .  ? 4.449   -5.097  -6.790  1.00 38.75 ? 109 HOH A O   1 
HETATM 765 O O   . HOH D 2 .  ? -1.447  -20.371 9.955   1.00 48.24 ? 110 HOH A O   1 
HETATM 766 O O   . HOH D 2 .  ? 4.080   5.617   -6.407  1.00 58.69 ? 111 HOH A O   1 
HETATM 767 O O   . HOH D 2 .  ? -8.100  6.942   -8.328  1.00 29.33 ? 112 HOH A O   1 
HETATM 768 O O   . HOH D 2 .  ? -6.266  3.328   -10.380 1.00 31.66 ? 113 HOH A O   1 
HETATM 769 O O   . HOH D 2 .  ? -7.440  -3.040  -4.221  1.00 38.36 ? 114 HOH A O   1 
HETATM 770 O O   . HOH D 2 .  ? 1.734   7.696   -6.464  1.00 27.71 ? 115 HOH A O   1 
HETATM 771 O O   . HOH D 2 .  ? 3.877   3.135   -8.942  1.00 31.88 ? 116 HOH A O   1 
HETATM 772 O O   . HOH D 2 .  ? 1.095   20.434  -11.416 1.00 34.42 ? 117 HOH A O   1 
HETATM 773 O O   . HOH D 2 .  ? -6.563  -0.654  -4.652  1.00 39.14 ? 118 HOH A O   1 
HETATM 774 O O   . HOH D 2 .  ? -4.644  11.115  -14.144 1.00 87.76 ? 119 HOH A O   1 
HETATM 775 O O   . HOH D 2 .  ? -1.710  17.642  -14.074 1.00 37.85 ? 120 HOH A O   1 
HETATM 776 O O   . HOH D 2 .  ? -1.525  7.353   -12.769 1.00 39.50 ? 121 HOH A O   1 
HETATM 777 O O   . HOH D 2 .  ? 3.315   -7.353  -8.489  1.00 41.35 ? 122 HOH A O   1 
HETATM 778 O O   . HOH D 2 .  ? -3.282  -16.488 5.890   1.00 46.51 ? 123 HOH A O   1 
HETATM 779 O O   . HOH D 2 .  ? -3.105  -24.291 -5.799  1.00 50.06 ? 124 HOH A O   1 
HETATM 780 O O   . HOH D 2 .  ? 5.442   -1.004  -9.476  1.00 44.86 ? 125 HOH A O   1 
HETATM 781 O O   . HOH D 2 .  ? -1.799  15.238  -14.502 1.00 48.98 ? 126 HOH A O   1 
HETATM 782 O O   . HOH D 2 .  ? 6.081   1.443   -10.486 1.00 33.57 ? 127 HOH A O   1 
HETATM 783 O O   . HOH D 2 .  ? -8.262  19.972  -11.774 1.00 35.56 ? 128 HOH A O   1 
HETATM 784 O O   . HOH D 2 .  ? -4.467  14.694  -14.916 1.00 48.84 ? 129 HOH A O   1 
HETATM 785 O O   . HOH D 2 .  ? -1.290  5.385   -15.994 1.00 27.99 ? 130 HOH A O   1 
HETATM 786 O O   . HOH D 2 .  ? -8.873  -0.890  -3.790  1.00 45.07 ? 131 HOH A O   1 
HETATM 787 O O   . HOH D 2 .  ? 5.724   -7.150  -5.449  0.50 32.42 ? 132 HOH A O   1 
HETATM 788 O O   . HOH E 2 .  ? -12.374 20.271  0.101   1.00 19.73 ? 101 HOH B O   1 
HETATM 789 O O   . HOH E 2 .  ? -6.492  11.917  5.333   1.00 46.32 ? 102 HOH B O   1 
HETATM 790 O O   . HOH E 2 .  ? 4.503   -5.854  8.352   1.00 48.32 ? 103 HOH B O   1 
HETATM 791 O O   . HOH E 2 .  ? 4.654   -11.760 12.337  1.00 31.54 ? 104 HOH B O   1 
HETATM 792 O O   . HOH E 2 .  ? -7.542  5.632   7.863   1.00 41.13 ? 105 HOH B O   1 
HETATM 793 O O   . HOH E 2 .  ? -5.663  -4.197  1.696   1.00 31.71 ? 106 HOH B O   1 
HETATM 794 O O   . HOH E 2 .  ? -7.648  -1.961  7.731   1.00 37.61 ? 107 HOH B O   1 
HETATM 795 O O   . HOH E 2 .  ? -10.219 15.285  -5.621  1.00 30.72 ? 108 HOH B O   1 
HETATM 796 O O   . HOH E 2 .  ? -8.528  5.441   -2.115  1.00 25.36 ? 109 HOH B O   1 
HETATM 797 O O   . HOH E 2 .  ? -5.614  9.860   7.307   1.00 39.30 ? 110 HOH B O   1 
HETATM 798 O O   . HOH E 2 .  ? 5.846   -7.866  9.197   1.00 42.69 ? 111 HOH B O   1 
HETATM 799 O O   . HOH E 2 .  ? 5.049   -20.127 13.388  1.00 26.21 ? 112 HOH B O   1 
HETATM 800 O O   . HOH E 2 .  ? 2.667   -22.658 9.564   1.00 32.00 ? 113 HOH B O   1 
HETATM 801 O O   . HOH E 2 .  ? -3.187  -14.268 6.577   1.00 58.64 ? 114 HOH B O   1 
HETATM 802 O O   . HOH E 2 .  ? -12.751 7.041   3.482   1.00 46.68 ? 115 HOH B O   1 
HETATM 803 O O   . HOH E 2 .  ? -10.686 12.591  -5.844  1.00 44.76 ? 116 HOH B O   1 
HETATM 804 O O   . HOH E 2 .  ? -11.904 10.084  7.756   1.00 48.25 ? 117 HOH B O   1 
HETATM 805 O O   . HOH F 2 .  ? -5.013  23.558  1.601   1.00 21.11 ? 101 HOH C O   1 
HETATM 806 O O   . HOH F 2 .  ? 10.883  -2.056  -2.117  1.00 21.52 ? 102 HOH C O   1 
HETATM 807 O O   . HOH F 2 .  ? 9.619   -10.899 4.493   1.00 17.22 ? 103 HOH C O   1 
HETATM 808 O O   . HOH F 2 .  ? 11.412  -12.943 4.505   1.00 19.62 ? 104 HOH C O   1 
HETATM 809 O O   . HOH F 2 .  ? 8.192   1.055   -4.421  1.00 26.67 ? 105 HOH C O   1 
HETATM 810 O O   . HOH F 2 .  ? 10.858  -12.530 -5.044  1.00 35.83 ? 106 HOH C O   1 
HETATM 811 O O   . HOH F 2 .  ? 4.642   -1.080  5.122   1.00 25.34 ? 107 HOH C O   1 
HETATM 812 O O   . HOH F 2 .  ? 6.858   3.083   -3.251  1.00 26.50 ? 108 HOH C O   1 
HETATM 813 O O   . HOH F 2 .  ? -3.432  27.009  4.418   1.00 27.76 ? 109 HOH C O   1 
HETATM 814 O O   . HOH F 2 .  ? -4.779  17.204  4.450   1.00 33.87 ? 110 HOH C O   1 
HETATM 815 O O   . HOH F 2 .  ? -0.109  8.290   4.801   1.00 26.72 ? 111 HOH C O   1 
HETATM 816 O O   . HOH F 2 .  ? 22.418  -16.124 1.166   1.00 52.50 ? 112 HOH C O   1 
HETATM 817 O O   . HOH F 2 .  ? 1.193   6.245   6.148   1.00 40.90 ? 113 HOH C O   1 
HETATM 818 O O   . HOH F 2 .  ? 4.360   2.976   9.851   1.00 47.38 ? 114 HOH C O   1 
HETATM 819 O O   . HOH F 2 .  ? 8.319   8.550   -0.422  1.00 35.14 ? 115 HOH C O   1 
HETATM 820 O O   . HOH F 2 .  ? 5.459   11.738  -3.394  1.00 41.06 ? 116 HOH C O   1 
HETATM 821 O O   . HOH F 2 .  ? 3.321   13.684  -4.293  1.00 47.19 ? 117 HOH C O   1 
HETATM 822 O O   . HOH F 2 .  ? 9.250   4.610   -3.521  1.00 37.90 ? 118 HOH C O   1 
HETATM 823 O O   . HOH F 2 .  ? -3.901  14.777  5.224   1.00 41.16 ? 119 HOH C O   1 
HETATM 824 O O   . HOH F 2 .  ? -5.189  24.667  4.060   0.50 12.56 ? 120 HOH C O   1 
HETATM 825 O O   . HOH F 2 .  ? 23.140  -14.396 -0.397  1.00 43.59 ? 121 HOH C O   1 
HETATM 826 O O   . HOH F 2 .  ? 10.448  2.121   2.309   1.00 52.90 ? 122 HOH C O   1 
HETATM 827 O O   . HOH F 2 .  ? 6.791   -14.169 -9.049  1.00 46.67 ? 123 HOH C O   1 
HETATM 828 O O   . HOH F 2 .  ? 4.286   13.521  -2.049  1.00 50.14 ? 124 HOH C O   1 
HETATM 829 O O   . HOH F 2 .  ? 23.058  -15.257 -2.810  1.00 45.20 ? 125 HOH C O   1 
HETATM 830 O O   . HOH F 2 .  ? 8.523   -9.995  -5.782  1.00 41.79 ? 126 HOH C O   1 
HETATM 831 O O   . HOH F 2 .  ? 7.167   -7.548  -5.224  0.50 32.02 ? 127 HOH C O   1 
HETATM 832 O O   . HOH F 2 .  ? -6.972  24.489  4.825   0.50 29.11 ? 128 HOH C O   1 
HETATM 833 O O   . HOH F 2 .  ? 0.444   14.788  6.802   1.00 31.59 ? 129 HOH C O   1 
# 
loop_
_atom_site_anisotrop.id 
_atom_site_anisotrop.type_symbol 
_atom_site_anisotrop.pdbx_label_atom_id 
_atom_site_anisotrop.pdbx_label_alt_id 
_atom_site_anisotrop.pdbx_label_comp_id 
_atom_site_anisotrop.pdbx_label_asym_id 
_atom_site_anisotrop.pdbx_label_seq_id 
_atom_site_anisotrop.pdbx_PDB_ins_code 
_atom_site_anisotrop.U[1][1] 
_atom_site_anisotrop.U[2][2] 
_atom_site_anisotrop.U[3][3] 
_atom_site_anisotrop.U[1][2] 
_atom_site_anisotrop.U[1][3] 
_atom_site_anisotrop.U[2][3] 
_atom_site_anisotrop.pdbx_auth_seq_id 
_atom_site_anisotrop.pdbx_auth_comp_id 
_atom_site_anisotrop.pdbx_auth_asym_id 
_atom_site_anisotrop.pdbx_auth_atom_id 
1   C C   . ACE A 1  ? 0.3202 0.3238 0.4093 -0.0349 -0.0425 0.0061  0   ACE A C   
2   O O   . ACE A 1  ? 0.3154 0.2157 0.3797 0.0017  -0.0929 -0.0287 0   ACE A O   
3   C CH3 . ACE A 1  ? 0.4242 0.3652 0.4424 -0.0882 -0.0541 -0.0471 0   ACE A CH3 
4   N N   . GLY A 2  ? 0.3293 0.2409 0.3158 -0.0298 -0.0239 -0.0047 1   GLY A N   
5   C CA  . GLY A 2  ? 0.2588 0.1774 0.2526 -0.0100 -0.0194 0.0539  1   GLY A CA  
6   C C   . GLY A 2  ? 0.2897 0.1695 0.1360 -0.0314 -0.0146 0.0087  1   GLY A C   
7   O O   . GLY A 2  ? 0.2830 0.1585 0.1861 0.0130  -0.0194 -0.0169 1   GLY A O   
8   N N   . GLU A 3  ? 0.2415 0.1048 0.1817 0.0231  -0.0352 -0.0110 2   GLU A N   
9   C CA  . GLU A 3  ? 0.1825 0.1236 0.1488 0.0259  -0.0275 -0.0011 2   GLU A CA  
10  C C   . GLU A 3  ? 0.2025 0.1529 0.1726 0.0248  -0.0202 0.0008  2   GLU A C   
11  O O   . GLU A 3  ? 0.1780 0.1240 0.1873 -0.0048 -0.0560 -0.0030 2   GLU A O   
12  C CB  . GLU A 3  ? 0.2031 0.1378 0.1682 0.0336  -0.0589 -0.0059 2   GLU A CB  
13  C CG  . GLU A 3  ? 0.1539 0.1217 0.1328 -0.0643 -0.0627 -0.0372 2   GLU A CG  
14  C CD  . GLU A 3  ? 0.2074 0.1154 0.2516 0.0043  0.0123  0.0010  2   GLU A CD  
15  O OE1 . GLU A 3  ? 0.2750 0.3012 0.2476 -0.0642 -0.0229 0.0439  2   GLU A OE1 
16  O OE2 . GLU A 3  ? 0.3228 0.2550 0.3916 0.0743  -0.1220 -0.0496 2   GLU A OE2 
17  N N   . ILE A 4  ? 0.1696 0.1028 0.1276 -0.0168 -0.0348 0.0141  3   ILE A N   
18  C CA  . ILE A 4  ? 0.1787 0.1569 0.2298 -0.0240 -0.0064 0.0377  3   ILE A CA  
19  C C   . ILE A 4  ? 0.1065 0.1561 0.2267 -0.0125 -0.0181 0.0485  3   ILE A C   
20  O O   . ILE A 4  ? 0.2070 0.0959 0.2196 -0.0242 0.0225  0.0512  3   ILE A O   
21  C CB  . ILE A 4  ? 0.2312 0.1563 0.2115 0.0009  0.0407  0.0311  3   ILE A CB  
22  C CG1 A ILE A 4  ? 0.3829 0.2132 0.3223 0.0184  0.0487  -0.0461 3   ILE A CG1 
23  C CG1 B ILE A 4  ? 0.3790 0.2230 0.3114 0.0160  0.0434  -0.0462 3   ILE A CG1 
24  C CG2 . ILE A 4  ? 0.2172 0.1656 0.4849 0.0262  0.1095  -0.0105 3   ILE A CG2 
25  C CD1 A ILE A 4  ? 0.3740 0.2591 0.3279 0.1414  0.0138  -0.0494 3   ILE A CD1 
26  C CD1 B ILE A 4  ? 0.3417 0.1963 0.4248 -0.0478 0.1247  -0.0506 3   ILE A CD1 
27  N N   . ALA A 5  ? 0.2082 0.1237 0.2076 -0.0043 -0.0284 -0.0098 4   ALA A N   
28  C CA  . ALA A 5  ? 0.2334 0.1450 0.2519 -0.0355 0.0086  -0.0336 4   ALA A CA  
29  C C   . ALA A 5  ? 0.2241 0.1562 0.1305 -0.0438 -0.0250 -0.0041 4   ALA A C   
30  O O   . ALA A 5  ? 0.2640 0.1367 0.1586 -0.0532 -0.0364 -0.0176 4   ALA A O   
31  C CB  . ALA A 5  ? 0.2433 0.2108 0.2302 -0.0371 -0.0344 -0.0409 4   ALA A CB  
32  N N   . ALA A 6  ? 0.1946 0.1140 0.1409 -0.0195 0.0042  -0.0111 5   ALA A N   
33  C CA  . ALA A 6  ? 0.1549 0.1719 0.1609 -0.0074 0.0277  -0.0488 5   ALA A CA  
34  C C   . ALA A 6  ? 0.2335 0.1479 0.1957 0.0074  -0.0351 -0.0331 5   ALA A C   
35  O O   . ALA A 6  ? 0.1949 0.1016 0.1991 -0.0167 -0.0411 -0.0157 5   ALA A O   
36  C CB  . ALA A 6  ? 0.1494 0.1575 0.2304 -0.0327 -0.0139 0.0223  5   ALA A CB  
37  N N   . LEU A 7  ? 0.2016 0.0651 0.2057 -0.0443 0.0169  -0.0021 6   LEU A N   
38  C CA  . LEU A 7  ? 0.1331 0.1181 0.1510 0.0007  -0.0252 -0.0065 6   LEU A CA  
39  C C   . LEU A 7  ? 0.1582 0.1386 0.1549 -0.0118 -0.0365 -0.0192 6   LEU A C   
40  O O   . LEU A 7  ? 0.1714 0.1277 0.1810 -0.0026 -0.0276 -0.0276 6   LEU A O   
41  C CB  . LEU A 7  ? 0.1902 0.1063 0.2347 0.0021  -0.0139 -0.0255 6   LEU A CB  
42  C CG  . LEU A 7  ? 0.1774 0.1835 0.1968 -0.0385 -0.0047 -0.0201 6   LEU A CG  
43  C CD1 . LEU A 7  ? 0.3317 0.2104 0.2264 -0.0065 0.0467  -0.0289 6   LEU A CD1 
44  C CD2 . LEU A 7  ? 0.2830 0.3015 0.2352 -0.0146 -0.1033 0.0046  6   LEU A CD2 
45  N N   . LYS A 8  ? 0.1408 0.0680 0.1310 -0.0204 -0.0230 0.0049  7   LYS A N   
46  C CA  . LYS A 8  ? 0.1510 0.0906 0.1846 -0.0304 -0.0207 -0.0430 7   LYS A CA  
47  C C   . LYS A 8  ? 0.1852 0.1400 0.1696 -0.0181 -0.0243 -0.0504 7   LYS A C   
48  O O   . LYS A 8  ? 0.1571 0.1104 0.2538 0.0083  -0.0353 -0.0133 7   LYS A O   
49  C CB  . LYS A 8  ? 0.1832 0.1413 0.2242 -0.0329 -0.0164 -0.0048 7   LYS A CB  
50  C CG  . LYS A 8  ? 0.2223 0.1642 0.2432 -0.0254 0.0086  -0.0109 7   LYS A CG  
51  C CD  . LYS A 8  ? 0.2121 0.2039 0.4122 -0.0012 -0.0319 0.0724  7   LYS A CD  
52  C CE  . LYS A 8  ? 0.3745 0.2187 0.3235 0.0515  0.0046  0.0127  7   LYS A CE  
53  N NZ  . LYS A 8  ? 0.1597 0.1837 0.3420 -0.0271 0.0311  -0.0659 7   LYS A NZ  
54  N N   . GLN A 9  ? 0.1626 0.0900 0.2324 -0.0453 -0.0216 -0.0013 8   GLN A N   
55  C CA  . GLN A 9  ? 0.2186 0.0757 0.1890 -0.0374 -0.0334 -0.0365 8   GLN A CA  
56  C C   . GLN A 9  ? 0.1747 0.1301 0.1513 -0.0088 0.0273  -0.0336 8   GLN A C   
57  O O   . GLN A 9  ? 0.2323 0.1256 0.2082 -0.0042 0.0423  -0.0522 8   GLN A O   
58  C CB  . GLN A 9  ? 0.1809 0.3099 0.3482 -0.0557 0.0147  0.0262  8   GLN A CB  
59  C CG  . GLN A 9  ? 0.4631 0.4550 0.3971 0.0285  -0.0060 -0.0383 8   GLN A CG  
60  C CD  . GLN A 9  ? 0.5436 0.6723 0.5206 0.0384  0.0737  0.0909  8   GLN A CD  
61  O OE1 . GLN A 9  ? 0.7112 0.7279 0.4226 0.1499  -0.0560 0.1093  8   GLN A OE1 
62  N NE2 . GLN A 9  ? 0.4880 0.6668 0.5289 0.1275  -0.0048 0.1447  8   GLN A NE2 
63  N N   . GLU A 10 ? 0.1873 0.0852 0.1770 -0.0257 -0.0228 0.0040  9   GLU A N   
64  C CA  . GLU A 10 ? 0.1739 0.1408 0.1520 0.0206  -0.0004 0.0306  9   GLU A CA  
65  C C   . GLU A 10 ? 0.1440 0.1379 0.1220 0.0136  0.0008  0.0005  9   GLU A C   
66  O O   . GLU A 10 ? 0.1871 0.1126 0.1957 -0.0089 0.0055  -0.0161 9   GLU A O   
67  C CB  . GLU A 10 ? 0.2272 0.1990 0.2265 -0.0232 -0.0492 -0.0096 9   GLU A CB  
68  C CG  . GLU A 10 ? 0.3783 0.2583 0.1800 -0.0569 0.0227  0.0073  9   GLU A CG  
69  C CD  . GLU A 10 ? 0.3662 0.2979 0.3433 -0.0295 -0.0102 0.0198  9   GLU A CD  
70  O OE1 . GLU A 10 ? 0.0855 0.3060 0.4106 -0.0610 0.0119  0.0684  9   GLU A OE1 
71  O OE2 . GLU A 10 ? 0.3524 0.2846 0.4565 0.0617  0.0641  0.1018  9   GLU A OE2 
72  N N   . ILE A 11 ? 0.1587 0.0809 0.1567 -0.0187 0.0105  -0.0312 10  ILE A N   
73  C CA  . ILE A 11 ? 0.1659 0.1133 0.1299 -0.0183 0.0332  0.0100  10  ILE A CA  
74  C C   . ILE A 11 ? 0.1284 0.1136 0.1535 -0.0396 0.0098  0.0114  10  ILE A C   
75  O O   . ILE A 11 ? 0.1756 0.0821 0.1846 -0.0205 0.0432  -0.0003 10  ILE A O   
76  C CB  . ILE A 11 ? 0.1984 0.1134 0.1671 0.0066  0.0578  0.0311  10  ILE A CB  
77  C CG1 . ILE A 11 ? 0.3827 0.2350 0.3124 -0.0333 0.0153  -0.0570 10  ILE A CG1 
78  C CG2 . ILE A 11 ? 0.1957 0.1200 0.2072 -0.0081 0.0695  0.0127  10  ILE A CG2 
79  C CD1 . ILE A 11 ? 0.4091 0.2666 0.3611 -0.0316 -0.0252 -0.0677 10  ILE A CD1 
80  N N   . ALA A 12 ? 0.1496 0.0998 0.1535 -0.0169 -0.0170 -0.0242 11  ALA A N   
81  C CA  . ALA A 12 ? 0.1232 0.0963 0.1357 -0.0428 0.0040  -0.0268 11  ALA A CA  
82  C C   . ALA A 12 ? 0.1782 0.0957 0.2105 -0.0302 0.0133  -0.0273 11  ALA A C   
83  O O   . ALA A 12 ? 0.1618 0.0840 0.1810 -0.0317 -0.0067 -0.0114 11  ALA A O   
84  C CB  . ALA A 12 ? 0.2718 0.0910 0.1552 0.0064  -0.0381 -0.0173 11  ALA A CB  
85  N N   . ALA A 13 ? 0.1802 0.0793 0.1711 -0.0217 0.0239  0.0099  12  ALA A N   
86  C CA  . ALA A 13 ? 0.1653 0.1284 0.1027 -0.0133 -0.0124 -0.0260 12  ALA A CA  
87  C C   . ALA A 13 ? 0.1194 0.1051 0.1118 -0.0146 0.0120  -0.0209 12  ALA A C   
88  O O   . ALA A 13 ? 0.1408 0.0668 0.1311 -0.0119 0.0416  -0.0051 12  ALA A O   
89  C CB  . ALA A 13 ? 0.1813 0.1058 0.1543 -0.0119 0.0008  0.0148  12  ALA A CB  
90  N N   . LEU A 14 ? 0.1351 0.0699 0.1425 -0.0362 0.0184  -0.0234 13  LEU A N   
91  C CA  . LEU A 14 ? 0.0762 0.1048 0.1538 0.0022  0.0182  -0.0173 13  LEU A CA  
92  C C   . LEU A 14 ? 0.0853 0.1082 0.0754 0.0014  0.0174  0.0028  13  LEU A C   
93  O O   . LEU A 14 ? 0.1214 0.0840 0.1504 -0.0185 -0.0023 0.0015  13  LEU A O   
94  C CB  . LEU A 14 ? 0.1163 0.1026 0.1064 -0.0180 -0.0126 -0.0075 13  LEU A CB  
95  C CG  . LEU A 14 ? 0.1972 0.1479 0.1604 -0.0686 0.0098  -0.0104 13  LEU A CG  
96  C CD1 . LEU A 14 ? 0.2893 0.1815 0.2193 -0.0691 -0.0073 -0.1074 13  LEU A CD1 
97  C CD2 . LEU A 14 ? 0.2667 0.1522 0.5373 -0.0462 -0.1753 -0.0962 13  LEU A CD2 
98  N N   . LYS A 15 ? 0.1058 0.0795 0.1180 0.0236  0.0021  -0.0124 14  LYS A N   
99  C CA  . LYS A 15 ? 0.1204 0.1471 0.1312 -0.0095 -0.0103 -0.0131 14  LYS A CA  
100 C C   . LYS A 15 ? 0.1265 0.1316 0.1505 -0.0102 0.0195  0.0080  14  LYS A C   
101 O O   . LYS A 15 ? 0.1357 0.0780 0.1492 -0.0083 0.0019  -0.0139 14  LYS A O   
102 C CB  . LYS A 15 ? 0.1146 0.1225 0.1312 -0.0366 -0.0168 0.0019  14  LYS A CB  
103 C CG  . LYS A 15 ? 0.1365 0.1562 0.2071 -0.0504 0.0049  -0.0436 14  LYS A CG  
104 C CD  . LYS A 15 ? 0.2051 0.2127 0.2138 0.0448  -0.0102 0.0114  14  LYS A CD  
105 C CE  . LYS A 15 ? 0.2391 0.2463 0.2927 -0.0492 0.0502  -0.0247 14  LYS A CE  
106 N NZ  . LYS A 15 ? 0.3228 0.2662 0.3990 0.0593  0.0445  0.0449  14  LYS A NZ  
107 N N   . LYS A 16 ? 0.1033 0.0838 0.1152 -0.0285 0.0115  0.0050  15  LYS A N   
108 C CA  . LYS A 16 ? 0.1219 0.1010 0.1315 -0.0134 0.0166  -0.0361 15  LYS A CA  
109 C C   . LYS A 16 ? 0.1125 0.0975 0.1181 -0.0293 0.0191  -0.0237 15  LYS A C   
110 O O   . LYS A 16 ? 0.1148 0.0722 0.1383 0.0121  0.0059  -0.0268 15  LYS A O   
111 C CB  . LYS A 16 ? 0.1607 0.0661 0.1568 0.0041  0.0110  -0.0287 15  LYS A CB  
112 C CG  . LYS A 16 ? 0.1482 0.1458 0.1263 -0.0328 -0.0061 -0.0656 15  LYS A CG  
113 C CD  . LYS A 16 ? 0.1373 0.1374 0.1595 0.0067  0.0060  -0.0370 15  LYS A CD  
114 C CE  . LYS A 16 ? 0.2507 0.2018 0.0917 0.0252  -0.0256 -0.0129 15  LYS A CE  
115 N NZ  . LYS A 16 ? 0.3806 0.1575 0.1032 0.0582  0.0045  0.0096  15  LYS A NZ  
116 N N   . GLU A 17 ? 0.0991 0.0578 0.1387 -0.0207 0.0013  0.0134  16  GLU A N   
117 C CA  . GLU A 17 ? 0.1405 0.1184 0.0939 0.0319  -0.0153 -0.0120 16  GLU A CA  
118 C C   . GLU A 17 ? 0.1130 0.1271 0.1524 -0.0130 -0.0071 -0.0328 16  GLU A C   
119 O O   . GLU A 17 ? 0.1332 0.0984 0.1968 0.0041  0.0110  -0.0237 16  GLU A O   
120 C CB  . GLU A 17 ? 0.1071 0.1646 0.2004 0.0073  -0.0044 -0.0250 16  GLU A CB  
121 C CG  . GLU A 17 ? 0.2076 0.2841 0.2683 0.0109  0.0428  0.0305  16  GLU A CG  
122 C CD  . GLU A 17 ? 0.2116 0.2061 0.2692 -0.0036 0.1698  0.0039  16  GLU A CD  
123 O OE1 . GLU A 17 ? 0.0923 0.1823 0.2407 0.0023  0.0048  -0.0675 16  GLU A OE1 
124 O OE2 . GLU A 17 ? 0.1987 0.1592 0.3641 0.0188  0.1259  0.0710  16  GLU A OE2 
125 N N   . ILE A 18 ? 0.1314 0.0905 0.1778 -0.0031 0.0086  -0.0159 17  ILE A N   
126 C CA  . ILE A 18 ? 0.1139 0.1122 0.1058 0.0244  -0.0277 0.0125  17  ILE A CA  
127 C C   . ILE A 18 ? 0.1059 0.1295 0.1341 0.0355  -0.0176 -0.0131 17  ILE A C   
128 O O   . ILE A 18 ? 0.1164 0.1312 0.1321 0.0276  -0.0099 -0.0063 17  ILE A O   
129 C CB  . ILE A 18 ? 0.1411 0.0947 0.1536 0.0446  -0.0228 0.0030  17  ILE A CB  
130 C CG1 . ILE A 18 ? 0.2241 0.1339 0.2733 0.0006  -0.0177 -0.0345 17  ILE A CG1 
131 C CG2 . ILE A 18 ? 0.1552 0.1667 0.1996 0.0295  0.0376  -0.0126 17  ILE A CG2 
132 C CD1 . ILE A 18 ? 0.2555 0.2418 0.1989 0.0534  0.0724  -0.0625 17  ILE A CD1 
133 N N   . ALA A 19 ? 0.1393 0.0830 0.0970 0.0271  -0.0165 -0.0228 18  ALA A N   
134 C CA  . ALA A 19 ? 0.1676 0.0747 0.1451 0.0171  -0.0102 -0.0320 18  ALA A CA  
135 C C   . ALA A 19 ? 0.1637 0.1233 0.1917 0.0179  -0.0102 -0.0009 18  ALA A C   
136 O O   . ALA A 19 ? 0.1637 0.1022 0.1942 -0.0192 -0.0058 0.0195  18  ALA A O   
137 C CB  . ALA A 19 ? 0.0911 0.1033 0.1984 -0.0149 -0.0642 -0.0355 18  ALA A CB  
138 N N   . ALA A 20 ? 0.1474 0.0927 0.1178 0.0130  0.0057  -0.0049 19  ALA A N   
139 C CA  . ALA A 20 ? 0.0965 0.0606 0.1360 -0.0335 0.0079  -0.0499 19  ALA A CA  
140 C C   . ALA A 20 ? 0.1320 0.1135 0.1594 -0.0177 0.0282  -0.0182 19  ALA A C   
141 O O   . ALA A 20 ? 0.1640 0.0861 0.1675 -0.0259 0.0105  -0.0228 19  ALA A O   
142 C CB  . ALA A 20 ? 0.1350 0.1182 0.0932 -0.0355 0.0341  0.0027  19  ALA A CB  
143 N N   . LEU A 21 ? 0.0988 0.0603 0.0901 0.0110  -0.0141 0.0232  20  LEU A N   
144 C CA  . LEU A 21 ? 0.1070 0.0912 0.0851 0.0101  -0.0163 0.0229  20  LEU A CA  
145 C C   . LEU A 21 ? 0.1104 0.0992 0.1045 -0.0114 -0.0433 -0.0072 20  LEU A C   
146 O O   . LEU A 21 ? 0.1597 0.0667 0.1332 -0.0104 -0.0245 0.0027  20  LEU A O   
147 C CB  . LEU A 21 ? 0.1377 0.0940 0.1503 0.0114  -0.0149 -0.0022 20  LEU A CB  
148 C CG  . LEU A 21 ? 0.1567 0.1340 0.1444 -0.0158 -0.0214 0.0270  20  LEU A CG  
149 C CD1 . LEU A 21 ? 0.3032 0.1722 0.2870 -0.1173 -0.0072 -0.0525 20  LEU A CD1 
150 C CD2 . LEU A 21 ? 0.1204 0.3071 0.4631 0.0030  0.0040  0.0009  20  LEU A CD2 
151 N N   . LYS A 22 ? 0.1027 0.0804 0.1450 -0.0005 -0.0369 -0.0078 21  LYS A N   
152 C CA  . LYS A 22 ? 0.1228 0.1090 0.1427 0.0017  0.0092  0.0214  21  LYS A CA  
153 C C   . LYS A 22 ? 0.0639 0.1381 0.1121 -0.0330 -0.0536 0.0132  21  LYS A C   
154 O O   . LYS A 22 ? 0.1123 0.1001 0.1833 -0.0090 -0.0045 0.0051  21  LYS A O   
155 C CB  . LYS A 22 ? 0.1582 0.1430 0.1174 -0.0105 0.0294  0.0378  21  LYS A CB  
156 C CG  . LYS A 22 ? 0.1834 0.2064 0.1748 0.0554  0.0281  -0.0158 21  LYS A CG  
157 C CD  . LYS A 22 ? 0.2339 0.2298 0.3818 0.0964  -0.0101 0.0636  21  LYS A CD  
158 C CE  . LYS A 22 ? 0.3694 0.3716 0.3082 0.0793  -0.0931 -0.0142 21  LYS A CE  
159 N NZ  . LYS A 22 ? 0.3332 0.3430 0.2114 0.0793  -0.0479 0.0236  21  LYS A NZ  
160 N N   . PHI A 23 ? 0.1107 0.0939 0.1154 -0.0059 -0.0417 0.0214  22  PHI A N   
161 C CA  . PHI A 23 ? 0.0875 0.1094 0.1179 -0.0281 -0.0356 -0.0282 22  PHI A CA  
162 C CB  . PHI A 23 ? 0.2144 0.0480 0.1267 -0.0232 -0.0316 -0.0012 22  PHI A CB  
163 C CG  . PHI A 23 ? 0.2138 0.2421 0.2179 0.0126  -0.0055 -0.0415 22  PHI A CG  
164 C CD1 . PHI A 23 ? 0.1983 0.2327 0.2870 0.0138  -0.0895 0.0068  22  PHI A CD1 
165 C CD2 . PHI A 23 ? 0.2965 0.2539 0.3702 0.0942  -0.1005 -0.1895 22  PHI A CD2 
166 C CE1 . PHI A 23 ? 0.2372 0.3004 0.4319 0.0187  -0.1569 -0.1066 22  PHI A CE1 
167 C CE2 . PHI A 23 ? 0.4016 0.3205 0.4158 0.0090  -0.2254 -0.1628 22  PHI A CE2 
168 C CZ  . PHI A 23 ? 0.2248 0.2816 0.2485 -0.0218 -0.1154 -0.0231 22  PHI A CZ  
169 I I   . PHI A 23 ? 0.3070 0.4138 0.2651 0.1673  -0.1414 -0.0851 22  PHI A I   
170 C C   . PHI A 23 ? 0.1002 0.1043 0.1217 -0.0251 -0.0157 0.0119  22  PHI A C   
171 O O   . PHI A 23 ? 0.1575 0.1163 0.1146 -0.0011 -0.0328 0.0009  22  PHI A O   
172 N N   . GLU A 24 ? 0.0691 0.1128 0.1003 -0.0170 0.0182  0.0125  23  GLU A N   
173 C CA  . GLU A 24 ? 0.1136 0.1254 0.0780 0.0107  -0.0196 -0.0437 23  GLU A CA  
174 C C   . GLU A 24 ? 0.0990 0.0971 0.1396 -0.0163 -0.0160 -0.0266 23  GLU A C   
175 O O   . GLU A 24 ? 0.1798 0.0803 0.1569 -0.0024 -0.0268 -0.0028 23  GLU A O   
176 C CB  . GLU A 24 ? 0.1579 0.0944 0.1479 -0.0154 -0.0401 0.0086  23  GLU A CB  
177 C CG  . GLU A 24 ? 0.1278 0.0681 0.2263 -0.0338 -0.0107 0.0320  23  GLU A CG  
178 C CD  . GLU A 24 ? 0.2657 0.1748 0.2184 -0.0036 0.0245  -0.0240 23  GLU A CD  
179 O OE1 . GLU A 24 ? 0.2249 0.1581 0.2167 -0.0150 -0.0243 -0.0374 23  GLU A OE1 
180 O OE2 . GLU A 24 ? 0.3689 0.2619 0.4130 0.0120  0.1554  0.0795  23  GLU A OE2 
181 N N   . ILE A 25 ? 0.1003 0.0695 0.1342 0.0036  -0.0091 0.0071  24  ILE A N   
182 C CA  . ILE A 25 ? 0.0808 0.0861 0.1438 0.0073  -0.0062 -0.0002 24  ILE A CA  
183 C C   . ILE A 25 ? 0.1301 0.0983 0.0859 -0.0146 -0.0195 -0.0049 24  ILE A C   
184 O O   . ILE A 25 ? 0.1092 0.1142 0.0932 0.0160  -0.0175 -0.0007 24  ILE A O   
185 C CB  . ILE A 25 ? 0.1625 0.1033 0.0849 0.0584  -0.0236 0.0340  24  ILE A CB  
186 C CG1 . ILE A 25 ? 0.2523 0.1474 0.2093 -0.0474 -0.0080 -0.0138 24  ILE A CG1 
187 C CG2 . ILE A 25 ? 0.1811 0.0784 0.1136 0.0133  0.0337  -0.0401 24  ILE A CG2 
188 C CD1 . ILE A 25 ? 0.4482 0.2690 0.2257 0.0990  -0.0460 -0.0125 24  ILE A CD1 
189 N N   . ALA A 26 ? 0.0994 0.1024 0.1085 0.0226  0.0028  -0.0009 25  ALA A N   
190 C CA  . ALA A 26 ? 0.1024 0.1247 0.1041 -0.0012 -0.0252 -0.0033 25  ALA A CA  
191 C C   . ALA A 26 ? 0.1607 0.1284 0.1132 -0.0063 -0.0293 -0.0076 25  ALA A C   
192 O O   . ALA A 26 ? 0.1536 0.0841 0.1534 0.0092  -0.0258 0.0017  25  ALA A O   
193 C CB  . ALA A 26 ? 0.0694 0.0779 0.1666 -0.0170 -0.0351 0.0323  25  ALA A CB  
194 N N   . ALA A 27 ? 0.1340 0.0652 0.1112 -0.0019 -0.0380 0.0056  26  ALA A N   
195 C CA  . ALA A 27 ? 0.1244 0.0666 0.0946 0.0023  -0.0042 -0.0161 26  ALA A CA  
196 C C   . ALA A 27 ? 0.0936 0.1142 0.0958 -0.0150 -0.0126 -0.0412 26  ALA A C   
197 O O   . ALA A 27 ? 0.1602 0.0907 0.1493 -0.0096 -0.0444 -0.0387 26  ALA A O   
198 C CB  . ALA A 27 ? 0.1220 0.1069 0.0877 -0.0152 -0.0275 0.0320  26  ALA A CB  
199 N N   . LEU A 28 ? 0.1067 0.0777 0.1207 -0.0061 -0.0090 -0.0077 27  LEU A N   
200 C CA  . LEU A 28 ? 0.0705 0.1231 0.0892 0.0257  0.0128  -0.0168 27  LEU A CA  
201 C C   . LEU A 28 ? 0.1007 0.1124 0.1464 -0.0013 -0.0155 0.0231  27  LEU A C   
202 O O   . LEU A 28 ? 0.1326 0.1022 0.1277 0.0145  0.0037  0.0084  27  LEU A O   
203 C CB  . LEU A 28 ? 0.0885 0.1154 0.1218 0.0153  -0.0139 0.0068  27  LEU A CB  
204 C CG  . LEU A 28 ? 0.1057 0.1203 0.0566 -0.0017 -0.0055 -0.0105 27  LEU A CG  
205 C CD1 . LEU A 28 ? 0.1634 0.1388 0.1301 -0.0204 -0.0468 -0.0285 27  LEU A CD1 
206 C CD2 . LEU A 28 ? 0.1180 0.1701 0.1968 0.0287  -0.0746 0.0014  27  LEU A CD2 
207 N N   . LYS A 29 ? 0.1291 0.1072 0.0860 0.0094  -0.0175 0.0191  28  LYS A N   
208 C CA  . LYS A 29 ? 0.0951 0.1067 0.1415 -0.0070 0.0057  -0.0041 28  LYS A CA  
209 C C   . LYS A 29 ? 0.0961 0.1163 0.0940 0.0131  0.0228  -0.0130 28  LYS A C   
210 O O   . LYS A 29 ? 0.1370 0.0901 0.1324 0.0172  0.0172  0.0121  28  LYS A O   
211 C CB  . LYS A 29 ? 0.1467 0.1455 0.1309 0.0154  0.0042  0.0173  28  LYS A CB  
212 C CG  . LYS A 29 ? 0.1399 0.1635 0.1149 0.0210  0.0144  0.0244  28  LYS A CG  
213 C CD  . LYS A 29 ? 0.1861 0.2604 0.3305 0.1065  0.0233  -0.0169 28  LYS A CD  
214 C CE  . LYS A 29 ? 0.2720 0.3062 0.4064 0.0412  0.0610  -0.0748 28  LYS A CE  
215 N NZ  . LYS A 29 ? 0.2645 0.2189 0.4031 0.0687  0.2307  0.0570  28  LYS A NZ  
216 N N   . GLN A 30 ? 0.1364 0.1025 0.1183 0.0082  -0.0235 -0.0200 29  GLN A N   
217 C CA  . GLN A 30 ? 0.1005 0.0904 0.1385 -0.0305 -0.0388 -0.0133 29  GLN A CA  
218 C C   . GLN A 30 ? 0.1255 0.0877 0.1097 -0.0025 -0.0017 0.0013  29  GLN A C   
219 O O   . GLN A 30 ? 0.1301 0.0785 0.1708 0.0059  -0.0119 0.0149  29  GLN A O   
220 C CB  . GLN A 30 ? 0.1061 0.1528 0.1247 0.0103  -0.0078 -0.0069 29  GLN A CB  
221 C CG  . GLN A 30 ? 0.2282 0.1522 0.1316 -0.0095 -0.0685 -0.0141 29  GLN A CG  
222 C CD  . GLN A 30 ? 0.2350 0.1414 0.1158 -0.0245 -0.0359 0.0008  29  GLN A CD  
223 O OE1 . GLN A 30 ? 0.2124 0.1553 0.1986 -0.0194 -0.0893 -0.0229 29  GLN A OE1 
224 N NE2 . GLN A 30 ? 0.2208 0.1333 0.2547 -0.0250 -0.0696 -0.0244 29  GLN A NE2 
225 N N   . GLY A 31 ? 0.1062 0.0966 0.1761 -0.0080 0.0055  0.0042  30  GLY A N   
226 C CA  . GLY A 31 ? 0.0938 0.1173 0.1455 -0.0028 0.0198  -0.0073 30  GLY A CA  
227 C C   . GLY A 31 ? 0.1200 0.1636 0.1581 0.0270  0.0359  0.0104  30  GLY A C   
228 O O   . GLY A 31 ? 0.1544 0.1484 0.1817 0.0353  0.0681  0.0102  30  GLY A O   
229 N N   . TYR A 32 ? 0.1125 0.0826 0.1114 0.0221  -0.0120 0.0215  31  TYR A N   
230 C CA  . TYR A 32 ? 0.0867 0.1155 0.0884 0.0233  0.0051  -0.0051 31  TYR A CA  
231 C C   . TYR A 32 ? 0.1324 0.0951 0.1914 0.0189  -0.0067 -0.0209 31  TYR A C   
232 O O   . TYR A 32 ? 0.1640 0.1139 0.1441 0.0414  -0.0078 -0.0011 31  TYR A O   
233 C CB  . TYR A 32 ? 0.0950 0.0877 0.1259 0.0081  0.0171  0.0088  31  TYR A CB  
234 C CG  . TYR A 32 ? 0.1556 0.0638 0.1039 0.0120  -0.0107 -0.0085 31  TYR A CG  
235 C CD1 . TYR A 32 ? 0.1456 0.1420 0.1538 -0.0125 -0.0036 0.0352  31  TYR A CD1 
236 C CD2 . TYR A 32 ? 0.1458 0.1248 0.1579 0.0058  -0.0235 0.0080  31  TYR A CD2 
237 C CE1 . TYR A 32 ? 0.2549 0.1303 0.1680 0.0083  -0.0230 0.0112  31  TYR A CE1 
238 C CE2 . TYR A 32 ? 0.2292 0.1357 0.1747 -0.0250 -0.0109 0.0358  31  TYR A CE2 
239 C CZ  . TYR A 32 ? 0.2318 0.1272 0.2272 0.0202  0.0092  -0.0318 31  TYR A CZ  
240 O OH  . TYR A 32 ? 0.3116 0.1950 0.2012 0.0071  0.0582  -0.0273 31  TYR A OH  
241 N N   . TYR A 33 ? 0.1683 0.1323 0.1504 0.0187  -0.0146 -0.0148 32  TYR A N   
242 C CA  . TYR A 33 ? 0.2201 0.1145 0.1917 -0.0125 -0.0199 0.0099  32  TYR A CA  
243 C C   . TYR A 33 ? 0.3334 0.3688 0.1219 0.1123  0.0006  -0.0941 32  TYR A C   
244 O O   . TYR A 33 ? 0.3404 0.1906 0.2201 -0.0976 0.0145  0.0181  32  TYR A O   
245 C CB  . TYR A 33 ? 0.1978 0.1848 0.1876 -0.0208 0.0101  0.0252  32  TYR A CB  
246 C CG  . TYR A 33 ? 0.1863 0.1669 0.2498 0.0076  0.0552  0.0240  32  TYR A CG  
247 C CD1 . TYR A 33 ? 0.2617 0.2491 0.2222 0.0080  0.0210  0.0403  32  TYR A CD1 
248 C CD2 . TYR A 33 ? 0.1958 0.1673 0.1510 0.0489  0.0517  0.0883  32  TYR A CD2 
249 C CE1 . TYR A 33 ? 0.1878 0.1874 0.2567 0.0502  0.0521  0.0356  32  TYR A CE1 
250 C CE2 . TYR A 33 ? 0.2643 0.1922 0.2664 0.0643  0.0461  0.0291  32  TYR A CE2 
251 C CZ  . TYR A 33 ? 0.3080 0.1936 0.2410 0.0634  0.0121  0.0196  32  TYR A CZ  
252 O OH  . TYR A 33 ? 0.2480 0.1957 0.2301 -0.0123 0.0677  0.0058  32  TYR A OH  
253 C C   . ACE B 1  ? 0.2916 0.3632 0.4244 0.0175  -0.0093 0.0279  0   ACE B C   
254 O O   . ACE B 1  ? 0.3775 0.3788 0.5878 0.0221  -0.1372 0.0306  0   ACE B O   
255 C CH3 . ACE B 1  ? 0.3561 0.4631 0.4201 0.1153  0.0221  0.0295  0   ACE B CH3 
256 N N   . GLY B 2  ? 0.2927 0.1970 0.2947 0.0197  0.0090  0.0153  1   GLY B N   
257 C CA  . GLY B 2  ? 0.1433 0.1771 0.2514 0.0442  -0.0358 -0.0058 1   GLY B CA  
258 C C   . GLY B 2  ? 0.2221 0.1478 0.1550 0.0417  -0.0056 -0.0250 1   GLY B C   
259 O O   . GLY B 2  ? 0.1306 0.1302 0.2773 0.0130  -0.0494 0.0074  1   GLY B O   
260 N N   . GLU B 3  ? 0.1477 0.1404 0.2284 0.0189  -0.0089 -0.0027 2   GLU B N   
261 C CA  . GLU B 3  ? 0.1534 0.1293 0.1859 -0.0044 -0.0352 -0.0474 2   GLU B CA  
262 C C   . GLU B 3  ? 0.1594 0.1317 0.1536 0.0021  -0.0034 -0.0055 2   GLU B C   
263 O O   . GLU B 3  ? 0.1746 0.1160 0.2158 0.0083  -0.0098 0.0053  2   GLU B O   
264 C CB  . GLU B 3  ? 0.1830 0.1559 0.2489 0.0401  -0.0124 0.0143  2   GLU B CB  
265 C CG  . GLU B 3  ? 0.2398 0.2028 0.2061 0.0353  -0.0381 -0.0127 2   GLU B CG  
266 C CD  . GLU B 3  ? 0.3678 0.2434 0.2991 0.0180  -0.0475 -0.0575 2   GLU B CD  
267 O OE1 . GLU B 3  ? 0.3338 0.2053 0.2816 0.0248  -0.0391 -0.1084 2   GLU B OE1 
268 O OE2 . GLU B 3  ? 0.5229 0.4239 0.3561 -0.0174 -0.1355 -0.0462 2   GLU B OE2 
269 N N   . ILE B 4  ? 0.1414 0.1065 0.1725 0.0162  -0.0101 0.0071  3   ILE B N   
270 C CA  . ILE B 4  ? 0.1848 0.1396 0.1774 0.0239  -0.0247 -0.0117 3   ILE B CA  
271 C C   . ILE B 4  ? 0.1574 0.1850 0.1726 0.0234  -0.0120 0.0080  3   ILE B C   
272 O O   . ILE B 4  ? 0.1514 0.1448 0.2683 0.0091  -0.0028 0.0084  3   ILE B O   
273 C CB  . ILE B 4  ? 0.1598 0.1521 0.2305 0.0448  -0.0599 -0.0398 3   ILE B CB  
274 C CG1 . ILE B 4  ? 0.1628 0.1274 0.3561 -0.0274 -0.0311 -0.0431 3   ILE B CG1 
275 C CG2 . ILE B 4  ? 0.3232 0.1907 0.2719 0.0190  -0.1586 -0.0574 3   ILE B CG2 
276 C CD1 . ILE B 4  ? 0.2371 0.2453 0.4849 -0.0343 0.0122  -0.1224 3   ILE B CD1 
277 N N   . ALA B 5  ? 0.1647 0.1161 0.2149 0.0359  -0.0233 -0.0025 4   ALA B N   
278 C CA  . ALA B 5  ? 0.1498 0.1579 0.2296 0.0348  0.0287  -0.0168 4   ALA B CA  
279 C C   . ALA B 5  ? 0.1483 0.1715 0.1611 0.0115  0.0141  -0.0090 4   ALA B C   
280 O O   . ALA B 5  ? 0.1677 0.1640 0.2260 0.0107  -0.0133 0.0055  4   ALA B O   
281 C CB  . ALA B 5  ? 0.1583 0.2198 0.2203 0.0544  0.0794  0.0598  4   ALA B CB  
282 N N   . ALA B 6  ? 0.1489 0.1216 0.1916 -0.0079 -0.0159 -0.0004 5   ALA B N   
283 C CA  . ALA B 6  ? 0.1740 0.1223 0.1796 -0.0043 0.0113  -0.0050 5   ALA B CA  
284 C C   . ALA B 6  ? 0.1649 0.1161 0.2823 -0.0070 0.0046  0.0108  5   ALA B C   
285 O O   . ALA B 6  ? 0.2860 0.1289 0.3222 0.0522  0.0204  0.0321  5   ALA B O   
286 C CB  . ALA B 6  ? 0.1122 0.1921 0.1835 0.0270  -0.0221 0.0010  5   ALA B CB  
287 N N   . LEU B 7  ? 0.1219 0.1124 0.2192 0.0275  0.0188  -0.0008 6   LEU B N   
288 C CA  . LEU B 7  ? 0.1017 0.1276 0.2000 0.0144  -0.0043 -0.0368 6   LEU B CA  
289 C C   . LEU B 7  ? 0.1843 0.1711 0.1999 0.0338  0.0070  -0.0159 6   LEU B C   
290 O O   . LEU B 7  ? 0.1822 0.1227 0.2512 0.0033  -0.0070 -0.0111 6   LEU B O   
291 C CB  . LEU B 7  ? 0.1832 0.0826 0.2006 0.0279  0.0106  0.0011  6   LEU B CB  
292 C CG  . LEU B 7  ? 0.2640 0.1926 0.2355 0.0156  0.0358  0.0384  6   LEU B CG  
293 C CD1 . LEU B 7  ? 0.2302 0.2177 0.3742 0.0115  0.0647  0.1030  6   LEU B CD1 
294 C CD2 . LEU B 7  ? 0.4470 0.2908 0.2991 0.0855  0.0926  -0.0189 6   LEU B CD2 
295 N N   . LYS B 8  ? 0.1598 0.1576 0.1966 0.0231  0.0093  0.0071  7   LYS B N   
296 C CA  . LYS B 8  ? 0.1520 0.1549 0.1466 0.0328  0.0066  -0.0152 7   LYS B CA  
297 C C   . LYS B 8  ? 0.2507 0.1616 0.1683 0.0179  -0.0401 -0.0292 7   LYS B C   
298 O O   . LYS B 8  ? 0.2957 0.1380 0.2535 0.0613  -0.0011 0.0157  7   LYS B O   
299 C CB  . LYS B 8  ? 0.1869 0.1463 0.1902 0.0551  -0.0156 0.0056  7   LYS B CB  
300 C CG  . LYS B 8  ? 0.2201 0.2119 0.3536 0.0008  -0.0727 0.0163  7   LYS B CG  
301 C CD  . LYS B 8  ? 0.2924 0.3060 0.3607 -0.0059 0.0037  -0.0468 7   LYS B CD  
302 C CE  . LYS B 8  ? 0.4007 0.3320 0.3308 0.0160  -0.0154 -0.0827 7   LYS B CE  
303 N NZ  . LYS B 8  ? 0.3839 0.4688 0.2172 -0.0407 0.0979  -0.1806 7   LYS B NZ  
304 N N   . GLN B 9  ? 0.1576 0.1070 0.2672 0.0477  0.0364  0.0199  8   GLN B N   
305 C CA  . GLN B 9  ? 0.1353 0.1347 0.1755 0.0156  0.0444  0.0140  8   GLN B CA  
306 C C   . GLN B 9  ? 0.1987 0.1581 0.2131 0.0197  0.0372  -0.0124 8   GLN B C   
307 O O   . GLN B 9  ? 0.1652 0.1448 0.2529 0.0173  0.0470  0.0285  8   GLN B O   
308 C CB  . GLN B 9  ? 0.1716 0.2313 0.2777 -0.0148 0.0217  0.0486  8   GLN B CB  
309 C CG  . GLN B 9  ? 0.3037 0.2833 0.4121 0.0422  0.0590  -0.0465 8   GLN B CG  
310 C CD  . GLN B 9  ? 0.2986 0.4024 0.3742 -0.0435 0.0137  -0.0634 8   GLN B CD  
311 O OE1 . GLN B 9  ? 0.1012 0.4146 0.3657 -0.0277 0.0164  -0.0036 8   GLN B OE1 
312 N NE2 . GLN B 9  ? 0.2136 0.4667 0.4306 0.0229  0.0287  -0.1604 8   GLN B NE2 
313 N N   . GLU B 10 ? 0.2492 0.1257 0.1807 0.0271  -0.0048 0.0303  9   GLU B N   
314 C CA  . GLU B 10 ? 0.1977 0.1200 0.1748 0.0175  0.0268  -0.0155 9   GLU B CA  
315 C C   . GLU B 10 ? 0.1750 0.1597 0.2165 0.0281  0.0444  -0.0303 9   GLU B C   
316 O O   . GLU B 10 ? 0.2376 0.1366 0.1837 0.0255  0.0222  -0.0041 9   GLU B O   
317 C CB  . GLU B 10 ? 0.2086 0.0982 0.1908 0.0257  0.0338  -0.0425 9   GLU B CB  
318 C CG  . GLU B 10 ? 0.3036 0.2963 0.3179 0.0562  -0.0500 0.0010  9   GLU B CG  
319 C CD  . GLU B 10 ? 0.3922 0.2926 0.3058 -0.0160 0.0055  0.0018  9   GLU B CD  
320 O OE1 . GLU B 10 ? 0.2823 0.2086 0.3715 -0.0528 -0.0284 -0.1044 9   GLU B OE1 
321 O OE2 . GLU B 10 ? 0.5044 0.2288 0.4263 -0.0241 -0.1220 -0.0929 9   GLU B OE2 
322 N N   . ILE B 11 ? 0.1725 0.1519 0.2293 0.0300  0.0466  -0.0004 10  ILE B N   
323 C CA  . ILE B 11 ? 0.1610 0.1438 0.2315 0.0458  0.0519  -0.0075 10  ILE B CA  
324 C C   . ILE B 11 ? 0.1664 0.1722 0.1726 0.0413  0.0302  -0.0107 10  ILE B C   
325 O O   . ILE B 11 ? 0.1481 0.1813 0.2228 0.0419  0.0364  0.0048  10  ILE B O   
326 C CB  . ILE B 11 ? 0.1811 0.1490 0.2637 0.0336  0.0145  -0.0109 10  ILE B CB  
327 C CG1 . ILE B 11 ? 0.1841 0.1726 0.2714 0.0036  0.0354  -0.0061 10  ILE B CG1 
328 C CG2 . ILE B 11 ? 0.2233 0.1940 0.3416 0.0108  -0.0185 0.0146  10  ILE B CG2 
329 C CD1 . ILE B 11 ? 0.3849 0.2342 0.5526 -0.0302 0.0704  -0.0869 10  ILE B CD1 
330 N N   . ALA B 12 ? 0.1520 0.1005 0.2305 0.0385  0.0696  0.0305  11  ALA B N   
331 C CA  . ALA B 12 ? 0.1554 0.1779 0.1549 0.0472  0.0198  0.0258  11  ALA B CA  
332 C C   . ALA B 12 ? 0.1991 0.2034 0.1568 0.0150  -0.0002 0.0155  11  ALA B C   
333 O O   . ALA B 12 ? 0.1841 0.1596 0.1548 0.0304  0.0419  0.0159  11  ALA B O   
334 C CB  . ALA B 12 ? 0.1700 0.1750 0.2300 0.0314  0.0770  0.0120  11  ALA B CB  
335 N N   . ALA B 13 ? 0.1304 0.1539 0.1579 0.0096  0.0176  -0.0061 12  ALA B N   
336 C CA  . ALA B 13 ? 0.1350 0.1364 0.1617 -0.0071 0.0455  -0.0009 12  ALA B CA  
337 C C   . ALA B 13 ? 0.1493 0.1400 0.2080 0.0207  0.0089  0.0142  12  ALA B C   
338 O O   . ALA B 13 ? 0.1539 0.1380 0.2259 0.0332  0.0410  0.0314  12  ALA B O   
339 C CB  . ALA B 13 ? 0.2128 0.2053 0.1640 0.0071  -0.0058 -0.0066 12  ALA B CB  
340 N N   . LEU B 14 ? 0.1635 0.1418 0.1567 0.0527  0.0454  0.0132  13  LEU B N   
341 C CA  . LEU B 14 ? 0.1268 0.1174 0.1799 0.0081  0.0110  -0.0350 13  LEU B CA  
342 C C   . LEU B 14 ? 0.1612 0.1179 0.1537 0.0023  0.0219  0.0007  13  LEU B C   
343 O O   . LEU B 14 ? 0.1954 0.1184 0.1439 0.0210  0.0427  0.0285  13  LEU B O   
344 C CB  . LEU B 14 ? 0.1602 0.1546 0.2317 0.0244  0.0224  0.0087  13  LEU B CB  
345 C CG  . LEU B 14 ? 0.2098 0.2435 0.2241 0.0955  0.0699  0.0328  13  LEU B CG  
346 C CD1 . LEU B 14 ? 0.2107 0.4100 0.3188 0.0320  0.0667  0.1222  13  LEU B CD1 
347 C CD2 . LEU B 14 ? 0.6431 0.3365 0.3119 0.0330  -0.0353 -0.0402 13  LEU B CD2 
348 N N   . LYS B 15 ? 0.1576 0.0973 0.1846 0.0226  0.0131  0.0041  14  LYS B N   
349 C CA  . LYS B 15 ? 0.1065 0.1042 0.1336 0.0243  0.0274  -0.0110 14  LYS B CA  
350 C C   . LYS B 15 ? 0.1303 0.1416 0.1378 -0.0095 -0.0019 0.0020  14  LYS B C   
351 O O   . LYS B 15 ? 0.1724 0.1338 0.1507 0.0068  0.0174  0.0016  14  LYS B O   
352 C CB  . LYS B 15 ? 0.1732 0.1311 0.1648 0.0552  0.0248  -0.0132 14  LYS B CB  
353 C CG  . LYS B 15 ? 0.1889 0.1921 0.3053 0.0295  -0.0222 0.0246  14  LYS B CG  
354 C CD  . LYS B 15 ? 0.4058 0.2794 0.3603 0.0896  -0.0244 -0.0563 14  LYS B CD  
355 C CE  . LYS B 15 ? 0.4297 0.3010 0.2697 0.0198  0.0198  -0.1084 14  LYS B CE  
356 N NZ  . LYS B 15 ? 0.3611 0.3306 0.2869 -0.0559 0.0070  -0.1299 14  LYS B NZ  
357 N N   . LYS B 16 ? 0.1575 0.1017 0.2040 0.0226  0.0045  -0.0222 15  LYS B N   
358 C CA  . LYS B 16 ? 0.2114 0.1397 0.1784 -0.0004 -0.0010 -0.0012 15  LYS B CA  
359 C C   . LYS B 16 ? 0.1900 0.1368 0.1801 -0.0082 -0.0058 0.0123  15  LYS B C   
360 O O   . LYS B 16 ? 0.1803 0.1324 0.1867 0.0352  0.0457  0.0142  15  LYS B O   
361 C CB  . LYS B 16 ? 0.2195 0.1876 0.2329 -0.0227 0.0136  -0.0166 15  LYS B CB  
362 C CG  . LYS B 16 ? 0.4126 0.1900 0.3045 0.0274  0.0530  -0.0065 15  LYS B CG  
363 C CD  . LYS B 16 ? 0.4081 0.3342 0.4924 0.0337  0.0101  0.0191  15  LYS B CD  
364 C CE  . LYS B 16 ? 0.5086 0.5240 0.4590 0.0326  0.0217  -0.0345 15  LYS B CE  
365 N NZ  . LYS B 16 ? 0.6276 0.4042 0.5098 0.1414  -0.1074 0.0313  15  LYS B NZ  
366 N N   . GLU B 17 ? 0.1828 0.1186 0.1897 -0.0005 0.0417  0.0291  16  GLU B N   
367 C CA  . GLU B 17 ? 0.1570 0.1195 0.2190 -0.0052 -0.0120 -0.0035 16  GLU B CA  
368 C C   . GLU B 17 ? 0.1386 0.1628 0.1351 -0.0138 0.0489  0.0386  16  GLU B C   
369 O O   . GLU B 17 ? 0.1733 0.1320 0.1889 0.0020  0.0683  0.0177  16  GLU B O   
370 C CB  . GLU B 17 ? 0.2412 0.1453 0.2063 -0.0096 -0.0205 -0.0158 16  GLU B CB  
371 C CG  . GLU B 17 ? 0.2423 0.2442 0.4163 0.0083  -0.0036 0.0282  16  GLU B CG  
372 C CD  . GLU B 17 ? 0.3982 0.3243 0.4423 -0.0302 -0.1504 0.0059  16  GLU B CD  
373 O OE1 . GLU B 17 ? 0.3436 0.3199 0.4291 -0.0260 -0.0292 -0.0853 16  GLU B OE1 
374 O OE2 . GLU B 17 ? 0.3584 0.3002 0.4858 0.0736  -0.1024 -0.1184 16  GLU B OE2 
375 N N   . ILE B 18 ? 0.1752 0.1061 0.1488 0.0177  0.0134  0.0199  17  ILE B N   
376 C CA  . ILE B 18 ? 0.1388 0.1091 0.1490 0.0064  0.0510  -0.0176 17  ILE B CA  
377 C C   . ILE B 18 ? 0.0953 0.1211 0.1548 0.0293  0.0374  -0.0151 17  ILE B C   
378 O O   . ILE B 18 ? 0.1199 0.1147 0.2285 0.0222  0.0215  0.0129  17  ILE B O   
379 C CB  . ILE B 18 ? 0.1302 0.0988 0.1634 0.0184  0.0587  -0.0142 17  ILE B CB  
380 C CG1 . ILE B 18 ? 0.1721 0.2072 0.2114 0.0137  0.0554  0.0340  17  ILE B CG1 
381 C CG2 . ILE B 18 ? 0.1363 0.1702 0.3349 -0.0066 0.0028  -0.0710 17  ILE B CG2 
382 C CD1 . ILE B 18 ? 0.3330 0.3503 0.2962 0.1067  0.1838  0.0945  17  ILE B CD1 
383 N N   . ALA B 19 ? 0.1576 0.0952 0.1439 0.0282  0.0486  -0.0227 18  ALA B N   
384 C CA  . ALA B 19 ? 0.1508 0.1425 0.1133 -0.0073 0.0167  -0.0342 18  ALA B CA  
385 C C   . ALA B 19 ? 0.1308 0.1086 0.0864 0.0207  -0.0073 0.0057  18  ALA B C   
386 O O   . ALA B 19 ? 0.1544 0.1495 0.1313 0.0013  0.0027  0.0201  18  ALA B O   
387 C CB  . ALA B 19 ? 0.2430 0.1076 0.1782 -0.0038 0.0992  -0.0461 18  ALA B CB  
388 N N   . ALA B 20 ? 0.1048 0.0971 0.1404 0.0044  0.0334  -0.0020 19  ALA B N   
389 C CA  . ALA B 20 ? 0.1628 0.0732 0.1564 -0.0132 0.0143  0.0089  19  ALA B CA  
390 C C   . ALA B 20 ? 0.1760 0.1644 0.1498 0.0210  0.0374  0.0324  19  ALA B C   
391 O O   . ALA B 20 ? 0.1433 0.1449 0.1255 -0.0014 0.0141  0.0177  19  ALA B O   
392 C CB  . ALA B 20 ? 0.1044 0.1612 0.2270 0.0122  0.0398  0.0131  19  ALA B CB  
393 N N   . LEU B 21 ? 0.1669 0.1148 0.0891 -0.0026 0.0166  -0.0094 20  LEU B N   
394 C CA  . LEU B 21 ? 0.1226 0.1254 0.1570 -0.0095 0.0271  -0.0071 20  LEU B CA  
395 C C   . LEU B 21 ? 0.1286 0.1261 0.1154 -0.0021 0.0457  -0.0261 20  LEU B C   
396 O O   . LEU B 21 ? 0.1693 0.1336 0.1435 0.0392  0.0377  -0.0012 20  LEU B O   
397 C CB  . LEU B 21 ? 0.2184 0.0900 0.1285 0.0363  0.0423  0.0028  20  LEU B CB  
398 C CG  . LEU B 21 ? 0.2932 0.2314 0.1485 0.0674  0.0056  -0.0197 20  LEU B CG  
399 C CD1 . LEU B 21 ? 0.1325 0.1812 0.1485 0.0122  -0.0691 -0.0145 20  LEU B CD1 
400 C CD2 . LEU B 21 ? 0.5512 0.3967 0.1308 -0.0680 -0.0814 -0.1302 20  LEU B CD2 
401 N N   . LYS B 22 ? 0.1882 0.0935 0.1539 0.0372  0.0099  -0.0027 21  LYS B N   
402 C CA  . LYS B 22 ? 0.1406 0.1453 0.1375 0.0168  0.0411  -0.0078 21  LYS B CA  
403 C C   . LYS B 22 ? 0.1676 0.1205 0.1385 0.0013  -0.0043 -0.0066 21  LYS B C   
404 O O   . LYS B 22 ? 0.1604 0.1337 0.1310 0.0151  0.0250  0.0232  21  LYS B O   
405 C CB  . LYS B 22 ? 0.1958 0.1774 0.1376 0.0278  0.0416  -0.0372 21  LYS B CB  
406 C CG  . LYS B 22 ? 0.2236 0.2196 0.3012 0.0362  0.0773  0.0359  21  LYS B CG  
407 C CD  . LYS B 22 ? 0.3920 0.2792 0.3066 0.0088  0.0404  -0.0302 21  LYS B CD  
408 C CE  . LYS B 22 ? 0.3698 0.4177 0.3987 -0.0214 -0.0409 0.0534  21  LYS B CE  
409 N NZ  . LYS B 22 ? 0.3177 0.3934 0.2470 0.0041  -0.0832 0.0970  21  LYS B NZ  
410 N N   . PHI B 23 ? 0.1975 0.0633 0.1534 0.0099  0.0218  -0.0079 22  PHI B N   
411 C CA  . PHI B 23 ? 0.2036 0.0940 0.2096 -0.0074 0.0179  0.0250  22  PHI B CA  
412 C CB  . PHI B 23 ? 0.2276 0.1130 0.2359 -0.0124 0.0185  -0.0144 22  PHI B CB  
413 C CG  . PHI B 23 ? 0.1358 0.1364 0.2149 -0.0064 0.0214  -0.0343 22  PHI B CG  
414 C CD1 . PHI B 23 ? 0.2528 0.1941 0.2329 -0.0248 0.0567  -0.0489 22  PHI B CD1 
415 C CD2 . PHI B 23 ? 0.2055 0.1807 0.1815 -0.0255 0.0710  -0.0807 22  PHI B CD2 
416 C CE1 . PHI B 23 ? 0.2881 0.2313 0.2753 0.0065  0.0916  -0.0251 22  PHI B CE1 
417 C CE2 . PHI B 23 ? 0.2539 0.2475 0.3108 0.0044  0.1206  -0.0036 22  PHI B CE2 
418 C CZ  . PHI B 23 ? 0.2752 0.1971 0.2105 -0.0499 -0.0077 0.0932  22  PHI B CZ  
419 I I   . PHI B 23 ? 0.2444 0.2107 0.2981 -0.0037 0.0404  0.0161  22  PHI B I   
420 C C   . PHI B 23 ? 0.1729 0.1354 0.1444 0.0069  0.0249  -0.0023 22  PHI B C   
421 O O   . PHI B 23 ? 0.1888 0.1222 0.1534 0.0342  0.0135  -0.0010 22  PHI B O   
422 N N   . GLU B 24 ? 0.1464 0.1033 0.1602 -0.0031 -0.0069 -0.0209 23  GLU B N   
423 C CA  . GLU B 24 ? 0.1565 0.1037 0.1624 -0.0219 0.0395  -0.0223 23  GLU B CA  
424 C C   . GLU B 24 ? 0.1300 0.0938 0.1460 -0.0211 -0.0274 0.0032  23  GLU B C   
425 O O   . GLU B 24 ? 0.1417 0.0926 0.1755 0.0186  0.0149  0.0063  23  GLU B O   
426 C CB  . GLU B 24 ? 0.2160 0.1087 0.1664 0.0272  -0.0071 -0.0458 23  GLU B CB  
427 C CG  . GLU B 24 ? 0.2136 0.2325 0.3898 -0.0142 0.1147  0.0210  23  GLU B CG  
428 C CD  . GLU B 24 ? 0.4472 0.4320 0.2816 -0.0916 -0.0639 -0.0620 23  GLU B CD  
429 O OE1 . GLU B 24 ? 0.7004 0.5286 0.4533 -0.0502 -0.0137 0.0645  23  GLU B OE1 
430 O OE2 . GLU B 24 ? 0.5718 0.7336 0.0829 -0.0050 0.0397  0.0021  23  GLU B OE2 
431 N N   . ILE B 25 ? 0.1162 0.0765 0.1245 -0.0068 -0.0084 -0.0187 24  ILE B N   
432 C CA  . ILE B 25 ? 0.1528 0.0972 0.1135 0.0120  0.0623  -0.0248 24  ILE B CA  
433 C C   . ILE B 25 ? 0.1455 0.1167 0.1573 0.0112  0.0485  -0.0161 24  ILE B C   
434 O O   . ILE B 25 ? 0.1792 0.1323 0.1711 0.0427  0.0159  -0.0350 24  ILE B O   
435 C CB  . ILE B 25 ? 0.1598 0.1599 0.2591 -0.0113 0.0538  0.0646  24  ILE B CB  
436 C CG1 . ILE B 25 ? 0.2925 0.3131 0.1856 -0.0099 0.0980  0.0110  24  ILE B CG1 
437 C CG2 . ILE B 25 ? 0.1312 0.2951 0.2434 0.0197  0.0952  0.2055  24  ILE B CG2 
438 C CD1 . ILE B 25 ? 0.4838 0.3093 0.3774 -0.1196 0.1096  -0.0584 24  ILE B CD1 
439 N N   . ALA B 26 ? 0.1853 0.1206 0.0916 0.0366  0.0033  -0.0249 25  ALA B N   
440 C CA  . ALA B 26 ? 0.1873 0.1377 0.1145 0.0186  -0.0116 -0.0234 25  ALA B CA  
441 C C   . ALA B 26 ? 0.1713 0.1425 0.0874 0.0003  -0.0541 -0.0273 25  ALA B C   
442 O O   . ALA B 26 ? 0.2093 0.1377 0.1373 0.0258  -0.0120 0.0130  25  ALA B O   
443 C CB  . ALA B 26 ? 0.2087 0.1456 0.1441 0.0655  -0.0024 -0.0382 25  ALA B CB  
444 N N   . ALA B 27 ? 0.1673 0.0904 0.1099 0.0061  -0.0074 0.0224  26  ALA B N   
445 C CA  . ALA B 27 ? 0.1344 0.0989 0.1250 -0.0218 0.0069  -0.0012 26  ALA B CA  
446 C C   . ALA B 27 ? 0.1685 0.1172 0.1007 0.0040  0.0102  -0.0023 26  ALA B C   
447 O O   . ALA B 27 ? 0.2416 0.1253 0.1523 0.0243  -0.0101 -0.0023 26  ALA B O   
448 C CB  . ALA B 27 ? 0.1336 0.1518 0.1886 -0.0411 -0.0297 -0.0064 26  ALA B CB  
449 N N   . LEU B 28 ? 0.1386 0.1342 0.1075 0.0250  -0.0104 -0.0125 27  LEU B N   
450 C CA  . LEU B 28 ? 0.1011 0.1201 0.1070 -0.0316 0.0335  -0.0047 27  LEU B CA  
451 C C   . LEU B 28 ? 0.1415 0.1106 0.0972 -0.0029 -0.0266 -0.0155 27  LEU B C   
452 O O   . LEU B 28 ? 0.1666 0.1027 0.1089 0.0299  -0.0275 -0.0075 27  LEU B O   
453 C CB  . LEU B 28 ? 0.1086 0.1280 0.0917 -0.0203 0.0426  -0.0287 27  LEU B CB  
454 C CG  . LEU B 28 ? 0.1958 0.1816 0.0816 0.0735  -0.0216 -0.0745 27  LEU B CG  
455 C CD1 . LEU B 28 ? 0.3356 0.2073 0.1244 0.0947  -0.0488 -0.0328 27  LEU B CD1 
456 C CD2 . LEU B 28 ? 0.2331 0.1985 0.1728 0.0795  -0.0344 -0.0875 27  LEU B CD2 
457 N N   . LYS B 29 ? 0.1691 0.0752 0.1246 0.0187  -0.0119 -0.0175 28  LYS B N   
458 C CA  . LYS B 29 ? 0.1381 0.1748 0.1136 0.0119  -0.0220 -0.0130 28  LYS B CA  
459 C C   . LYS B 29 ? 0.1883 0.1606 0.1693 0.0120  -0.0103 0.0023  28  LYS B C   
460 O O   . LYS B 29 ? 0.1854 0.1276 0.1888 0.0101  -0.0328 -0.0008 28  LYS B O   
461 C CB  . LYS B 29 ? 0.1575 0.1508 0.2000 0.0333  0.0381  0.0043  28  LYS B CB  
462 C CG  . LYS B 29 ? 0.2497 0.2302 0.2553 -0.0199 0.0150  0.0616  28  LYS B CG  
463 C CD  . LYS B 29 ? 0.2805 0.2437 0.3585 -0.0654 0.0023  0.0033  28  LYS B CD  
464 C CE  . LYS B 29 ? 0.3708 0.2681 0.3747 -0.0658 -0.0593 -0.0623 28  LYS B CE  
465 N NZ  . LYS B 29 ? 0.3655 0.3088 0.2788 -0.2299 -0.1720 0.0398  28  LYS B NZ  
466 N N   . GLN B 30 ? 0.1521 0.1234 0.1423 -0.0205 -0.0117 0.0015  29  GLN B N   
467 C CA  . GLN B 30 ? 0.2640 0.1708 0.2052 -0.0522 -0.0552 0.0074  29  GLN B CA  
468 C C   . GLN B 30 ? 0.2785 0.1864 0.2162 -0.0089 -0.0489 -0.0175 29  GLN B C   
469 O O   . GLN B 30 ? 0.2552 0.1696 0.1024 -0.0041 -0.0075 -0.0081 29  GLN B O   
470 C CB  . GLN B 30 ? 0.3669 0.2014 0.1626 -0.0609 -0.0202 -0.0737 29  GLN B CB  
471 C CG  . GLN B 30 ? 0.5242 0.2286 0.3229 -0.0550 0.0432  -0.0823 29  GLN B CG  
472 C CD  . GLN B 30 ? 0.5082 0.3231 0.3829 -0.0678 -0.0770 -0.0155 29  GLN B CD  
473 O OE1 A GLN B 30 ? 0.4496 0.2719 0.3422 -0.1242 -0.0555 -0.0137 29  GLN B OE1 
474 O OE1 B GLN B 30 ? 0.4710 0.3293 0.5985 -0.1418 0.0306  -0.0530 29  GLN B OE1 
475 N NE2 A GLN B 30 ? 0.6040 0.3865 0.2934 0.0009  0.0545  0.0044  29  GLN B NE2 
476 N NE2 B GLN B 30 ? 0.3804 0.2020 0.2274 -0.0258 -0.0390 -0.1831 29  GLN B NE2 
477 N N   . GLY B 31 ? 0.1520 0.1235 0.1678 0.0177  -0.0154 -0.0339 30  GLY B N   
478 C CA  . GLY B 31 ? 0.1359 0.1017 0.1488 -0.0086 -0.0037 -0.0176 30  GLY B CA  
479 C C   . GLY B 31 ? 0.1659 0.1296 0.1166 0.0014  0.0120  0.0075  30  GLY B C   
480 O O   . GLY B 31 ? 0.1823 0.1243 0.1848 0.0220  0.0368  0.0151  30  GLY B O   
481 N N   . TYR B 32 ? 0.1624 0.0992 0.1086 0.0196  0.0063  -0.0153 31  TYR B N   
482 C CA  . TYR B 32 ? 0.1000 0.1028 0.1289 -0.0087 0.0096  -0.0148 31  TYR B CA  
483 C C   . TYR B 32 ? 0.1481 0.1304 0.1552 -0.0098 -0.0231 0.0033  31  TYR B C   
484 O O   . TYR B 32 ? 0.1805 0.1398 0.1810 0.0284  -0.0039 0.0144  31  TYR B O   
485 C CB  . TYR B 32 ? 0.1135 0.1318 0.1309 0.0049  -0.0049 -0.0225 31  TYR B CB  
486 C CG  . TYR B 32 ? 0.1348 0.1121 0.1071 -0.0093 -0.0265 -0.0009 31  TYR B CG  
487 C CD1 . TYR B 32 ? 0.2246 0.1725 0.1898 0.0565  -0.0619 -0.0417 31  TYR B CD1 
488 C CD2 . TYR B 32 ? 0.1898 0.0785 0.1048 0.0144  -0.0242 -0.0608 31  TYR B CD2 
489 C CE1 . TYR B 32 ? 0.1967 0.2265 0.2279 0.0653  -0.0614 -0.1054 31  TYR B CE1 
490 C CE2 . TYR B 32 ? 0.1402 0.1194 0.0990 0.0002  -0.0297 -0.0166 31  TYR B CE2 
491 C CZ  . TYR B 32 ? 0.1858 0.1948 0.1797 0.0484  -0.0012 -0.0386 31  TYR B CZ  
492 O OH  . TYR B 32 ? 0.1517 0.1730 0.1918 0.0134  0.0000  -0.0387 31  TYR B OH  
493 N N   . TYR B 33 ? 0.1788 0.1290 0.1401 0.0045  -0.0234 0.0226  32  TYR B N   
494 C CA  . TYR B 33 ? 0.2488 0.1648 0.1798 0.0025  -0.0900 0.0062  32  TYR B CA  
495 C C   . TYR B 33 ? 0.4624 0.1669 0.1971 -0.0867 0.0652  -0.0629 32  TYR B C   
496 O O   . TYR B 33 ? 0.4024 0.3767 0.2468 -0.0637 0.0047  0.0106  32  TYR B O   
497 C CB  . TYR B 33 ? 0.2299 0.2386 0.2458 -0.0459 -0.0896 0.0302  32  TYR B CB  
498 C CG  . TYR B 33 ? 0.2753 0.1792 0.2003 -0.0461 -0.0749 -0.0510 32  TYR B CG  
499 C CD1 . TYR B 33 ? 0.3168 0.2415 0.2029 -0.0224 0.0208  0.0066  32  TYR B CD1 
500 C CD2 . TYR B 33 ? 0.4168 0.1972 0.2194 -0.0119 -0.0853 -0.0191 32  TYR B CD2 
501 C CE1 . TYR B 33 ? 0.3849 0.1926 0.2279 0.0039  0.0631  -0.0021 32  TYR B CE1 
502 C CE2 . TYR B 33 ? 0.2343 0.2130 0.2107 0.0538  -0.0381 -0.0541 32  TYR B CE2 
503 C CZ  . TYR B 33 ? 0.2300 0.1993 0.1338 0.0639  -0.0327 -0.0331 32  TYR B CZ  
504 O OH  . TYR B 33 ? 0.1902 0.2552 0.2323 0.0136  -0.0194 0.0039  32  TYR B OH  
505 C C   . ACE C 1  ? 0.2171 0.2264 0.2284 -0.0090 -0.0371 0.0166  0   ACE C C   
506 O O   . ACE C 1  ? 0.2680 0.1590 0.3103 -0.0530 -0.0448 -0.0451 0   ACE C O   
507 C CH3 . ACE C 1  ? 0.1558 0.1751 0.2970 0.0472  -0.0049 0.0340  0   ACE C CH3 
508 N N   . GLY C 2  ? 0.2241 0.1370 0.2093 -0.0036 -0.0551 -0.0094 1   GLY C N   
509 C CA  . GLY C 2  ? 0.2879 0.1897 0.2219 0.0454  -0.0688 0.0101  1   GLY C CA  
510 C C   . GLY C 2  ? 0.2396 0.1948 0.2284 0.0391  -0.0698 0.0063  1   GLY C C   
511 O O   . GLY C 2  ? 0.3095 0.1537 0.1747 0.0693  -0.0409 -0.0152 1   GLY C O   
512 N N   . GLU C 3  ? 0.2033 0.1391 0.2013 0.0340  -0.0175 0.0433  2   GLU C N   
513 C CA  . GLU C 3  ? 0.3000 0.1568 0.2751 -0.0137 0.0012  0.0294  2   GLU C CA  
514 C C   . GLU C 3  ? 0.2744 0.1425 0.2113 -0.0860 0.0038  0.0400  2   GLU C C   
515 O O   . GLU C 3  ? 0.2045 0.1568 0.2297 -0.0184 -0.0214 0.0542  2   GLU C O   
516 C CB  . GLU C 3  ? 0.3118 0.2838 0.3738 -0.0040 -0.0004 0.0253  2   GLU C CB  
517 C CG  . GLU C 3  ? 0.4851 0.4112 0.3789 0.0142  0.0146  -0.0442 2   GLU C CG  
518 C CD  . GLU C 3  ? 0.4803 0.6130 0.4729 -0.0151 0.0177  -0.0239 2   GLU C CD  
519 O OE1 . GLU C 3  ? 0.6090 0.7066 0.5097 0.0044  0.0095  -0.1759 2   GLU C OE1 
520 O OE2 . GLU C 3  ? 0.3404 0.5741 0.5220 -0.0819 -0.1190 -0.1104 2   GLU C OE2 
521 N N   . ILE C 4  ? 0.2311 0.0856 0.1717 -0.0327 -0.0322 0.0141  3   ILE C N   
522 C CA  . ILE C 4  ? 0.2579 0.1842 0.1679 -0.0085 -0.0629 -0.0061 3   ILE C CA  
523 C C   . ILE C 4  ? 0.2349 0.1695 0.1390 -0.0286 -0.0343 0.0004  3   ILE C C   
524 O O   . ILE C 4  ? 0.2245 0.1248 0.1529 -0.0235 -0.0420 0.0165  3   ILE C O   
525 C CB  . ILE C 4  ? 0.2611 0.1702 0.1572 -0.0273 -0.0323 0.0060  3   ILE C CB  
526 C CG1 . ILE C 4  ? 0.2002 0.1769 0.2443 -0.0375 0.0589  0.0404  3   ILE C CG1 
527 C CG2 . ILE C 4  ? 0.1880 0.2094 0.2377 0.0269  0.0362  0.0109  3   ILE C CG2 
528 C CD1 . ILE C 4  ? 0.2800 0.1672 0.2842 -0.0938 -0.0246 0.0626  3   ILE C CD1 
529 N N   . ALA C 5  ? 0.2109 0.1319 0.1878 -0.0028 -0.0696 0.0209  4   ALA C N   
530 C CA  . ALA C 5  ? 0.1539 0.1358 0.1729 -0.0084 -0.0341 -0.0307 4   ALA C CA  
531 C C   . ALA C 5  ? 0.1907 0.1852 0.1621 -0.0169 -0.0446 -0.0185 4   ALA C C   
532 O O   . ALA C 5  ? 0.2097 0.1803 0.1955 -0.0036 -0.0562 -0.0329 4   ALA C O   
533 C CB  . ALA C 5  ? 0.1863 0.1553 0.1245 -0.0299 -0.1083 0.0042  4   ALA C CB  
534 N N   . ALA C 6  ? 0.2208 0.0989 0.1216 -0.0073 -0.0237 0.0339  5   ALA C N   
535 C CA  . ALA C 6  ? 0.2714 0.1083 0.2012 0.0270  -0.0467 0.0460  5   ALA C CA  
536 C C   . ALA C 6  ? 0.2053 0.1315 0.1703 0.0434  0.0087  0.0012  5   ALA C C   
537 O O   . ALA C 6  ? 0.2865 0.1301 0.1958 0.0676  0.0005  0.0347  5   ALA C O   
538 C CB  . ALA C 6  ? 0.2745 0.2211 0.2410 0.0416  -0.0345 0.0290  5   ALA C CB  
539 N N   . LEU C 7  ? 0.2317 0.1176 0.1993 0.0444  -0.0191 -0.0293 6   LEU C N   
540 C CA  . LEU C 7  ? 0.2911 0.1223 0.1666 0.0269  -0.0360 0.0059  6   LEU C CA  
541 C C   . LEU C 7  ? 0.2189 0.1227 0.2110 0.0056  -0.0327 0.0557  6   LEU C C   
542 O O   . LEU C 7  ? 0.1908 0.1119 0.1944 -0.0258 -0.0346 0.0422  6   LEU C O   
543 C CB  . LEU C 7  ? 0.3036 0.1574 0.2786 -0.0122 -0.1181 0.0032  6   LEU C CB  
544 C CG  . LEU C 7  ? 0.2824 0.4023 0.3771 -0.0383 -0.0668 0.0229  6   LEU C CG  
545 C CD1 . LEU C 7  ? 0.2643 0.3033 0.5064 -0.0951 0.0527  0.2076  6   LEU C CD1 
546 C CD2 . LEU C 7  ? 0.2007 0.2654 0.4517 0.1050  -0.0029 0.0467  6   LEU C CD2 
547 N N   . LYS C 8  ? 0.2225 0.1240 0.2492 -0.0134 -0.0565 -0.0081 7   LYS C N   
548 C CA  . LYS C 8  ? 0.1989 0.1317 0.1667 -0.0688 -0.0326 0.0225  7   LYS C CA  
549 C C   . LYS C 8  ? 0.1482 0.1357 0.1329 -0.0136 0.0173  -0.0047 7   LYS C C   
550 O O   . LYS C 8  ? 0.2199 0.1328 0.1446 -0.0100 -0.0147 -0.0221 7   LYS C O   
551 C CB  . LYS C 8  ? 0.2226 0.1293 0.1876 -0.0756 0.0226  -0.0423 7   LYS C CB  
552 C CG  . LYS C 8  ? 0.2773 0.1553 0.2102 -0.0768 -0.0256 -0.0747 7   LYS C CG  
553 C CD  . LYS C 8  ? 0.3564 0.0725 0.1670 -0.0812 -0.0777 -0.0389 7   LYS C CD  
554 C CE  . LYS C 8  ? 0.3794 0.1793 0.1920 -0.0478 -0.0331 -0.0075 7   LYS C CE  
555 N NZ  . LYS C 8  ? 0.2372 0.1372 0.2133 0.0163  0.0202  -0.0285 7   LYS C NZ  
556 N N   . GLN C 9  ? 0.2284 0.0896 0.1400 0.0055  -0.0264 0.0107  8   GLN C N   
557 C CA  . GLN C 9  ? 0.1861 0.1097 0.1856 0.0533  0.0151  0.0356  8   GLN C CA  
558 C C   . GLN C 9  ? 0.1826 0.1453 0.1393 -0.0179 -0.0385 0.0063  8   GLN C C   
559 O O   . GLN C 9  ? 0.2142 0.1898 0.2180 -0.0042 -0.0356 -0.0124 8   GLN C O   
560 C CB  . GLN C 9  ? 0.2611 0.2131 0.2310 0.0411  -0.0302 0.0007  8   GLN C CB  
561 C CG  . GLN C 9  ? 0.3355 0.3119 0.3301 0.0840  -0.0535 0.0391  8   GLN C CG  
562 C CD  . GLN C 9  ? 0.4641 0.5205 0.3884 0.0178  -0.0749 -0.0710 8   GLN C CD  
563 O OE1 . GLN C 9  ? 0.5399 0.6328 0.2360 -0.0869 -0.0277 -0.1714 8   GLN C OE1 
564 N NE2 . GLN C 9  ? 0.4787 0.6621 0.4182 -0.0380 -0.0751 -0.1042 8   GLN C NE2 
565 N N   . GLU C 10 ? 0.1874 0.1160 0.1352 0.0192  -0.0170 -0.0232 9   GLU C N   
566 C CA  . GLU C 10 ? 0.1947 0.1414 0.1668 -0.0145 -0.0223 0.0318  9   GLU C CA  
567 C C   . GLU C 10 ? 0.2031 0.1277 0.1739 -0.0395 0.0060  0.0190  9   GLU C C   
568 O O   . GLU C 10 ? 0.2209 0.1113 0.2507 0.0381  0.0239  -0.0235 9   GLU C O   
569 C CB  . GLU C 10 ? 0.2200 0.1428 0.1899 0.0012  0.0152  0.0482  9   GLU C CB  
570 C CG  . GLU C 10 ? 0.3295 0.2501 0.2874 -0.0371 0.0395  -0.0510 9   GLU C CG  
571 C CD  . GLU C 10 ? 0.3941 0.3782 0.3182 0.0423  -0.0741 0.0075  9   GLU C CD  
572 O OE1 . GLU C 10 ? 0.2899 0.4132 0.1464 0.1629  0.0533  0.0672  9   GLU C OE1 
573 O OE2 . GLU C 10 ? 0.5919 0.1027 0.3979 0.1507  0.0372  0.0348  9   GLU C OE2 
574 N N   . ILE C 11 ? 0.1709 0.0898 0.1192 -0.0032 0.0089  -0.0010 10  ILE C N   
575 C CA  . ILE C 11 ? 0.1750 0.1039 0.1190 -0.0192 -0.0224 0.0043  10  ILE C CA  
576 C C   . ILE C 11 ? 0.1615 0.1297 0.0987 0.0017  -0.0131 -0.0097 10  ILE C C   
577 O O   . ILE C 11 ? 0.1475 0.1088 0.2415 -0.0260 -0.0034 -0.0080 10  ILE C O   
578 C CB  . ILE C 11 ? 0.1819 0.1271 0.0802 -0.0430 -0.0312 0.0139  10  ILE C CB  
579 C CG1 . ILE C 11 ? 0.1666 0.1269 0.2315 -0.0415 -0.0007 0.0304  10  ILE C CG1 
580 C CG2 . ILE C 11 ? 0.2261 0.1325 0.1293 -0.0131 -0.0003 0.0136  10  ILE C CG2 
581 C CD1 . ILE C 11 ? 0.2438 0.1294 0.0798 -0.0287 0.0007  -0.0302 10  ILE C CD1 
582 N N   . ALA C 12 ? 0.1287 0.1077 0.2242 0.0003  0.0102  0.0265  11  ALA C N   
583 C CA  . ALA C 12 ? 0.1348 0.1511 0.1854 -0.0188 0.0086  -0.0293 11  ALA C CA  
584 C C   . ALA C 12 ? 0.1322 0.1659 0.1219 -0.0025 0.0296  -0.0419 11  ALA C C   
585 O O   . ALA C 12 ? 0.1790 0.1255 0.2054 -0.0138 0.0034  -0.0282 11  ALA C O   
586 C CB  . ALA C 12 ? 0.1677 0.1248 0.2355 -0.0457 -0.0035 0.0071  11  ALA C CB  
587 N N   . ALA C 13 ? 0.1244 0.1259 0.1416 0.0201  0.0281  -0.0035 12  ALA C N   
588 C CA  . ALA C 13 ? 0.1603 0.1523 0.1724 0.0085  -0.0234 0.0014  12  ALA C CA  
589 C C   . ALA C 13 ? 0.1674 0.1794 0.1245 0.0460  -0.0742 -0.0297 12  ALA C C   
590 O O   . ALA C 13 ? 0.1916 0.1473 0.1818 0.0229  -0.0418 -0.0107 12  ALA C O   
591 C CB  . ALA C 13 ? 0.2142 0.1669 0.1439 0.0149  -0.0474 -0.0249 12  ALA C CB  
592 N N   . LEU C 14 ? 0.1388 0.1136 0.1200 0.0253  -0.0494 -0.0016 13  LEU C N   
593 C CA  . LEU C 14 ? 0.1794 0.1265 0.1319 0.0076  -0.0279 0.0018  13  LEU C CA  
594 C C   . LEU C 14 ? 0.1187 0.1256 0.1157 -0.0056 -0.0360 0.0013  13  LEU C C   
595 O O   . LEU C 14 ? 0.1356 0.1150 0.1581 0.0124  0.0049  0.0181  13  LEU C O   
596 C CB  . LEU C 14 ? 0.1465 0.0870 0.2127 0.0112  -0.0267 -0.0108 13  LEU C CB  
597 C CG  . LEU C 14 ? 0.1818 0.2398 0.2342 0.0427  0.0279  0.0446  13  LEU C CG  
598 C CD1 . LEU C 14 ? 0.1349 0.2401 0.1057 0.0179  0.0318  -0.0320 13  LEU C CD1 
599 C CD2 . LEU C 14 ? 0.2657 0.4078 0.2985 0.0526  0.0980  0.1518  13  LEU C CD2 
600 N N   . LYS C 15 ? 0.1479 0.1513 0.1584 0.0350  -0.0158 0.0271  14  LYS C N   
601 C CA  . LYS C 15 ? 0.0974 0.1431 0.1239 -0.0429 0.0107  0.0059  14  LYS C CA  
602 C C   . LYS C 15 ? 0.1577 0.1479 0.1565 -0.0169 0.0094  0.0012  14  LYS C C   
603 O O   . LYS C 15 ? 0.1280 0.1181 0.2532 -0.0094 0.0405  -0.0130 14  LYS C O   
604 C CB  . LYS C 15 ? 0.1131 0.1136 0.1492 -0.0246 0.0208  -0.0051 14  LYS C CB  
605 C CG  . LYS C 15 ? 0.2075 0.1453 0.1369 -0.0120 -0.0101 -0.0185 14  LYS C CG  
606 C CD  . LYS C 15 ? 0.2915 0.2450 0.1955 -0.0692 0.0394  0.0348  14  LYS C CD  
607 C CE  . LYS C 15 ? 0.3728 0.3283 0.3678 0.0009  -0.0396 0.0207  14  LYS C CE  
608 N NZ  . LYS C 15 ? 0.4583 0.4080 0.3443 -0.0472 0.0607  0.0179  14  LYS C NZ  
609 N N   . LYS C 16 ? 0.2285 0.1055 0.1696 -0.0069 -0.0516 0.0222  15  LYS C N   
610 C CA  . LYS C 16 ? 0.1364 0.1329 0.1369 -0.0077 -0.0002 0.0186  15  LYS C CA  
611 C C   . LYS C 16 ? 0.1419 0.1087 0.1936 0.0034  -0.0349 -0.0131 15  LYS C C   
612 O O   . LYS C 16 ? 0.1276 0.1121 0.2255 0.0331  -0.0111 -0.0186 15  LYS C O   
613 C CB  . LYS C 16 ? 0.1809 0.1732 0.2108 0.0059  -0.0147 -0.0396 15  LYS C CB  
614 C CG  . LYS C 16 ? 0.2438 0.3478 0.3231 0.0071  -0.0713 0.0111  15  LYS C CG  
615 C CD  . LYS C 16 ? 0.5257 0.4325 0.4069 -0.0172 -0.0594 -0.0927 15  LYS C CD  
616 C CE  . LYS C 16 ? 0.5894 0.5913 0.5155 -0.0326 0.0342  -0.0134 15  LYS C CE  
617 N NZ  . LYS C 16 ? 0.5713 0.6474 0.4280 -0.0654 0.0134  -0.0025 15  LYS C NZ  
618 N N   . GLU C 17 ? 0.1835 0.1139 0.1895 0.0010  -0.0094 -0.0178 16  GLU C N   
619 C CA  . GLU C 17 ? 0.1630 0.1456 0.1485 0.0047  -0.0096 0.0116  16  GLU C CA  
620 C C   . GLU C 17 ? 0.2267 0.1242 0.1792 0.0298  -0.0412 0.0062  16  GLU C C   
621 O O   . GLU C 17 ? 0.2087 0.1223 0.1606 0.0455  -0.0138 0.0008  16  GLU C O   
622 C CB  . GLU C 17 ? 0.1875 0.1592 0.2038 -0.0090 0.0295  0.0119  16  GLU C CB  
623 C CG  . GLU C 17 ? 0.2352 0.1891 0.2251 0.0077  0.0516  -0.0335 16  GLU C CG  
624 C CD  . GLU C 17 ? 0.3634 0.2888 0.2628 -0.0034 -0.0723 -0.0049 16  GLU C CD  
625 O OE1 . GLU C 17 ? 0.3417 0.2675 0.1155 -0.0237 0.0606  -0.0504 16  GLU C OE1 
626 O OE2 . GLU C 17 ? 0.3929 0.2066 0.4191 0.0766  -0.0161 -0.1071 16  GLU C OE2 
627 N N   . ILE C 18 ? 0.1111 0.0964 0.1571 -0.0007 0.0025  -0.0060 17  ILE C N   
628 C CA  . ILE C 18 ? 0.1057 0.0962 0.1264 -0.0273 0.0104  0.0037  17  ILE C CA  
629 C C   . ILE C 18 ? 0.1109 0.1183 0.2232 -0.0212 -0.0428 0.0273  17  ILE C C   
630 O O   . ILE C 18 ? 0.1066 0.1054 0.2144 -0.0063 -0.0413 -0.0014 17  ILE C O   
631 C CB  . ILE C 18 ? 0.1436 0.1329 0.1300 -0.0106 -0.0083 0.0016  17  ILE C CB  
632 C CG1 . ILE C 18 ? 0.1663 0.1223 0.1561 -0.0233 -0.0157 0.0227  17  ILE C CG1 
633 C CG2 . ILE C 18 ? 0.1667 0.1902 0.0986 -0.0686 0.0151  0.0098  17  ILE C CG2 
634 C CD1 . ILE C 18 ? 0.2846 0.2516 0.1546 0.0063  -0.0100 0.0375  17  ILE C CD1 
635 N N   . ALA C 19 ? 0.1018 0.1274 0.2037 -0.0348 0.0056  -0.0096 18  ALA C N   
636 C CA  . ALA C 19 ? 0.1065 0.0926 0.1438 0.0030  0.0241  -0.0078 18  ALA C CA  
637 C C   . ALA C 19 ? 0.0948 0.1146 0.1206 -0.0541 0.0067  -0.0027 18  ALA C C   
638 O O   . ALA C 19 ? 0.1359 0.1550 0.1897 -0.0179 0.0021  -0.0277 18  ALA C O   
639 C CB  . ALA C 19 ? 0.1014 0.1163 0.1584 -0.0329 0.0143  0.0007  18  ALA C CB  
640 N N   . ALA C 20 ? 0.0915 0.1099 0.1414 0.0052  0.0198  -0.0339 19  ALA C N   
641 C CA  . ALA C 20 ? 0.0926 0.1303 0.1249 0.0162  -0.0208 -0.0161 19  ALA C CA  
642 C C   . ALA C 20 ? 0.1278 0.1001 0.1889 0.0214  -0.0044 -0.0280 19  ALA C C   
643 O O   . ALA C 20 ? 0.1168 0.1097 0.1623 0.0179  -0.0162 -0.0380 19  ALA C O   
644 C CB  . ALA C 20 ? 0.1548 0.1155 0.1216 0.0199  -0.0553 -0.0168 19  ALA C CB  
645 N N   . LEU C 21 ? 0.1396 0.0921 0.1567 -0.0015 -0.0062 -0.0267 20  LEU C N   
646 C CA  . LEU C 21 ? 0.1071 0.1034 0.1921 -0.0086 0.0045  -0.0187 20  LEU C CA  
647 C C   . LEU C 21 ? 0.1186 0.1216 0.1356 -0.0009 -0.0219 -0.0018 20  LEU C C   
648 O O   . LEU C 21 ? 0.1121 0.1081 0.1537 0.0121  -0.0107 -0.0191 20  LEU C O   
649 C CB  . LEU C 21 ? 0.1025 0.1108 0.1211 -0.0066 0.0113  -0.0199 20  LEU C CB  
650 C CG  . LEU C 21 ? 0.2179 0.2155 0.1420 0.0072  0.0647  0.0157  20  LEU C CG  
651 C CD1 . LEU C 21 ? 0.2112 0.2566 0.3094 0.0506  0.0648  -0.0463 20  LEU C CD1 
652 C CD2 . LEU C 21 ? 0.4404 0.2746 0.3485 -0.0327 0.1217  0.1258  20  LEU C CD2 
653 N N   . LYS C 22 ? 0.1273 0.0898 0.1511 0.0136  -0.0089 -0.0165 21  LYS C N   
654 C CA  . LYS C 22 ? 0.0579 0.1228 0.1368 -0.0468 0.0061  -0.0172 21  LYS C CA  
655 C C   . LYS C 22 ? 0.0845 0.1339 0.1417 -0.0073 0.0193  -0.0335 21  LYS C C   
656 O O   . LYS C 22 ? 0.1341 0.1049 0.1628 -0.0056 -0.0011 -0.0387 21  LYS C O   
657 C CB  . LYS C 22 ? 0.1307 0.1447 0.1355 -0.0646 -0.0012 -0.0347 21  LYS C CB  
658 C CG  . LYS C 22 ? 0.2033 0.2392 0.1952 -0.0482 -0.0190 -0.0197 21  LYS C CG  
659 C CD  . LYS C 22 ? 0.3949 0.2575 0.1927 -0.0393 0.0239  0.0359  21  LYS C CD  
660 C CE  . LYS C 22 ? 0.2501 0.3093 0.3639 -0.0650 0.0324  0.0322  21  LYS C CE  
661 N NZ  . LYS C 22 ? 0.1533 0.3503 0.3143 -0.0196 0.0358  0.1054  21  LYS C NZ  
662 N N   . PHI C 23 ? 0.1150 0.1284 0.1717 -0.0048 0.0051  0.0043  22  PHI C N   
663 C CA  . PHI C 23 ? 0.0943 0.1221 0.1749 0.0116  -0.0170 -0.0111 22  PHI C CA  
664 C CB  . PHI C 23 ? 0.0827 0.1626 0.1906 -0.0340 -0.0517 -0.0001 22  PHI C CB  
665 C CG  . PHI C 23 ? 0.0539 0.2774 0.2644 -0.0688 -0.0039 0.0032  22  PHI C CG  
666 C CD1 . PHI C 23 ? 0.1223 0.2637 0.2229 -0.0045 0.0268  0.0216  22  PHI C CD1 
667 C CD2 . PHI C 23 ? 0.2308 0.4150 0.2777 0.0797  -0.0056 0.0530  22  PHI C CD2 
668 C CE1 . PHI C 23 ? 0.1594 0.6511 0.2406 -0.0349 -0.0792 0.0843  22  PHI C CE1 
669 C CE2 . PHI C 23 ? 0.2254 0.4416 0.2859 0.0059  0.0036  0.0529  22  PHI C CE2 
670 C CZ  . PHI C 23 ? 0.1668 0.3035 0.2542 0.0345  -0.0142 0.0981  22  PHI C CZ  
671 I I   . PHI C 23 ? 0.1546 0.1790 0.3315 0.0030  -0.0774 0.0264  22  PHI C I   
672 C C   . PHI C 23 ? 0.0524 0.0963 0.1427 -0.0278 -0.0300 -0.0231 22  PHI C C   
673 O O   . PHI C 23 ? 0.0364 0.0539 0.1134 -0.0160 0.0063  0.0117  22  PHI C O   
674 N N   . GLU C 24 ? 0.0882 0.0741 0.1834 0.0222  -0.0236 -0.0349 23  GLU C N   
675 C CA  . GLU C 24 ? 0.0982 0.1130 0.1308 0.0067  -0.0055 -0.0151 23  GLU C CA  
676 C C   . GLU C 24 ? 0.1024 0.1179 0.0979 -0.0125 -0.0006 -0.0059 23  GLU C C   
677 O O   . GLU C 24 ? 0.1584 0.0929 0.1276 0.0195  -0.0015 -0.0072 23  GLU C O   
678 C CB  . GLU C 24 ? 0.1114 0.1205 0.1530 -0.0081 0.0227  0.0215  23  GLU C CB  
679 C CG  . GLU C 24 ? 0.2403 0.2563 0.1108 -0.0139 0.0281  -0.0264 23  GLU C CG  
680 C CD  . GLU C 24 ? 0.4614 0.2632 0.1409 -0.0562 -0.0979 0.0608  23  GLU C CD  
681 O OE1 . GLU C 24 ? 0.2227 0.2269 0.1063 -0.0055 -0.0973 -0.0150 23  GLU C OE1 
682 O OE2 . GLU C 24 ? 0.5815 0.1010 0.3457 -0.0136 -0.1756 0.0380  23  GLU C OE2 
683 N N   . ILE C 25 ? 0.1021 0.1021 0.1469 0.0124  -0.0109 -0.0172 24  ILE C N   
684 C CA  . ILE C 25 ? 0.1218 0.0893 0.1593 -0.0194 -0.0222 0.0020  24  ILE C CA  
685 C C   . ILE C 25 ? 0.1502 0.1323 0.1407 -0.0453 -0.0080 -0.0178 24  ILE C C   
686 O O   . ILE C 25 ? 0.1369 0.1198 0.1744 -0.0323 -0.0291 -0.0125 24  ILE C O   
687 C CB  . ILE C 25 ? 0.0864 0.0521 0.1640 -0.0181 -0.0362 0.0040  24  ILE C CB  
688 C CG1 . ILE C 25 ? 0.1654 0.2234 0.2057 0.0622  -0.0082 -0.0141 24  ILE C CG1 
689 C CG2 . ILE C 25 ? 0.2067 0.0966 0.2488 -0.0110 -0.1003 -0.0389 24  ILE C CG2 
690 C CD1 A ILE C 25 ? 0.1893 0.2180 0.3947 0.0191  -0.1099 0.0549  24  ILE C CD1 
691 C CD1 B ILE C 25 ? 0.1883 0.2175 0.3954 0.0190  -0.1099 0.0541  24  ILE C CD1 
692 N N   . ALA C 26 ? 0.1120 0.1360 0.1781 -0.0126 0.0309  -0.0270 25  ALA C N   
693 C CA  . ALA C 26 ? 0.1229 0.1153 0.1389 -0.0011 0.0497  -0.0293 25  ALA C CA  
694 C C   . ALA C 26 ? 0.1880 0.1572 0.1299 -0.0082 0.0338  -0.0158 25  ALA C C   
695 O O   . ALA C 26 ? 0.1622 0.1638 0.2499 -0.0052 -0.0045 -0.0499 25  ALA C O   
696 C CB  . ALA C 26 ? 0.1511 0.1999 0.1383 -0.0053 0.0813  0.0245  25  ALA C CB  
697 N N   . ALA C 27 ? 0.1093 0.1189 0.1521 0.0198  0.0213  -0.0309 26  ALA C N   
698 C CA  . ALA C 27 ? 0.1303 0.1767 0.1800 0.0314  -0.0216 -0.0255 26  ALA C CA  
699 C C   . ALA C 27 ? 0.1290 0.1897 0.1662 0.0379  -0.0111 0.0031  26  ALA C C   
700 O O   . ALA C 27 ? 0.1115 0.1988 0.1766 0.0276  -0.0472 -0.0130 26  ALA C O   
701 C CB  . ALA C 27 ? 0.2215 0.1803 0.2175 -0.0011 -0.0466 -0.0587 26  ALA C CB  
702 N N   . LEU C 28 ? 0.1142 0.0876 0.1500 0.0319  -0.0192 0.0111  27  LEU C N   
703 C CA  . LEU C 28 ? 0.1325 0.1511 0.1123 0.0087  -0.0170 0.0432  27  LEU C CA  
704 C C   . LEU C 28 ? 0.1106 0.1446 0.1537 0.0053  -0.0037 0.0325  27  LEU C C   
705 O O   . LEU C 28 ? 0.1767 0.0951 0.1886 0.0207  -0.0063 0.0152  27  LEU C O   
706 C CB  . LEU C 28 ? 0.1354 0.1481 0.2177 0.0217  -0.0199 0.0153  27  LEU C CB  
707 C CG  . LEU C 28 ? 0.2341 0.2350 0.2251 -0.0228 0.0000  0.0290  27  LEU C CG  
708 C CD1 . LEU C 28 ? 0.3903 0.3628 0.2376 -0.0462 -0.0421 0.1307  27  LEU C CD1 
709 C CD2 . LEU C 28 ? 0.1950 0.5011 0.1890 0.0519  -0.0313 -0.0561 27  LEU C CD2 
710 N N   . LYS C 29 ? 0.0966 0.0950 0.1285 0.0082  0.0129  -0.0102 28  LYS C N   
711 C CA  . LYS C 29 ? 0.0962 0.1009 0.1214 -0.0104 -0.0104 0.0020  28  LYS C CA  
712 C C   . LYS C 29 ? 0.1591 0.1033 0.2060 0.0309  -0.0008 -0.0182 28  LYS C C   
713 O O   . LYS C 29 ? 0.1700 0.0780 0.1953 0.0154  -0.0522 0.0107  28  LYS C O   
714 C CB  . LYS C 29 ? 0.1290 0.1009 0.1053 0.0159  -0.0445 -0.0342 28  LYS C CB  
715 C CG  . LYS C 29 ? 0.1229 0.1331 0.1212 0.0115  -0.0134 -0.0158 28  LYS C CG  
716 C CD  . LYS C 29 ? 0.2078 0.1926 0.2221 -0.0006 0.0490  0.0394  28  LYS C CD  
717 C CE  . LYS C 29 ? 0.2023 0.2532 0.2246 0.0503  -0.0335 -0.0083 28  LYS C CE  
718 N NZ  . LYS C 29 ? 0.1504 0.2194 0.2415 0.0348  0.0048  0.0205  28  LYS C NZ  
719 N N   . GLN C 30 ? 0.1738 0.1081 0.1822 0.0208  -0.0162 -0.0145 29  GLN C N   
720 C CA  . GLN C 30 ? 0.1274 0.1338 0.2185 0.0036  -0.0112 -0.0087 29  GLN C CA  
721 C C   . GLN C 30 ? 0.1585 0.1188 0.1575 0.0235  0.0186  -0.0536 29  GLN C C   
722 O O   . GLN C 30 ? 0.1276 0.1300 0.1899 0.0392  -0.0092 -0.0307 29  GLN C O   
723 C CB  . GLN C 30 ? 0.1476 0.2128 0.1786 0.0131  0.0774  0.0025  29  GLN C CB  
724 C CG  . GLN C 30 ? 0.2729 0.2715 0.2695 0.0502  0.0424  0.1200  29  GLN C CG  
725 C CD  . GLN C 30 ? 0.3726 0.4350 0.1844 -0.0327 0.0355  0.0430  29  GLN C CD  
726 O OE1 . GLN C 30 ? 0.3563 0.4683 0.1952 -0.0254 0.0071  0.0960  29  GLN C OE1 
727 N NE2 . GLN C 30 ? 0.4648 0.5606 0.0795 -0.1476 0.0428  0.0690  29  GLN C NE2 
728 N N   . GLY C 31 ? 0.0860 0.0950 0.1463 0.0109  -0.0172 -0.0325 30  GLY C N   
729 C CA  . GLY C 31 ? 0.1890 0.1488 0.1943 0.0174  -0.0117 0.0124  30  GLY C CA  
730 C C   . GLY C 31 ? 0.1995 0.1557 0.1899 0.0275  -0.0580 0.0138  30  GLY C C   
731 O O   . GLY C 31 ? 0.1307 0.1422 0.1670 -0.0046 -0.0435 0.0159  30  GLY C O   
732 N N   . TYR C 32 ? 0.1177 0.1408 0.1932 0.0129  -0.0286 0.0066  31  TYR C N   
733 C CA  . TYR C 32 ? 0.1005 0.1622 0.1907 0.0234  -0.0185 -0.0106 31  TYR C CA  
734 C C   . TYR C 32 ? 0.2117 0.1967 0.2362 -0.0051 -0.0340 -0.0520 31  TYR C C   
735 O O   . TYR C 32 ? 0.2885 0.2142 0.2956 0.0409  -0.0421 -0.0539 31  TYR C O   
736 C CB  . TYR C 32 ? 0.2142 0.1343 0.2396 -0.0136 -0.0043 0.0121  31  TYR C CB  
737 C CG  . TYR C 32 ? 0.1888 0.2287 0.2319 -0.0345 -0.0089 0.0307  31  TYR C CG  
738 C CD1 . TYR C 32 ? 0.1948 0.3111 0.3735 -0.0677 -0.0090 -0.0322 31  TYR C CD1 
739 C CD2 . TYR C 32 ? 0.1895 0.1179 0.2198 -0.0712 -0.0265 0.0252  31  TYR C CD2 
740 C CE1 . TYR C 32 ? 0.1638 0.1301 0.1882 -0.0443 -0.0299 0.0244  31  TYR C CE1 
741 C CE2 . TYR C 32 ? 0.1728 0.2211 0.1876 -0.0417 0.0378  0.0218  31  TYR C CE2 
742 C CZ  . TYR C 32 ? 0.2179 0.1815 0.2340 -0.0336 0.0156  0.0157  31  TYR C CZ  
743 O OH  . TYR C 32 ? 0.2560 0.2355 0.2125 -0.0604 -0.0211 0.0071  31  TYR C OH  
744 N N   . TYR C 33 ? 0.2070 0.1954 0.2502 0.0151  -0.0254 -0.0146 32  TYR C N   
745 C CA  . TYR C 33 ? 0.2216 0.2789 0.2116 -0.0536 -0.0475 -0.0404 32  TYR C CA  
746 C C   . TYR C 33 ? 0.4384 0.1455 0.2067 -0.1638 -0.2384 0.0454  32  TYR C C   
747 O O   . TYR C 33 ? 0.1464 0.3201 0.3409 -0.0459 -0.0497 -0.1352 32  TYR C O   
748 C CB  . TYR C 33 ? 0.3028 0.3193 0.2955 -0.0406 0.0043  0.0227  32  TYR C CB  
749 C CG  . TYR C 33 ? 0.2522 0.3511 0.2323 -0.0180 0.0044  0.0244  32  TYR C CG  
750 C CD1 . TYR C 33 ? 0.2570 0.3100 0.2630 -0.0497 -0.0105 0.0657  32  TYR C CD1 
751 C CD2 . TYR C 33 ? 0.3179 0.3223 0.3051 -0.0901 0.0201  0.0739  32  TYR C CD2 
752 C CE1 . TYR C 33 ? 0.2245 0.3177 0.2477 -0.0241 -0.0706 0.0955  32  TYR C CE1 
753 C CE2 . TYR C 33 ? 0.3699 0.3877 0.3785 -0.0039 -0.0777 0.0679  32  TYR C CE2 
754 C CZ  . TYR C 33 ? 0.3046 0.3647 0.3697 -0.0992 0.0136  0.0428  32  TYR C CZ  
755 O OH  . TYR C 33 ? 0.3870 0.4711 0.3465 0.0114  0.0187  0.1602  32  TYR C OH  
756 O O   . HOH D .  ? 0.1243 0.1855 0.2104 0.0034  -0.0370 0.0157  101 HOH A O   
757 O O   . HOH D .  ? 0.2943 0.2140 0.2591 0.0403  0.0578  -0.0373 102 HOH A O   
758 O O   . HOH D .  ? 0.3249 0.2602 0.2728 -0.0600 0.0036  0.0210  103 HOH A O   
759 O O   . HOH D .  ? 0.2990 0.2580 0.1860 0.0338  0.0218  -0.0351 104 HOH A O   
760 O O   . HOH D .  ? 0.2332 0.2178 0.3486 -0.0616 -0.0341 -0.0061 105 HOH A O   
761 O O   . HOH D .  ? 0.2802 0.4004 0.5331 -0.0735 -0.0494 -0.0055 106 HOH A O   
762 O O   . HOH D .  ? 0.3584 0.2715 0.2615 -0.0299 -0.0449 0.0302  107 HOH A O   
763 O O   . HOH D .  ? 0.2349 0.3432 0.3833 -0.0309 -0.0327 -0.0308 108 HOH A O   
764 O O   . HOH D .  ? 0.4412 0.4076 0.6233 0.1238  -0.2144 -0.1549 109 HOH A O   
765 O O   . HOH D .  ? 0.3195 1.1582 0.3549 0.0216  0.0202  0.0629  110 HOH A O   
766 O O   . HOH D .  ? 1.0961 0.5901 0.5435 0.4451  -0.0757 -0.0626 111 HOH A O   
767 O O   . HOH D .  ? 0.3295 0.3379 0.4470 0.0938  -0.0536 0.0463  112 HOH A O   
768 O O   . HOH D .  ? 0.4239 0.2862 0.4928 -0.0356 -0.0016 -0.1137 113 HOH A O   
769 O O   . HOH D .  ? 0.4881 0.4616 0.5078 0.0734  -0.1878 -0.0213 114 HOH A O   
770 O O   . HOH D .  ? 0.3444 0.3226 0.3857 -0.0141 -0.0613 -0.0046 115 HOH A O   
771 O O   . HOH D .  ? 0.4333 0.4927 0.2854 -0.0811 0.0957  -0.0327 116 HOH A O   
772 O O   . HOH D .  ? 0.3610 0.3907 0.5558 -0.0099 0.1178  0.0151  117 HOH A O   
773 O O   . HOH D .  ? 0.4218 0.4594 0.6056 -0.0324 0.1029  0.1919  118 HOH A O   
774 O O   . HOH D .  ? 1.6161 0.6504 1.0680 -0.7036 0.7315  -0.3284 119 HOH A O   
775 O O   . HOH D .  ? 0.5807 0.4258 0.4316 -0.1030 0.1994  -0.0750 120 HOH A O   
776 O O   . HOH D .  ? 0.2626 0.6343 0.6038 0.0060  0.0832  0.0977  121 HOH A O   
777 O O   . HOH D .  ? 0.3108 0.3877 0.8725 0.0634  0.1009  0.1846  122 HOH A O   
778 O O   . HOH D .  ? 0.6208 0.4633 0.6831 0.2127  0.0672  -0.0544 123 HOH A O   
779 O O   . HOH D .  ? 0.6388 0.6107 0.6523 -0.1943 -0.1057 -0.1945 124 HOH A O   
780 O O   . HOH D .  ? 0.2414 0.3100 1.1527 0.0269  -0.0294 0.0242  125 HOH A O   
781 O O   . HOH D .  ? 0.9305 0.5643 0.3660 -0.2870 -0.1565 -0.0215 126 HOH A O   
782 O O   . HOH D .  ? 0.3068 0.5118 0.4567 -0.0118 -0.0028 -0.0390 127 HOH A O   
783 O O   . HOH D .  ? 0.4334 0.5394 0.3783 -0.1688 -0.1260 -0.0957 128 HOH A O   
784 O O   . HOH D .  ? 0.8575 0.3275 0.6705 0.0080  -0.0672 0.1447  129 HOH A O   
785 O O   . HOH D .  ? 0.4707 0.2608 0.3317 -0.0303 -0.0580 0.0334  130 HOH A O   
786 O O   . HOH D .  ? 0.8325 0.1910 0.6889 -0.0988 0.1070  -0.2189 131 HOH A O   
787 O O   . HOH D .  ? 0.3445 0.2453 0.6417 0.0192  -0.2517 -0.1749 132 HOH A O   
788 O O   . HOH E .  ? 0.2859 0.2341 0.2296 0.0682  0.0111  0.0102  101 HOH B O   
789 O O   . HOH E .  ? 0.7946 0.5540 0.4111 0.1245  -0.0762 -0.0744 102 HOH B O   
790 O O   . HOH E .  ? 0.4904 0.7316 0.6139 0.2378  -0.0239 -0.0493 103 HOH B O   
791 O O   . HOH E .  ? 0.5563 0.2439 0.3983 -0.0656 -0.1602 0.0234  104 HOH B O   
792 O O   . HOH E .  ? 0.5877 0.4996 0.4750 0.0494  0.0944  0.0045  105 HOH B O   
793 O O   . HOH E .  ? 0.5095 0.2659 0.4295 -0.0468 -0.1514 -0.0013 106 HOH B O   
794 O O   . HOH E .  ? 0.4931 0.4067 0.5293 0.1527  0.0328  0.0110  107 HOH B O   
795 O O   . HOH E .  ? 0.3547 0.3547 0.4577 -0.1056 0.0469  -0.0929 108 HOH B O   
796 O O   . HOH E .  ? 0.3948 0.1895 0.3790 0.0405  0.0159  0.0165  109 HOH B O   
797 O O   . HOH E .  ? 0.4850 0.4230 0.5849 0.0450  0.1344  -0.0651 110 HOH B O   
798 O O   . HOH E .  ? 0.4092 0.6996 0.5131 -0.2350 -0.0966 -0.0231 111 HOH B O   
799 O O   . HOH E .  ? 0.4037 0.3539 0.2382 -0.0326 0.0574  -0.0303 112 HOH B O   
800 O O   . HOH E .  ? 0.4758 0.3219 0.4178 0.0907  0.1427  0.0916  113 HOH B O   
801 O O   . HOH E .  ? 0.4478 0.8157 0.9641 0.0221  -0.3320 -0.1608 114 HOH B O   
802 O O   . HOH E .  ? 0.4599 0.7548 0.5589 -0.1328 -0.0273 -0.0376 115 HOH B O   
803 O O   . HOH E .  ? 0.6834 0.2416 0.7757 0.0642  0.3055  -0.0898 116 HOH B O   
804 O O   . HOH E .  ? 0.8008 0.5724 0.4598 -0.1901 0.1174  -0.0477 117 HOH B O   
805 O O   . HOH F .  ? 0.2741 0.1394 0.3885 0.0164  -0.0440 0.0727  101 HOH C O   
806 O O   . HOH F .  ? 0.2446 0.2377 0.3351 0.0312  0.0951  -0.0199 102 HOH C O   
807 O O   . HOH F .  ? 0.2189 0.1942 0.2410 -0.0001 -0.0226 0.0087  103 HOH C O   
808 O O   . HOH F .  ? 0.2461 0.2272 0.2719 0.0221  0.0181  0.0664  104 HOH C O   
809 O O   . HOH F .  ? 0.4596 0.3257 0.2279 -0.1035 -0.0561 0.0173  105 HOH C O   
810 O O   . HOH F .  ? 0.4954 0.4325 0.4332 -0.0486 0.2342  -0.0926 106 HOH C O   
811 O O   . HOH F .  ? 0.3418 0.2883 0.3325 0.0139  -0.0032 0.0578  107 HOH C O   
812 O O   . HOH F .  ? 0.4179 0.2684 0.3205 -0.0341 0.0027  -0.0071 108 HOH C O   
813 O O   . HOH F .  ? 0.3266 0.2032 0.5248 0.0460  -0.0505 0.0042  109 HOH C O   
814 O O   . HOH F .  ? 0.3507 0.3352 0.6007 0.0053  0.0505  0.0757  110 HOH C O   
815 O O   . HOH F .  ? 0.3953 0.2778 0.3418 0.0282  -0.0137 0.0914  111 HOH C O   
816 O O   . HOH F .  ? 0.3293 1.0762 0.5890 0.1837  0.2100  0.2729  112 HOH C O   
817 O O   . HOH F .  ? 0.3871 0.4175 0.7493 0.0400  0.1001  0.2661  113 HOH C O   
818 O O   . HOH F .  ? 0.6339 0.5617 0.6046 -0.0674 -0.0714 0.2543  114 HOH C O   
819 O O   . HOH F .  ? 0.3512 0.4256 0.5584 -0.1558 -0.0530 0.0662  115 HOH C O   
820 O O   . HOH F .  ? 0.7307 0.4491 0.3803 -0.0979 0.1941  0.0034  116 HOH C O   
821 O O   . HOH F .  ? 0.4400 0.6212 0.7318 -0.2431 0.0604  -0.0706 117 HOH C O   
822 O O   . HOH F .  ? 0.5832 0.3645 0.4923 -0.1252 -0.0507 0.0620  118 HOH C O   
823 O O   . HOH F .  ? 0.3894 0.5624 0.6119 0.0145  -0.0243 0.3012  119 HOH C O   
824 O O   . HOH F .  ? 0.2223 0.0806 0.1741 0.0171  -0.0340 0.0027  120 HOH C O   
825 O O   . HOH F .  ? 0.4268 0.5541 0.6750 0.0388  -0.0529 0.0144  121 HOH C O   
826 O O   . HOH F .  ? 0.4750 0.4110 1.1236 -0.0019 -0.2190 -0.3553 122 HOH C O   
827 O O   . HOH F .  ? 0.8708 0.6963 0.2059 -0.1149 0.0236  -0.0204 123 HOH C O   
828 O O   . HOH F .  ? 0.3252 0.5357 1.0439 -0.1594 -0.0183 -0.0355 124 HOH C O   
829 O O   . HOH F .  ? 0.6848 0.6463 0.3861 -0.2257 0.1101  -0.0750 125 HOH C O   
830 O O   . HOH F .  ? 0.4011 0.6453 0.5415 -0.1668 -0.0905 0.1393  126 HOH C O   
831 O O   . HOH F .  ? 0.2567 0.3272 0.6325 0.0836  0.1472  -0.0341 127 HOH C O   
832 O O   . HOH F .  ? 0.5625 0.2901 0.2535 -0.1275 -0.0371 0.0225  128 HOH C O   
833 O O   . HOH F .  ? 0.2774 0.5106 0.4122 0.0035  0.0534  -0.0673 129 HOH C O   
# 
